data_8YL2
#
_entry.id   8YL2
#
_cell.length_a   118.756
_cell.length_b   97.183
_cell.length_c   145.738
_cell.angle_alpha   90.00
_cell.angle_beta   104.28
_cell.angle_gamma   90.00
#
_symmetry.space_group_name_H-M   'P 1 21 1'
#
loop_
_entity.id
_entity.type
_entity.pdbx_description
1 polymer 'GTP-binding protein'
2 non-polymer "GUANOSINE-5'-TRIPHOSPHATE"
3 non-polymer 'MAGNESIUM ION'
4 water water
#
_entity_poly.entity_id   1
_entity_poly.type   'polypeptide(L)'
_entity_poly.pdbx_seq_one_letter_code
;GPLEHKIQSEQDSHDIHGKKKNIKYDLEKTLIIKKTKSREISEKILFTGLDNSGKTSIIKVLQKEISQIAMLKPTRQAQR
KIFEFLGNDISEWDLGGQEKYRIAYLKEPTKYFDRSNVCIYVIDIQDRGRMEESISYFSDVIKEFRKLEISPLIYIFFHK
FDPTYAKNEGIHLEGLISQLKDEIRNIIEEEFNVSYSNTTIYDLWSIISSFSDLLLKIFPQSELLDKTIQEFAESLDSNC
NAILVLDSNSLVIGQFFENEESKQILTKSTPYFLTLNDSLEDDVQGEQSMIIERGNKRFFTDQFRIKRASEPLFLIIMTP
KRGEHLLREKIDSFITLLQGII
;
_entity_poly.pdbx_strand_id   A,B,C,D,E,F,G,H
#
# COMPACT_ATOMS: atom_id res chain seq x y z
N SER A 42 17.43 -56.53 -5.63
CA SER A 42 17.08 -55.97 -4.33
C SER A 42 16.30 -56.98 -3.49
N GLU A 43 15.73 -56.50 -2.37
CA GLU A 43 14.90 -57.32 -1.51
C GLU A 43 13.56 -56.62 -1.30
N LYS A 44 12.51 -57.43 -1.16
CA LYS A 44 11.15 -56.93 -1.01
C LYS A 44 10.58 -57.41 0.31
N ILE A 45 10.21 -56.47 1.18
CA ILE A 45 9.56 -56.76 2.45
C ILE A 45 8.12 -56.26 2.35
N LEU A 46 7.18 -57.16 2.59
CA LEU A 46 5.75 -56.87 2.46
C LEU A 46 5.11 -56.86 3.85
N PHE A 47 4.47 -55.75 4.19
CA PHE A 47 3.62 -55.65 5.38
C PHE A 47 2.18 -55.88 4.95
N THR A 48 1.48 -56.79 5.63
CA THR A 48 0.09 -57.04 5.31
C THR A 48 -0.64 -57.48 6.58
N GLY A 49 -1.97 -57.55 6.47
CA GLY A 49 -2.83 -57.82 7.61
C GLY A 49 -4.11 -57.01 7.52
N LEU A 50 -5.04 -57.25 8.43
CA LEU A 50 -6.30 -56.52 8.41
C LEU A 50 -6.07 -55.03 8.67
N ASP A 51 -7.01 -54.22 8.22
CA ASP A 51 -7.02 -52.81 8.61
C ASP A 51 -7.09 -52.71 10.12
N ASN A 52 -6.48 -51.64 10.66
CA ASN A 52 -6.42 -51.35 12.09
C ASN A 52 -5.48 -52.31 12.84
N SER A 53 -4.82 -53.24 12.16
CA SER A 53 -3.93 -54.17 12.85
C SER A 53 -2.67 -53.47 13.38
N GLY A 54 -2.25 -52.38 12.74
CA GLY A 54 -1.13 -51.59 13.24
C GLY A 54 0.10 -51.58 12.35
N LYS A 55 -0.05 -51.94 11.08
CA LYS A 55 1.10 -52.04 10.17
C LYS A 55 1.80 -50.70 10.02
N THR A 56 1.05 -49.63 9.71
CA THR A 56 1.68 -48.34 9.47
C THR A 56 2.34 -47.79 10.73
N SER A 57 1.74 -48.03 11.90
CA SER A 57 2.35 -47.57 13.15
C SER A 57 3.69 -48.26 13.40
N ILE A 58 3.78 -49.55 13.07
CA ILE A 58 5.06 -50.27 13.18
C ILE A 58 6.10 -49.61 12.30
N ILE A 59 5.73 -49.27 11.07
CA ILE A 59 6.65 -48.62 10.14
C ILE A 59 7.06 -47.25 10.66
N LYS A 60 6.11 -46.50 11.24
CA LYS A 60 6.45 -45.19 11.79
C LYS A 60 7.45 -45.30 12.93
N VAL A 61 7.38 -46.36 13.73
CA VAL A 61 8.40 -46.58 14.76
C VAL A 61 9.75 -46.85 14.12
N LEU A 62 9.78 -47.71 13.09
CA LEU A 62 11.04 -48.03 12.43
C LEU A 62 11.68 -46.81 11.79
N GLN A 63 10.87 -45.83 11.39
CA GLN A 63 11.36 -44.60 10.79
C GLN A 63 11.59 -43.49 11.81
N LYS A 64 11.53 -43.81 13.10
CA LYS A 64 11.71 -42.83 14.18
C LYS A 64 10.69 -41.70 14.13
N GLU A 65 9.56 -41.93 13.45
CA GLU A 65 8.54 -40.90 13.31
C GLU A 65 7.31 -41.23 14.16
N ILE A 66 7.54 -41.49 15.45
CA ILE A 66 6.43 -41.86 16.34
C ILE A 66 5.40 -40.74 16.44
N SER A 67 5.84 -39.49 16.32
CA SER A 67 4.93 -38.35 16.47
C SER A 67 3.83 -38.35 15.41
N GLN A 68 3.99 -39.12 14.34
CA GLN A 68 3.00 -39.18 13.26
C GLN A 68 1.97 -40.29 13.47
N ILE A 69 2.03 -41.00 14.59
CA ILE A 69 1.09 -42.10 14.82
C ILE A 69 -0.31 -41.58 15.15
N ALA A 70 -0.40 -40.42 15.81
CA ALA A 70 -1.72 -39.86 16.11
C ALA A 70 -2.45 -39.43 14.84
N MET A 71 -1.71 -38.84 13.89
CA MET A 71 -2.29 -38.34 12.65
C MET A 71 -2.51 -39.44 11.60
N LEU A 72 -2.50 -40.71 11.99
CA LEU A 72 -2.59 -41.80 11.03
C LEU A 72 -4.01 -41.97 10.51
N LYS A 73 -4.14 -42.01 9.19
CA LYS A 73 -5.37 -42.37 8.52
C LYS A 73 -5.22 -43.78 7.93
N PRO A 74 -6.33 -44.43 7.59
CA PRO A 74 -6.23 -45.72 6.91
C PRO A 74 -5.39 -45.63 5.64
N THR A 75 -4.47 -46.57 5.48
CA THR A 75 -3.58 -46.57 4.32
C THR A 75 -4.34 -46.93 3.06
N ARG A 76 -4.16 -46.14 2.01
CA ARG A 76 -4.85 -46.35 0.74
C ARG A 76 -3.96 -47.18 -0.17
N GLN A 77 -4.38 -48.41 -0.44
CA GLN A 77 -3.68 -49.34 -1.34
C GLN A 77 -2.25 -49.54 -0.79
N ALA A 78 -1.24 -49.64 -1.64
CA ALA A 78 0.11 -49.93 -1.21
C ALA A 78 0.95 -48.66 -1.20
N GLN A 79 1.64 -48.42 -0.08
CA GLN A 79 2.62 -47.35 0.03
C GLN A 79 4.01 -47.97 0.10
N ARG A 80 4.94 -47.45 -0.69
CA ARG A 80 6.24 -48.07 -0.86
C ARG A 80 7.36 -47.06 -0.61
N LYS A 81 8.42 -47.53 0.04
CA LYS A 81 9.64 -46.75 0.21
C LYS A 81 10.84 -47.67 0.02
N ILE A 82 12.02 -47.06 -0.11
CA ILE A 82 13.26 -47.78 -0.29
C ILE A 82 14.23 -47.32 0.78
N PHE A 83 14.88 -48.27 1.45
CA PHE A 83 15.92 -47.96 2.41
C PHE A 83 17.08 -48.93 2.22
N GLU A 84 18.20 -48.62 2.87
CA GLU A 84 19.42 -49.41 2.74
C GLU A 84 19.73 -50.12 4.05
N PHE A 85 20.09 -51.40 3.95
CA PHE A 85 20.56 -52.18 5.08
C PHE A 85 21.93 -52.75 4.73
N LEU A 86 22.98 -52.17 5.33
CA LEU A 86 24.35 -52.65 5.18
C LEU A 86 24.74 -52.81 3.71
N GLY A 87 24.46 -51.76 2.93
CA GLY A 87 24.84 -51.73 1.53
C GLY A 87 23.86 -52.35 0.56
N ASN A 88 22.74 -52.88 1.03
CA ASN A 88 21.75 -53.52 0.18
C ASN A 88 20.45 -52.71 0.22
N ASP A 89 19.92 -52.39 -0.96
CA ASP A 89 18.66 -51.66 -1.06
C ASP A 89 17.49 -52.60 -0.82
N ILE A 90 16.52 -52.12 -0.04
CA ILE A 90 15.36 -52.92 0.34
C ILE A 90 14.11 -52.12 0.06
N SER A 91 13.15 -52.72 -0.63
CA SER A 91 11.86 -52.10 -0.90
C SER A 91 10.85 -52.57 0.14
N GLU A 92 10.12 -51.63 0.73
CA GLU A 92 9.17 -51.90 1.78
C GLU A 92 7.77 -51.56 1.29
N TRP A 93 6.85 -52.52 1.40
CA TRP A 93 5.48 -52.37 0.93
C TRP A 93 4.52 -52.40 2.10
N ASP A 94 3.73 -51.34 2.26
CA ASP A 94 2.70 -51.24 3.29
C ASP A 94 1.35 -51.37 2.59
N LEU A 95 0.74 -52.56 2.68
CA LEU A 95 -0.54 -52.83 2.04
C LEU A 95 -1.67 -52.41 2.98
N GLY A 96 -2.37 -51.34 2.62
CA GLY A 96 -3.56 -50.94 3.33
C GLY A 96 -4.54 -52.09 3.48
N GLY A 97 -5.07 -52.29 4.68
CA GLY A 97 -5.79 -53.49 5.03
C GLY A 97 -7.30 -53.46 4.90
N GLN A 98 -7.89 -52.38 4.41
CA GLN A 98 -9.34 -52.35 4.22
C GLN A 98 -9.75 -53.39 3.19
N GLU A 99 -10.98 -53.90 3.34
CA GLU A 99 -11.43 -55.03 2.52
C GLU A 99 -11.40 -54.69 1.03
N LYS A 100 -11.78 -53.46 0.68
CA LYS A 100 -11.74 -53.06 -0.72
C LYS A 100 -10.33 -53.14 -1.28
N TYR A 101 -9.31 -53.01 -0.44
CA TYR A 101 -7.93 -53.11 -0.88
C TYR A 101 -7.45 -54.56 -0.91
N ARG A 102 -7.86 -55.36 0.08
CA ARG A 102 -7.47 -56.77 0.10
C ARG A 102 -8.03 -57.52 -1.10
N ILE A 103 -9.23 -57.16 -1.55
CA ILE A 103 -9.80 -57.78 -2.74
C ILE A 103 -8.98 -57.45 -3.97
N ALA A 104 -8.56 -56.19 -4.09
CA ALA A 104 -7.72 -55.80 -5.23
C ALA A 104 -6.39 -56.54 -5.20
N TYR A 105 -5.83 -56.78 -4.02
CA TYR A 105 -4.59 -57.53 -3.92
C TYR A 105 -4.77 -58.95 -4.44
N LEU A 106 -5.91 -59.57 -4.13
CA LEU A 106 -6.19 -60.92 -4.59
C LEU A 106 -6.66 -60.96 -6.04
N LYS A 107 -7.04 -59.82 -6.62
CA LYS A 107 -7.41 -59.79 -8.03
C LYS A 107 -6.19 -59.69 -8.93
N GLU A 108 -5.18 -58.93 -8.52
CA GLU A 108 -3.94 -58.76 -9.26
C GLU A 108 -2.77 -59.17 -8.37
N PRO A 109 -2.65 -60.47 -8.07
CA PRO A 109 -1.64 -60.89 -7.08
C PRO A 109 -0.21 -60.69 -7.56
N THR A 110 0.04 -60.76 -8.87
CA THR A 110 1.40 -60.57 -9.36
C THR A 110 1.91 -59.17 -9.10
N LYS A 111 1.01 -58.18 -9.07
CA LYS A 111 1.42 -56.80 -8.84
C LYS A 111 1.88 -56.57 -7.41
N TYR A 112 1.29 -57.28 -6.45
CA TYR A 112 1.51 -57.00 -5.03
C TYR A 112 2.34 -58.05 -4.31
N PHE A 113 2.03 -59.33 -4.47
CA PHE A 113 2.64 -60.37 -3.68
C PHE A 113 3.90 -60.97 -4.30
N ASP A 114 4.11 -60.78 -5.60
CA ASP A 114 5.20 -61.45 -6.28
C ASP A 114 6.56 -60.91 -5.84
N ARG A 115 7.58 -61.76 -5.92
CA ARG A 115 8.97 -61.45 -5.62
C ARG A 115 9.19 -61.03 -4.17
N SER A 116 8.22 -61.26 -3.29
CA SER A 116 8.39 -60.93 -1.89
C SER A 116 9.40 -61.88 -1.26
N ASN A 117 10.40 -61.32 -0.59
CA ASN A 117 11.36 -62.11 0.16
C ASN A 117 10.90 -62.40 1.58
N VAL A 118 10.19 -61.46 2.19
CA VAL A 118 9.63 -61.62 3.52
C VAL A 118 8.21 -61.06 3.52
N CYS A 119 7.30 -61.77 4.17
CA CYS A 119 5.95 -61.28 4.43
C CYS A 119 5.77 -61.12 5.93
N ILE A 120 5.64 -59.87 6.38
CA ILE A 120 5.28 -59.58 7.77
C ILE A 120 3.77 -59.52 7.84
N TYR A 121 3.16 -60.44 8.60
CA TYR A 121 1.72 -60.46 8.77
C TYR A 121 1.39 -59.99 10.19
N VAL A 122 0.70 -58.86 10.28
CA VAL A 122 0.44 -58.19 11.55
C VAL A 122 -0.95 -58.56 12.04
N ILE A 123 -1.02 -59.06 13.27
CA ILE A 123 -2.29 -59.42 13.90
C ILE A 123 -2.46 -58.57 15.15
N ASP A 124 -3.61 -57.92 15.26
CA ASP A 124 -4.01 -57.19 16.47
C ASP A 124 -4.50 -58.22 17.47
N ILE A 125 -3.65 -58.59 18.43
CA ILE A 125 -4.04 -59.61 19.41
C ILE A 125 -4.98 -59.09 20.48
N GLN A 126 -5.31 -57.79 20.47
CA GLN A 126 -6.35 -57.27 21.35
C GLN A 126 -7.75 -57.37 20.75
N ASP A 127 -7.87 -57.77 19.49
CA ASP A 127 -9.15 -57.76 18.79
C ASP A 127 -9.54 -59.20 18.48
N ARG A 128 -9.99 -59.92 19.52
CA ARG A 128 -10.40 -61.31 19.34
C ARG A 128 -11.52 -61.42 18.30
N GLY A 129 -12.43 -60.44 18.28
CA GLY A 129 -13.57 -60.49 17.38
C GLY A 129 -13.20 -60.50 15.90
N ARG A 130 -11.99 -60.07 15.55
CA ARG A 130 -11.56 -60.05 14.16
C ARG A 130 -10.45 -61.06 13.88
N MET A 131 -10.12 -61.93 14.84
CA MET A 131 -9.03 -62.87 14.64
C MET A 131 -9.37 -63.92 13.59
N GLU A 132 -10.59 -64.45 13.60
CA GLU A 132 -10.99 -65.41 12.58
C GLU A 132 -10.91 -64.80 11.19
N GLU A 133 -11.37 -63.54 11.06
CA GLU A 133 -11.23 -62.84 9.80
C GLU A 133 -9.77 -62.66 9.42
N SER A 134 -8.91 -62.37 10.41
CA SER A 134 -7.49 -62.17 10.15
C SER A 134 -6.82 -63.45 9.67
N ILE A 135 -7.12 -64.57 10.33
CA ILE A 135 -6.56 -65.86 9.89
C ILE A 135 -7.09 -66.20 8.50
N SER A 136 -8.33 -65.84 8.21
CA SER A 136 -8.90 -66.12 6.88
C SER A 136 -8.18 -65.35 5.79
N TYR A 137 -7.87 -64.08 6.03
CA TYR A 137 -7.11 -63.31 5.05
C TYR A 137 -5.67 -63.80 4.97
N PHE A 138 -5.12 -64.30 6.08
CA PHE A 138 -3.77 -64.87 6.04
C PHE A 138 -3.73 -66.13 5.18
N SER A 139 -4.77 -66.95 5.26
CA SER A 139 -4.86 -68.12 4.38
C SER A 139 -4.89 -67.71 2.92
N ASP A 140 -5.59 -66.63 2.60
CA ASP A 140 -5.64 -66.16 1.21
C ASP A 140 -4.26 -65.70 0.75
N VAL A 141 -3.51 -65.03 1.62
CA VAL A 141 -2.18 -64.55 1.24
C VAL A 141 -1.24 -65.73 0.99
N ILE A 142 -1.27 -66.73 1.87
CA ILE A 142 -0.43 -67.91 1.69
C ILE A 142 -0.79 -68.62 0.39
N LYS A 143 -2.09 -68.69 0.09
CA LYS A 143 -2.53 -69.32 -1.14
C LYS A 143 -1.97 -68.61 -2.37
N GLU A 144 -1.86 -67.28 -2.31
CA GLU A 144 -1.29 -66.54 -3.42
C GLU A 144 0.20 -66.81 -3.58
N PHE A 145 0.91 -66.98 -2.45
CA PHE A 145 2.32 -67.34 -2.52
C PHE A 145 2.50 -68.71 -3.16
N ARG A 146 1.58 -69.64 -2.89
CA ARG A 146 1.69 -70.97 -3.47
C ARG A 146 1.46 -70.96 -4.98
N LYS A 147 0.51 -70.14 -5.44
CA LYS A 147 0.26 -70.05 -6.88
C LYS A 147 1.44 -69.42 -7.61
N LEU A 148 2.09 -68.43 -6.98
CA LEU A 148 3.30 -67.84 -7.53
C LEU A 148 4.52 -68.72 -7.35
N GLU A 149 4.40 -69.81 -6.58
CA GLU A 149 5.49 -70.77 -6.38
C GLU A 149 6.72 -70.09 -5.77
N ILE A 150 6.48 -69.21 -4.80
CA ILE A 150 7.55 -68.56 -4.06
C ILE A 150 7.37 -68.90 -2.58
N SER A 151 8.46 -68.87 -1.84
CA SER A 151 8.46 -69.20 -0.42
C SER A 151 9.18 -68.11 0.36
N PRO A 152 8.54 -66.95 0.54
CA PRO A 152 9.15 -65.91 1.36
C PRO A 152 9.16 -66.32 2.82
N LEU A 153 10.09 -65.73 3.56
CA LEU A 153 10.07 -65.87 5.02
C LEU A 153 8.78 -65.25 5.55
N ILE A 154 8.12 -65.96 6.46
CA ILE A 154 6.87 -65.51 7.07
C ILE A 154 7.17 -65.07 8.50
N TYR A 155 6.92 -63.80 8.80
CA TYR A 155 7.14 -63.25 10.12
C TYR A 155 5.80 -62.74 10.65
N ILE A 156 5.28 -63.41 11.68
CA ILE A 156 4.02 -63.02 12.29
C ILE A 156 4.31 -62.06 13.43
N PHE A 157 3.70 -60.88 13.38
CA PHE A 157 3.76 -59.92 14.49
C PHE A 157 2.44 -60.01 15.24
N PHE A 158 2.47 -60.61 16.43
CA PHE A 158 1.33 -60.52 17.35
C PHE A 158 1.42 -59.15 17.98
N HIS A 159 0.70 -58.19 17.40
CA HIS A 159 0.93 -56.78 17.65
C HIS A 159 -0.10 -56.20 18.62
N LYS A 160 0.25 -55.04 19.18
CA LYS A 160 -0.48 -54.41 20.28
C LYS A 160 -0.39 -55.24 21.56
N PHE A 161 0.67 -56.03 21.67
CA PHE A 161 1.02 -56.76 22.88
C PHE A 161 1.58 -55.77 23.91
N ASP A 162 0.74 -54.81 24.33
CA ASP A 162 1.20 -53.74 25.20
C ASP A 162 1.56 -54.28 26.57
N PRO A 163 2.45 -53.59 27.30
CA PRO A 163 2.75 -54.02 28.68
C PRO A 163 1.51 -54.06 29.58
N THR A 164 0.71 -52.99 29.58
CA THR A 164 -0.49 -52.98 30.42
C THR A 164 -1.46 -54.07 30.01
N TYR A 165 -1.69 -54.22 28.69
CA TYR A 165 -2.64 -55.23 28.22
C TYR A 165 -2.17 -56.63 28.57
N ALA A 166 -0.88 -56.93 28.36
CA ALA A 166 -0.37 -58.26 28.62
C ALA A 166 -0.42 -58.61 30.09
N LYS A 167 -0.15 -57.63 30.96
CA LYS A 167 -0.20 -57.89 32.40
C LYS A 167 -1.62 -58.18 32.87
N ASN A 168 -2.59 -57.43 32.37
CA ASN A 168 -3.98 -57.63 32.80
C ASN A 168 -4.61 -58.88 32.21
N GLU A 169 -4.12 -59.36 31.06
CA GLU A 169 -4.78 -60.48 30.40
C GLU A 169 -4.17 -61.84 30.77
N GLY A 170 -2.91 -61.87 31.19
CA GLY A 170 -2.30 -63.08 31.73
C GLY A 170 -2.29 -64.24 30.75
N ILE A 171 -2.50 -65.44 31.29
CA ILE A 171 -2.42 -66.65 30.48
C ILE A 171 -3.60 -66.79 29.52
N HIS A 172 -4.69 -66.06 29.77
CA HIS A 172 -5.79 -66.03 28.81
C HIS A 172 -5.31 -65.52 27.45
N LEU A 173 -4.47 -64.49 27.46
CA LEU A 173 -3.90 -63.98 26.21
C LEU A 173 -2.91 -64.97 25.61
N GLU A 174 -2.12 -65.63 26.46
CA GLU A 174 -1.15 -66.60 25.96
C GLU A 174 -1.85 -67.77 25.29
N GLY A 175 -2.98 -68.22 25.85
CA GLY A 175 -3.73 -69.29 25.22
C GLY A 175 -4.27 -68.92 23.86
N LEU A 176 -4.73 -67.67 23.72
CA LEU A 176 -5.21 -67.20 22.43
C LEU A 176 -4.12 -67.19 21.38
N ILE A 177 -2.91 -66.76 21.77
CA ILE A 177 -1.79 -66.75 20.85
C ILE A 177 -1.38 -68.16 20.47
N SER A 178 -1.48 -69.09 21.44
CA SER A 178 -1.16 -70.49 21.14
C SER A 178 -2.14 -71.07 20.12
N GLN A 179 -3.42 -70.70 20.22
CA GLN A 179 -4.39 -71.13 19.21
C GLN A 179 -4.10 -70.50 17.86
N LEU A 180 -3.66 -69.24 17.86
CA LEU A 180 -3.30 -68.58 16.60
C LEU A 180 -2.15 -69.31 15.92
N LYS A 181 -1.13 -69.69 16.68
CA LYS A 181 0.01 -70.41 16.10
C LYS A 181 -0.43 -71.74 15.52
N ASP A 182 -1.33 -72.45 16.21
CA ASP A 182 -1.82 -73.72 15.70
C ASP A 182 -2.54 -73.54 14.38
N GLU A 183 -3.34 -72.47 14.25
CA GLU A 183 -4.01 -72.21 12.98
C GLU A 183 -3.01 -71.82 11.89
N ILE A 184 -1.98 -71.06 12.27
CA ILE A 184 -0.97 -70.66 11.29
C ILE A 184 -0.15 -71.85 10.82
N ARG A 185 0.24 -72.72 11.75
CA ARG A 185 0.99 -73.92 11.37
C ARG A 185 0.18 -74.83 10.47
N ASN A 186 -1.13 -74.91 10.70
CA ASN A 186 -1.98 -75.75 9.86
C ASN A 186 -2.12 -75.16 8.45
N ILE A 187 -2.01 -73.85 8.32
CA ILE A 187 -2.08 -73.22 7.00
C ILE A 187 -0.74 -73.33 6.29
N ILE A 188 0.36 -73.16 7.03
CA ILE A 188 1.69 -73.14 6.42
C ILE A 188 2.07 -74.52 5.90
N GLU A 189 1.78 -75.57 6.67
CA GLU A 189 2.05 -76.95 6.28
C GLU A 189 3.53 -77.19 6.00
N GLU A 190 4.40 -76.47 6.71
CA GLU A 190 5.85 -76.62 6.61
C GLU A 190 6.39 -76.35 5.20
N GLU A 191 5.62 -75.65 4.38
CA GLU A 191 6.12 -75.19 3.08
C GLU A 191 6.75 -73.81 3.16
N PHE A 192 6.68 -73.16 4.32
CA PHE A 192 7.29 -71.85 4.52
C PHE A 192 8.01 -71.85 5.87
N ASN A 193 9.07 -71.05 5.94
N ASN A 193 9.06 -71.04 5.95
CA ASN A 193 9.70 -70.76 7.23
CA ASN A 193 9.71 -70.76 7.23
C ASN A 193 8.88 -69.70 7.94
C ASN A 193 8.93 -69.68 7.96
N VAL A 194 8.59 -69.93 9.23
CA VAL A 194 7.73 -69.06 10.01
C VAL A 194 8.46 -68.62 11.28
N SER A 195 8.34 -67.33 11.60
CA SER A 195 8.81 -66.77 12.85
C SER A 195 7.68 -65.98 13.50
N TYR A 196 7.71 -65.91 14.83
CA TYR A 196 6.69 -65.23 15.61
C TYR A 196 7.34 -64.22 16.55
N SER A 197 6.70 -63.05 16.69
CA SER A 197 7.16 -62.02 17.60
C SER A 197 5.97 -61.30 18.21
N ASN A 198 6.08 -60.98 19.51
CA ASN A 198 5.13 -60.11 20.18
C ASN A 198 5.64 -58.68 20.08
N THR A 199 4.82 -57.79 19.55
CA THR A 199 5.25 -56.43 19.27
C THR A 199 4.24 -55.43 19.83
N THR A 200 4.74 -54.22 20.10
CA THR A 200 3.90 -53.12 20.57
C THR A 200 4.67 -51.82 20.39
N ILE A 201 3.95 -50.77 19.99
CA ILE A 201 4.58 -49.46 19.85
C ILE A 201 4.95 -48.87 21.20
N TYR A 202 4.47 -49.44 22.30
CA TYR A 202 4.86 -49.01 23.64
C TYR A 202 6.11 -49.72 24.13
N ASP A 203 6.77 -50.51 23.29
CA ASP A 203 8.06 -51.13 23.58
C ASP A 203 8.83 -51.11 22.26
N LEU A 204 9.63 -50.06 22.07
CA LEU A 204 10.34 -49.87 20.81
C LEU A 204 11.24 -51.06 20.50
N TRP A 205 11.83 -51.68 21.52
CA TRP A 205 12.75 -52.79 21.30
C TRP A 205 12.03 -53.97 20.64
N SER A 206 10.78 -54.23 21.03
CA SER A 206 10.05 -55.36 20.47
C SER A 206 9.92 -55.23 18.95
N ILE A 207 9.78 -54.00 18.46
CA ILE A 207 9.67 -53.78 17.02
C ILE A 207 11.05 -53.75 16.37
N ILE A 208 12.01 -53.06 16.99
CA ILE A 208 13.34 -52.93 16.39
C ILE A 208 14.02 -54.28 16.26
N SER A 209 14.03 -55.06 17.36
CA SER A 209 14.74 -56.34 17.34
C SER A 209 14.06 -57.36 16.46
N SER A 210 12.73 -57.34 16.38
CA SER A 210 12.02 -58.24 15.48
C SER A 210 12.33 -57.93 14.02
N PHE A 211 12.38 -56.64 13.67
CA PHE A 211 12.70 -56.25 12.31
C PHE A 211 14.16 -56.53 11.99
N SER A 212 15.05 -56.33 12.97
CA SER A 212 16.46 -56.65 12.77
C SER A 212 16.66 -58.16 12.59
N ASP A 213 16.00 -58.96 13.43
CA ASP A 213 16.11 -60.41 13.32
C ASP A 213 15.67 -60.89 11.94
N LEU A 214 14.66 -60.22 11.37
CA LEU A 214 14.18 -60.55 10.04
C LEU A 214 15.21 -60.21 8.97
N LEU A 215 15.84 -59.04 9.08
CA LEU A 215 16.85 -58.64 8.11
C LEU A 215 18.08 -59.54 8.19
N LEU A 216 18.46 -59.96 9.40
CA LEU A 216 19.61 -60.84 9.56
C LEU A 216 19.34 -62.26 9.11
N LYS A 217 18.07 -62.65 8.92
CA LYS A 217 17.79 -63.92 8.28
C LYS A 217 17.96 -63.84 6.77
N ILE A 218 17.69 -62.67 6.18
CA ILE A 218 17.97 -62.46 4.76
C ILE A 218 19.48 -62.37 4.54
N PHE A 219 20.18 -61.63 5.40
CA PHE A 219 21.61 -61.37 5.29
C PHE A 219 22.29 -61.98 6.52
N PRO A 220 22.56 -63.28 6.50
CA PRO A 220 23.12 -63.94 7.69
C PRO A 220 24.50 -63.38 8.04
N GLN A 221 24.77 -63.34 9.34
CA GLN A 221 26.04 -62.86 9.88
C GLN A 221 26.95 -64.04 10.19
N SER A 222 28.24 -63.75 10.29
CA SER A 222 29.20 -64.76 10.69
C SER A 222 29.10 -65.04 12.19
N GLU A 223 29.35 -66.29 12.56
CA GLU A 223 29.43 -66.65 13.96
C GLU A 223 30.55 -65.93 14.68
N LEU A 224 31.53 -65.40 13.92
CA LEU A 224 32.62 -64.65 14.53
C LEU A 224 32.11 -63.38 15.21
N LEU A 225 31.00 -62.82 14.74
CA LEU A 225 30.50 -61.57 15.29
C LEU A 225 30.10 -61.72 16.76
N ASP A 226 29.21 -62.68 17.04
CA ASP A 226 28.82 -62.92 18.43
C ASP A 226 30.02 -63.36 19.27
N LYS A 227 30.91 -64.17 18.70
CA LYS A 227 32.08 -64.60 19.44
C LYS A 227 33.01 -63.43 19.75
N THR A 228 33.12 -62.48 18.82
CA THR A 228 33.95 -61.30 19.07
C THR A 228 33.33 -60.41 20.13
N ILE A 229 32.02 -60.15 20.01
CA ILE A 229 31.33 -59.32 21.00
C ILE A 229 31.39 -59.96 22.38
N GLN A 230 31.17 -61.27 22.46
CA GLN A 230 31.19 -61.97 23.75
C GLN A 230 32.58 -61.95 24.35
N GLU A 231 33.62 -62.11 23.53
CA GLU A 231 34.99 -62.09 24.05
C GLU A 231 35.39 -60.68 24.47
N PHE A 232 34.96 -59.65 23.73
CA PHE A 232 35.26 -58.29 24.13
C PHE A 232 34.66 -57.96 25.49
N ALA A 233 33.41 -58.38 25.72
CA ALA A 233 32.76 -58.10 26.99
C ALA A 233 33.50 -58.79 28.14
N GLU A 234 33.95 -60.03 27.93
CA GLU A 234 34.68 -60.73 28.98
C GLU A 234 36.08 -60.16 29.17
N SER A 235 36.67 -59.57 28.13
CA SER A 235 37.98 -58.95 28.28
C SER A 235 37.95 -57.72 29.17
N LEU A 236 36.76 -57.22 29.51
CA LEU A 236 36.62 -56.10 30.43
C LEU A 236 36.59 -56.53 31.89
N ASP A 237 36.47 -57.83 32.16
CA ASP A 237 36.53 -58.40 33.50
C ASP A 237 35.39 -57.91 34.39
N SER A 238 34.20 -58.49 34.22
CA SER A 238 33.01 -58.17 35.02
C SER A 238 32.63 -56.70 34.95
N ASN A 239 33.11 -56.00 33.92
CA ASN A 239 32.85 -54.56 33.79
C ASN A 239 32.13 -54.27 32.48
N CYS A 240 31.06 -55.01 32.19
CA CYS A 240 30.33 -54.84 30.93
C CYS A 240 28.93 -55.42 31.10
N ASN A 241 27.94 -54.55 31.25
CA ASN A 241 26.56 -55.01 31.41
C ASN A 241 25.91 -55.32 30.07
N ALA A 242 26.17 -54.50 29.04
CA ALA A 242 25.46 -54.67 27.79
C ALA A 242 26.17 -53.91 26.68
N ILE A 243 25.99 -54.39 25.45
CA ILE A 243 26.55 -53.78 24.26
C ILE A 243 25.48 -53.79 23.16
N LEU A 244 25.40 -52.72 22.39
CA LEU A 244 24.61 -52.68 21.18
C LEU A 244 25.44 -52.13 20.04
N VAL A 245 25.32 -52.77 18.87
CA VAL A 245 25.87 -52.27 17.62
C VAL A 245 24.70 -52.01 16.69
N LEU A 246 24.49 -50.76 16.32
CA LEU A 246 23.36 -50.34 15.51
C LEU A 246 23.83 -49.76 14.18
N ASP A 247 22.94 -49.78 13.19
CA ASP A 247 23.22 -49.14 11.91
C ASP A 247 22.57 -47.76 11.88
N SER A 248 22.65 -47.09 10.73
CA SER A 248 22.11 -45.74 10.60
C SER A 248 20.59 -45.70 10.65
N ASN A 249 19.92 -46.84 10.50
CA ASN A 249 18.49 -46.93 10.70
C ASN A 249 18.14 -47.24 12.15
N SER A 250 19.14 -47.33 13.03
CA SER A 250 18.99 -47.74 14.43
C SER A 250 18.55 -49.20 14.57
N LEU A 251 18.78 -50.01 13.54
CA LEU A 251 18.51 -51.44 13.63
C LEU A 251 19.69 -52.14 14.29
N VAL A 252 19.42 -53.30 14.87
CA VAL A 252 20.38 -53.98 15.74
C VAL A 252 21.22 -54.94 14.91
N ILE A 253 22.52 -54.68 14.85
CA ILE A 253 23.47 -55.53 14.13
C ILE A 253 24.15 -56.53 15.05
N GLY A 254 24.41 -56.11 16.28
CA GLY A 254 25.01 -56.99 17.28
C GLY A 254 24.57 -56.59 18.66
N GLN A 255 24.53 -57.57 19.56
CA GLN A 255 24.02 -57.30 20.90
C GLN A 255 24.67 -58.23 21.90
N PHE A 256 24.78 -57.74 23.13
CA PHE A 256 25.20 -58.54 24.28
C PHE A 256 24.47 -58.02 25.50
N PHE A 257 23.99 -58.93 26.33
CA PHE A 257 23.31 -58.56 27.57
C PHE A 257 23.79 -59.49 28.68
N GLU A 258 24.32 -58.90 29.75
CA GLU A 258 24.76 -59.71 30.89
C GLU A 258 23.57 -60.39 31.57
N ASN A 259 22.45 -59.69 31.66
CA ASN A 259 21.27 -60.23 32.32
C ASN A 259 20.05 -59.45 31.84
N GLU A 260 18.87 -59.84 32.33
CA GLU A 260 17.64 -59.24 31.87
C GLU A 260 17.53 -57.78 32.29
N GLU A 261 18.04 -57.43 33.48
CA GLU A 261 17.96 -56.05 33.93
C GLU A 261 18.87 -55.15 33.10
N SER A 262 20.10 -55.61 32.84
CA SER A 262 20.99 -54.83 31.97
C SER A 262 20.42 -54.67 30.57
N LYS A 263 19.69 -55.68 30.08
CA LYS A 263 19.04 -55.57 28.78
C LYS A 263 17.96 -54.50 28.80
N GLN A 264 17.17 -54.46 29.88
CA GLN A 264 16.10 -53.46 29.94
C GLN A 264 16.65 -52.05 30.03
N ILE A 265 17.73 -51.86 30.80
CA ILE A 265 18.27 -50.52 30.99
C ILE A 265 18.84 -49.98 29.69
N LEU A 266 19.63 -50.78 28.98
CA LEU A 266 20.30 -50.29 27.77
C LEU A 266 19.30 -50.09 26.63
N THR A 267 18.44 -51.07 26.39
CA THR A 267 17.50 -50.94 25.27
C THR A 267 16.51 -49.81 25.48
N LYS A 268 16.17 -49.50 26.73
CA LYS A 268 15.25 -48.40 26.99
C LYS A 268 15.93 -47.04 26.94
N SER A 269 17.23 -46.98 27.27
CA SER A 269 17.93 -45.70 27.29
C SER A 269 18.53 -45.34 25.93
N THR A 270 18.87 -46.34 25.12
CA THR A 270 19.57 -46.08 23.86
C THR A 270 18.84 -45.11 22.94
N PRO A 271 17.52 -45.21 22.71
CA PRO A 271 16.88 -44.24 21.81
C PRO A 271 17.13 -42.79 22.19
N TYR A 272 17.13 -42.49 23.50
CA TYR A 272 17.37 -41.12 23.93
C TYR A 272 18.83 -40.72 23.75
N PHE A 273 19.77 -41.66 23.91
CA PHE A 273 21.17 -41.37 23.63
C PHE A 273 21.38 -41.17 22.13
N LEU A 274 20.67 -41.94 21.30
CA LEU A 274 20.74 -41.76 19.86
C LEU A 274 20.24 -40.38 19.45
N THR A 275 19.10 -39.96 20.03
CA THR A 275 18.58 -38.63 19.73
C THR A 275 19.57 -37.55 20.11
N LEU A 276 20.25 -37.71 21.25
CA LEU A 276 21.25 -36.74 21.68
C LEU A 276 22.42 -36.71 20.70
N ASN A 277 22.92 -37.89 20.33
CA ASN A 277 24.08 -37.96 19.44
C ASN A 277 23.78 -37.31 18.09
N ASP A 278 22.63 -37.63 17.51
CA ASP A 278 22.28 -37.07 16.21
C ASP A 278 22.02 -35.57 16.29
N SER A 279 21.42 -35.07 17.35
CA SER A 279 21.10 -33.66 17.43
C SER A 279 22.33 -32.81 17.66
N LEU A 280 23.32 -33.37 18.33
CA LEU A 280 24.54 -32.65 18.56
C LEU A 280 25.45 -32.80 17.35
N SER A 289 32.69 -39.56 19.58
CA SER A 289 32.57 -40.36 20.77
C SER A 289 32.06 -39.59 21.97
N MET A 290 31.36 -40.29 22.83
CA MET A 290 30.84 -39.69 24.01
C MET A 290 30.86 -40.62 25.21
N ILE A 291 30.92 -40.05 26.39
CA ILE A 291 30.80 -40.81 27.62
C ILE A 291 29.66 -40.17 28.40
N ILE A 292 28.76 -40.98 28.88
CA ILE A 292 27.58 -40.49 29.59
C ILE A 292 27.42 -41.29 30.86
N GLU A 293 27.38 -40.60 32.00
CA GLU A 293 27.06 -41.20 33.28
C GLU A 293 25.66 -40.77 33.69
N ARG A 294 24.80 -41.75 33.93
CA ARG A 294 23.42 -41.50 34.31
C ARG A 294 22.99 -42.59 35.29
N GLY A 295 22.52 -42.18 36.46
CA GLY A 295 22.18 -43.15 37.49
C GLY A 295 23.42 -43.89 37.95
N ASN A 296 23.33 -45.21 38.03
CA ASN A 296 24.45 -46.05 38.45
C ASN A 296 25.13 -46.73 37.25
N LYS A 297 25.02 -46.16 36.06
CA LYS A 297 25.59 -46.76 34.86
C LYS A 297 26.44 -45.72 34.12
N ARG A 298 27.43 -46.22 33.38
CA ARG A 298 28.24 -45.42 32.49
C ARG A 298 28.08 -45.94 31.07
N PHE A 299 27.95 -45.03 30.11
CA PHE A 299 27.73 -45.39 28.70
C PHE A 299 28.85 -44.82 27.84
N PHE A 300 29.39 -45.66 26.97
CA PHE A 300 30.36 -45.25 25.96
C PHE A 300 29.70 -45.39 24.59
N THR A 301 29.67 -44.29 23.84
CA THR A 301 29.10 -44.32 22.49
C THR A 301 30.17 -43.98 21.47
N ASP A 302 30.09 -44.61 20.30
CA ASP A 302 31.09 -44.46 19.26
C ASP A 302 30.43 -44.68 17.89
N GLN A 303 30.92 -43.94 16.90
CA GLN A 303 30.51 -44.10 15.52
C GLN A 303 31.67 -44.65 14.71
N PHE A 304 31.36 -45.54 13.76
CA PHE A 304 32.38 -46.09 12.89
C PHE A 304 31.74 -46.51 11.58
N ARG A 305 32.56 -46.60 10.54
CA ARG A 305 32.10 -46.96 9.21
C ARG A 305 32.60 -48.34 8.83
N ILE A 306 31.84 -49.01 7.96
CA ILE A 306 32.31 -50.21 7.28
C ILE A 306 32.34 -49.87 5.79
N LYS A 307 33.12 -50.67 5.04
CA LYS A 307 33.42 -50.32 3.66
C LYS A 307 32.17 -50.31 2.78
N ARG A 308 31.29 -51.28 2.96
CA ARG A 308 30.19 -51.48 2.02
C ARG A 308 28.94 -50.67 2.33
N ALA A 309 28.86 -50.02 3.48
CA ALA A 309 27.67 -49.30 3.89
C ALA A 309 27.88 -47.80 3.76
N SER A 310 26.78 -47.08 3.48
CA SER A 310 26.87 -45.65 3.18
C SER A 310 27.15 -44.84 4.45
N GLU A 311 26.37 -45.07 5.50
CA GLU A 311 26.37 -44.24 6.69
C GLU A 311 27.03 -44.97 7.87
N PRO A 312 27.46 -44.24 8.89
CA PRO A 312 28.17 -44.88 10.00
C PRO A 312 27.28 -45.79 10.83
N LEU A 313 27.92 -46.73 11.51
CA LEU A 313 27.26 -47.54 12.51
C LEU A 313 27.47 -46.92 13.89
N PHE A 314 26.69 -47.38 14.85
CA PHE A 314 26.67 -46.80 16.20
C PHE A 314 26.91 -47.90 17.22
N LEU A 315 27.91 -47.69 18.07
CA LEU A 315 28.26 -48.62 19.12
C LEU A 315 27.99 -47.96 20.48
N ILE A 316 27.33 -48.67 21.37
CA ILE A 316 27.13 -48.21 22.74
C ILE A 316 27.46 -49.35 23.70
N ILE A 317 28.23 -49.03 24.74
CA ILE A 317 28.64 -50.01 25.75
C ILE A 317 28.22 -49.47 27.12
N MET A 318 27.60 -50.32 27.92
CA MET A 318 27.14 -49.95 29.25
C MET A 318 27.90 -50.75 30.30
N THR A 319 28.44 -50.06 31.29
CA THR A 319 29.13 -50.64 32.44
C THR A 319 28.55 -50.05 33.71
N PRO A 320 28.79 -50.69 34.87
CA PRO A 320 28.45 -50.03 36.13
C PRO A 320 29.23 -48.72 36.29
N LYS A 321 28.58 -47.73 36.89
CA LYS A 321 29.26 -46.47 37.18
C LYS A 321 30.47 -46.69 38.09
N ARG A 322 30.39 -47.67 39.00
CA ARG A 322 31.51 -47.98 39.89
C ARG A 322 32.66 -48.69 39.18
N GLY A 323 32.50 -49.04 37.91
CA GLY A 323 33.55 -49.75 37.20
C GLY A 323 34.63 -48.82 36.67
N GLU A 324 35.76 -49.43 36.31
CA GLU A 324 36.84 -48.68 35.69
C GLU A 324 36.39 -48.12 34.36
N HIS A 325 37.00 -46.99 33.98
CA HIS A 325 36.79 -46.45 32.64
C HIS A 325 37.36 -47.42 31.60
N LEU A 326 36.62 -47.61 30.51
CA LEU A 326 37.12 -48.45 29.44
C LEU A 326 38.29 -47.76 28.76
N LEU A 327 39.37 -48.51 28.55
CA LEU A 327 40.53 -47.97 27.87
C LEU A 327 40.21 -47.77 26.39
N ARG A 328 40.63 -46.62 25.85
CA ARG A 328 40.30 -46.28 24.47
C ARG A 328 40.89 -47.30 23.50
N GLU A 329 42.07 -47.83 23.80
CA GLU A 329 42.70 -48.80 22.91
C GLU A 329 41.89 -50.10 22.84
N LYS A 330 41.19 -50.46 23.93
CA LYS A 330 40.34 -51.65 23.87
C LYS A 330 39.14 -51.42 22.96
N ILE A 331 38.50 -50.25 23.07
CA ILE A 331 37.36 -49.95 22.22
C ILE A 331 37.79 -49.88 20.76
N ASP A 332 38.99 -49.36 20.49
CA ASP A 332 39.45 -49.21 19.11
C ASP A 332 39.73 -50.56 18.48
N SER A 333 40.37 -51.48 19.21
CA SER A 333 40.62 -52.81 18.66
C SER A 333 39.31 -53.55 18.42
N PHE A 334 38.33 -53.37 19.32
CA PHE A 334 37.01 -53.94 19.13
C PHE A 334 36.37 -53.41 17.85
N ILE A 335 36.44 -52.09 17.64
CA ILE A 335 35.84 -51.48 16.46
C ILE A 335 36.53 -51.99 15.19
N THR A 336 37.85 -52.16 15.25
CA THR A 336 38.59 -52.65 14.09
C THR A 336 38.10 -54.04 13.68
N LEU A 337 37.85 -54.93 14.64
CA LEU A 337 37.33 -56.24 14.31
C LEU A 337 35.93 -56.17 13.74
N LEU A 338 35.05 -55.38 14.37
CA LEU A 338 33.69 -55.21 13.86
C LEU A 338 33.69 -54.75 12.41
N GLN A 339 34.61 -53.84 12.07
CA GLN A 339 34.73 -53.37 10.70
C GLN A 339 35.12 -54.49 9.74
N GLY A 340 35.75 -55.54 10.23
CA GLY A 340 36.17 -56.63 9.37
C GLY A 340 35.22 -57.81 9.37
N ILE A 341 34.26 -57.83 10.28
CA ILE A 341 33.35 -58.96 10.44
C ILE A 341 31.97 -58.65 9.87
N ILE A 342 31.42 -57.49 10.20
CA ILE A 342 30.06 -57.13 9.80
C ILE A 342 29.91 -57.13 8.29
N SER B 42 -1.59 -11.82 41.22
CA SER B 42 -0.88 -12.46 40.11
C SER B 42 -0.32 -11.43 39.14
N GLU B 43 0.81 -11.77 38.53
CA GLU B 43 1.38 -10.92 37.49
C GLU B 43 0.70 -11.22 36.15
N LYS B 44 0.60 -10.19 35.32
CA LYS B 44 -0.02 -10.30 34.01
C LYS B 44 1.00 -9.90 32.94
N ILE B 45 1.26 -10.82 32.01
CA ILE B 45 2.15 -10.57 30.88
C ILE B 45 1.34 -10.65 29.60
N LEU B 46 1.44 -9.62 28.77
CA LEU B 46 0.60 -9.46 27.59
C LEU B 46 1.46 -9.54 26.33
N PHE B 47 1.15 -10.52 25.48
CA PHE B 47 1.73 -10.63 24.14
C PHE B 47 0.81 -9.91 23.16
N THR B 48 1.33 -8.89 22.49
CA THR B 48 0.53 -8.17 21.50
C THR B 48 1.41 -7.78 20.32
N GLY B 49 0.75 -7.34 19.25
CA GLY B 49 1.41 -7.05 17.98
C GLY B 49 0.51 -7.43 16.82
N LEU B 50 0.91 -7.09 15.61
CA LEU B 50 0.10 -7.43 14.44
C LEU B 50 0.00 -8.93 14.25
N ASP B 51 -1.02 -9.36 13.52
CA ASP B 51 -1.07 -10.74 13.06
C ASP B 51 0.16 -11.06 12.23
N ASN B 52 0.55 -12.34 12.24
CA ASN B 52 1.70 -12.86 11.51
C ASN B 52 3.03 -12.39 12.09
N SER B 53 3.03 -11.62 13.18
CA SER B 53 4.30 -11.12 13.71
C SER B 53 5.11 -12.20 14.42
N GLY B 54 4.46 -13.28 14.87
CA GLY B 54 5.14 -14.40 15.47
C GLY B 54 4.92 -14.61 16.97
N LYS B 55 3.87 -14.03 17.54
CA LYS B 55 3.65 -14.11 18.99
C LYS B 55 3.46 -15.54 19.45
N THR B 56 2.55 -16.27 18.80
CA THR B 56 2.24 -17.63 19.24
C THR B 56 3.44 -18.56 19.04
N SER B 57 4.18 -18.39 17.95
CA SER B 57 5.38 -19.18 17.73
C SER B 57 6.39 -18.98 18.86
N ILE B 58 6.53 -17.74 19.33
CA ILE B 58 7.40 -17.47 20.46
C ILE B 58 6.94 -18.23 21.70
N ILE B 59 5.62 -18.20 21.96
CA ILE B 59 5.08 -18.92 23.11
C ILE B 59 5.31 -20.42 22.96
N LYS B 60 5.13 -20.93 21.74
CA LYS B 60 5.35 -22.36 21.51
C LYS B 60 6.81 -22.74 21.80
N VAL B 61 7.74 -21.86 21.48
CA VAL B 61 9.14 -22.11 21.85
C VAL B 61 9.27 -22.16 23.37
N LEU B 62 8.63 -21.21 24.07
CA LEU B 62 8.73 -21.18 25.53
C LEU B 62 8.06 -22.40 26.16
N GLN B 63 6.99 -22.90 25.56
CA GLN B 63 6.29 -24.09 26.05
C GLN B 63 6.96 -25.40 25.64
N LYS B 64 8.15 -25.34 25.01
CA LYS B 64 8.85 -26.53 24.53
C LYS B 64 8.00 -27.33 23.55
N GLU B 65 7.19 -26.64 22.75
CA GLU B 65 6.31 -27.25 21.77
C GLU B 65 6.56 -26.67 20.39
N ILE B 66 7.83 -26.71 19.96
CA ILE B 66 8.19 -26.14 18.67
C ILE B 66 7.53 -26.91 17.53
N SER B 67 7.28 -28.21 17.73
CA SER B 67 6.72 -29.04 16.66
C SER B 67 5.35 -28.56 16.20
N GLN B 68 4.65 -27.77 17.02
CA GLN B 68 3.31 -27.29 16.69
C GLN B 68 3.34 -26.00 15.88
N ILE B 69 4.52 -25.44 15.59
CA ILE B 69 4.59 -24.18 14.85
C ILE B 69 4.11 -24.36 13.42
N ALA B 70 4.34 -25.54 12.83
CA ALA B 70 3.83 -25.80 11.48
C ALA B 70 2.31 -25.92 11.44
N MET B 71 1.67 -26.13 12.58
CA MET B 71 0.23 -26.33 12.66
C MET B 71 -0.51 -25.07 13.10
N LEU B 72 0.19 -23.94 13.21
CA LEU B 72 -0.41 -22.75 13.81
C LEU B 72 -1.40 -22.08 12.87
N LYS B 73 -2.55 -21.72 13.40
CA LYS B 73 -3.55 -20.90 12.75
C LYS B 73 -3.54 -19.50 13.36
N PRO B 74 -4.13 -18.51 12.69
CA PRO B 74 -4.28 -17.20 13.32
C PRO B 74 -5.05 -17.30 14.63
N THR B 75 -4.47 -16.73 15.69
CA THR B 75 -5.06 -16.86 17.02
C THR B 75 -6.35 -16.07 17.11
N ARG B 76 -7.40 -16.71 17.64
CA ARG B 76 -8.73 -16.12 17.72
C ARG B 76 -8.87 -15.36 19.04
N GLN B 77 -8.81 -14.03 18.95
CA GLN B 77 -8.97 -13.11 20.09
C GLN B 77 -7.85 -13.43 21.09
N ALA B 78 -8.14 -13.47 22.38
CA ALA B 78 -7.12 -13.65 23.42
C ALA B 78 -7.12 -15.09 23.92
N GLN B 79 -5.95 -15.70 23.93
CA GLN B 79 -5.75 -17.01 24.54
C GLN B 79 -4.87 -16.85 25.77
N ARG B 80 -5.25 -17.53 26.86
CA ARG B 80 -4.68 -17.28 28.17
C ARG B 80 -4.25 -18.57 28.83
N LYS B 81 -3.11 -18.52 29.52
CA LYS B 81 -2.61 -19.63 30.31
C LYS B 81 -2.02 -19.09 31.59
N ILE B 82 -1.73 -19.98 32.53
CA ILE B 82 -1.12 -19.63 33.81
C ILE B 82 0.07 -20.55 34.03
N PHE B 83 1.23 -19.96 34.33
CA PHE B 83 2.42 -20.72 34.68
C PHE B 83 3.06 -20.09 35.92
N GLU B 84 4.00 -20.83 36.51
CA GLU B 84 4.66 -20.43 37.74
C GLU B 84 6.12 -20.07 37.46
N PHE B 85 6.59 -19.01 38.11
CA PHE B 85 8.00 -18.63 38.06
C PHE B 85 8.48 -18.41 39.49
N LEU B 86 9.27 -19.35 40.01
CA LEU B 86 9.86 -19.25 41.34
C LEU B 86 8.80 -19.00 42.40
N GLY B 87 7.74 -19.79 42.36
CA GLY B 87 6.69 -19.71 43.36
C GLY B 87 5.68 -18.61 43.17
N ASN B 88 5.72 -17.89 42.04
CA ASN B 88 4.73 -16.86 41.74
C ASN B 88 3.96 -17.25 40.49
N ASP B 89 2.63 -17.17 40.56
CA ASP B 89 1.80 -17.43 39.39
C ASP B 89 1.80 -16.23 38.46
N ILE B 90 1.81 -16.51 37.15
CA ILE B 90 1.79 -15.48 36.12
C ILE B 90 0.77 -15.88 35.06
N SER B 91 -0.15 -14.98 34.76
CA SER B 91 -1.08 -15.18 33.65
C SER B 91 -0.49 -14.60 32.38
N GLU B 92 -0.61 -15.35 31.28
CA GLU B 92 -0.02 -14.98 30.00
C GLU B 92 -1.13 -14.83 28.97
N TRP B 93 -1.22 -13.64 28.37
CA TRP B 93 -2.26 -13.33 27.39
C TRP B 93 -1.63 -13.26 26.00
N ASP B 94 -2.13 -14.09 25.09
CA ASP B 94 -1.73 -14.05 23.69
C ASP B 94 -2.90 -13.45 22.91
N LEU B 95 -2.74 -12.20 22.48
CA LEU B 95 -3.80 -11.47 21.78
C LEU B 95 -3.65 -11.67 20.28
N GLY B 96 -4.64 -12.31 19.66
CA GLY B 96 -4.66 -12.44 18.21
C GLY B 96 -4.56 -11.09 17.54
N GLY B 97 -3.71 -10.98 16.52
CA GLY B 97 -3.37 -9.71 15.92
C GLY B 97 -4.15 -9.29 14.69
N GLN B 98 -5.11 -10.09 14.24
CA GLN B 98 -5.93 -9.67 13.10
C GLN B 98 -6.73 -8.42 13.46
N GLU B 99 -6.97 -7.59 12.44
CA GLU B 99 -7.51 -6.25 12.68
C GLU B 99 -8.85 -6.31 13.41
N LYS B 100 -9.70 -7.29 13.06
CA LYS B 100 -11.00 -7.40 13.72
C LYS B 100 -10.85 -7.66 15.22
N TYR B 101 -9.75 -8.27 15.63
CA TYR B 101 -9.51 -8.46 17.06
C TYR B 101 -8.89 -7.23 17.70
N ARG B 102 -7.99 -6.56 16.98
CA ARG B 102 -7.38 -5.34 17.52
C ARG B 102 -8.44 -4.27 17.79
N ILE B 103 -9.48 -4.21 16.95
CA ILE B 103 -10.56 -3.25 17.19
C ILE B 103 -11.33 -3.64 18.44
N ALA B 104 -11.57 -4.93 18.64
CA ALA B 104 -12.26 -5.38 19.85
C ALA B 104 -11.45 -5.05 21.10
N TYR B 105 -10.13 -5.14 21.02
CA TYR B 105 -9.28 -4.80 22.15
C TYR B 105 -9.44 -3.32 22.52
N LEU B 106 -9.42 -2.44 21.51
CA LEU B 106 -9.56 -1.01 21.78
C LEU B 106 -10.99 -0.62 22.12
N LYS B 107 -11.98 -1.41 21.72
CA LYS B 107 -13.36 -1.11 22.06
C LYS B 107 -13.61 -1.31 23.55
N GLU B 108 -13.03 -2.35 24.14
CA GLU B 108 -13.19 -2.67 25.56
C GLU B 108 -11.81 -2.77 26.19
N PRO B 109 -11.13 -1.63 26.36
CA PRO B 109 -9.73 -1.68 26.80
C PRO B 109 -9.54 -2.22 28.21
N THR B 110 -10.49 -1.98 29.11
CA THR B 110 -10.35 -2.43 30.49
C THR B 110 -10.36 -3.95 30.60
N LYS B 111 -10.92 -4.65 29.61
CA LYS B 111 -10.98 -6.10 29.65
C LYS B 111 -9.69 -6.78 29.19
N TYR B 112 -8.83 -6.06 28.47
CA TYR B 112 -7.64 -6.68 27.89
C TYR B 112 -6.34 -6.07 28.41
N PHE B 113 -6.23 -4.75 28.47
CA PHE B 113 -4.97 -4.10 28.78
C PHE B 113 -4.80 -3.76 30.25
N ASP B 114 -5.88 -3.80 31.04
CA ASP B 114 -5.80 -3.40 32.43
C ASP B 114 -4.97 -4.40 33.23
N ARG B 115 -4.30 -3.90 34.26
CA ARG B 115 -3.54 -4.69 35.22
C ARG B 115 -2.39 -5.45 34.58
N SER B 116 -1.97 -5.05 33.37
CA SER B 116 -0.83 -5.68 32.74
C SER B 116 0.46 -5.24 33.44
N ASN B 117 1.29 -6.21 33.82
CA ASN B 117 2.57 -5.89 34.42
C ASN B 117 3.67 -5.75 33.38
N VAL B 118 3.63 -6.55 32.33
CA VAL B 118 4.55 -6.45 31.20
C VAL B 118 3.76 -6.55 29.91
N CYS B 119 4.09 -5.70 28.95
CA CYS B 119 3.56 -5.77 27.59
C CYS B 119 4.71 -6.12 26.65
N ILE B 120 4.63 -7.31 26.05
CA ILE B 120 5.58 -7.72 25.03
C ILE B 120 5.01 -7.33 23.67
N TYR B 121 5.69 -6.43 22.97
CA TYR B 121 5.27 -6.03 21.64
C TYR B 121 6.19 -6.69 20.62
N VAL B 122 5.62 -7.57 19.80
CA VAL B 122 6.37 -8.37 18.85
C VAL B 122 6.27 -7.72 17.48
N ILE B 123 7.43 -7.46 16.86
CA ILE B 123 7.50 -6.83 15.55
C ILE B 123 8.22 -7.78 14.59
N ASP B 124 7.56 -8.12 13.49
CA ASP B 124 8.20 -8.88 12.41
C ASP B 124 9.12 -7.92 11.66
N ILE B 125 10.43 -8.02 11.91
CA ILE B 125 11.37 -7.10 11.26
C ILE B 125 11.74 -7.55 9.86
N GLN B 126 11.18 -8.65 9.37
CA GLN B 126 11.32 -9.01 7.96
C GLN B 126 10.22 -8.39 7.10
N ASP B 127 9.21 -7.79 7.70
CA ASP B 127 8.06 -7.24 6.98
C ASP B 127 8.12 -5.72 7.06
N ARG B 128 8.97 -5.13 6.20
CA ARG B 128 9.10 -3.68 6.15
C ARG B 128 7.78 -3.01 5.82
N GLY B 129 6.99 -3.61 4.93
CA GLY B 129 5.77 -2.99 4.45
C GLY B 129 4.68 -2.87 5.49
N ARG B 130 4.77 -3.62 6.60
CA ARG B 130 3.78 -3.53 7.66
C ARG B 130 4.32 -2.84 8.92
N MET B 131 5.53 -2.28 8.86
CA MET B 131 6.12 -1.67 10.05
C MET B 131 5.37 -0.41 10.47
N GLU B 132 4.96 0.41 9.51
CA GLU B 132 4.19 1.61 9.84
C GLU B 132 2.88 1.24 10.52
N GLU B 133 2.21 0.19 10.04
CA GLU B 133 1.00 -0.29 10.69
C GLU B 133 1.31 -0.83 12.09
N SER B 134 2.46 -1.48 12.26
CA SER B 134 2.83 -2.03 13.55
C SER B 134 3.09 -0.92 14.57
N ILE B 135 3.87 0.08 14.17
CA ILE B 135 4.12 1.23 15.05
C ILE B 135 2.82 1.95 15.36
N SER B 136 1.92 2.04 14.37
CA SER B 136 0.64 2.70 14.59
C SER B 136 -0.18 1.99 15.66
N TYR B 137 -0.25 0.65 15.58
CA TYR B 137 -0.96 -0.10 16.61
C TYR B 137 -0.25 -0.05 17.95
N PHE B 138 1.09 0.04 17.93
CA PHE B 138 1.83 0.22 19.17
C PHE B 138 1.44 1.53 19.86
N SER B 139 1.21 2.59 19.07
CA SER B 139 0.77 3.85 19.65
C SER B 139 -0.61 3.72 20.28
N ASP B 140 -1.50 2.94 19.66
CA ASP B 140 -2.82 2.71 20.25
C ASP B 140 -2.70 2.01 21.59
N VAL B 141 -1.86 0.98 21.68
CA VAL B 141 -1.72 0.23 22.93
C VAL B 141 -1.17 1.11 24.03
N ILE B 142 -0.14 1.89 23.73
CA ILE B 142 0.43 2.80 24.73
C ILE B 142 -0.61 3.81 25.19
N LYS B 143 -1.46 4.26 24.27
CA LYS B 143 -2.51 5.22 24.63
C LYS B 143 -3.49 4.61 25.62
N GLU B 144 -3.86 3.34 25.43
CA GLU B 144 -4.78 2.69 26.35
C GLU B 144 -4.15 2.55 27.74
N PHE B 145 -2.85 2.27 27.80
CA PHE B 145 -2.15 2.24 29.08
C PHE B 145 -2.20 3.59 29.77
N ARG B 146 -2.04 4.67 29.01
CA ARG B 146 -2.12 6.01 29.58
C ARG B 146 -3.51 6.31 30.12
N LYS B 147 -4.55 5.97 29.36
CA LYS B 147 -5.91 6.21 29.82
C LYS B 147 -6.21 5.41 31.08
N LEU B 148 -5.63 4.22 31.22
CA LEU B 148 -5.79 3.43 32.42
C LEU B 148 -4.84 3.85 33.54
N GLU B 149 -3.87 4.73 33.24
CA GLU B 149 -2.93 5.24 34.24
C GLU B 149 -2.12 4.11 34.88
N ILE B 150 -1.65 3.18 34.06
CA ILE B 150 -0.72 2.15 34.50
C ILE B 150 0.53 2.24 33.65
N SER B 151 1.64 1.73 34.19
CA SER B 151 2.94 1.81 33.55
C SER B 151 3.59 0.43 33.53
N PRO B 152 3.11 -0.48 32.68
CA PRO B 152 3.75 -1.79 32.58
C PRO B 152 5.10 -1.68 31.89
N LEU B 153 5.99 -2.60 32.25
CA LEU B 153 7.23 -2.73 31.50
C LEU B 153 6.92 -3.05 30.05
N ILE B 154 7.54 -2.33 29.13
CA ILE B 154 7.38 -2.56 27.71
C ILE B 154 8.61 -3.29 27.20
N TYR B 155 8.40 -4.42 26.54
CA TYR B 155 9.49 -5.25 26.03
C TYR B 155 9.28 -5.48 24.54
N ILE B 156 10.09 -4.83 23.71
CA ILE B 156 9.99 -4.97 22.26
C ILE B 156 10.75 -6.21 21.83
N PHE B 157 10.08 -7.09 21.08
CA PHE B 157 10.73 -8.23 20.43
C PHE B 157 10.84 -7.93 18.94
N PHE B 158 12.05 -7.62 18.49
CA PHE B 158 12.32 -7.54 17.06
C PHE B 158 12.49 -8.96 16.55
N HIS B 159 11.38 -9.54 16.11
CA HIS B 159 11.27 -10.97 15.90
C HIS B 159 11.51 -11.36 14.45
N LYS B 160 11.75 -12.65 14.23
CA LYS B 160 12.16 -13.21 12.94
C LYS B 160 13.52 -12.69 12.52
N PHE B 161 14.36 -12.36 13.50
CA PHE B 161 15.76 -11.98 13.29
C PHE B 161 16.60 -13.23 13.02
N ASP B 162 16.24 -13.93 11.94
CA ASP B 162 16.84 -15.22 11.65
C ASP B 162 18.34 -15.06 11.34
N PRO B 163 19.14 -16.10 11.61
CA PRO B 163 20.57 -16.01 11.25
C PRO B 163 20.81 -15.78 9.77
N THR B 164 20.11 -16.50 8.89
CA THR B 164 20.28 -16.27 7.46
C THR B 164 19.80 -14.89 7.06
N TYR B 165 18.63 -14.47 7.57
CA TYR B 165 18.10 -13.16 7.21
C TYR B 165 19.02 -12.05 7.71
N ALA B 166 19.44 -12.13 8.97
CA ALA B 166 20.33 -11.10 9.51
C ALA B 166 21.66 -11.04 8.77
N LYS B 167 22.16 -12.17 8.29
CA LYS B 167 23.43 -12.18 7.57
C LYS B 167 23.30 -11.52 6.20
N ASN B 168 22.20 -11.78 5.49
CA ASN B 168 22.04 -11.20 4.16
C ASN B 168 21.64 -9.73 4.22
N GLU B 169 20.83 -9.34 5.21
CA GLU B 169 20.34 -7.95 5.25
C GLU B 169 21.37 -6.98 5.81
N GLY B 170 22.20 -7.43 6.76
CA GLY B 170 23.34 -6.63 7.17
C GLY B 170 22.96 -5.31 7.81
N ILE B 171 23.68 -4.25 7.43
CA ILE B 171 23.48 -2.95 8.05
C ILE B 171 22.13 -2.35 7.72
N HIS B 172 21.52 -2.74 6.59
CA HIS B 172 20.20 -2.23 6.25
C HIS B 172 19.18 -2.61 7.32
N LEU B 173 19.22 -3.86 7.78
CA LEU B 173 18.32 -4.28 8.86
C LEU B 173 18.65 -3.54 10.15
N GLU B 174 19.94 -3.36 10.45
CA GLU B 174 20.34 -2.62 11.63
C GLU B 174 19.78 -1.20 11.60
N GLY B 175 19.94 -0.51 10.47
CA GLY B 175 19.38 0.83 10.35
C GLY B 175 17.87 0.85 10.44
N LEU B 176 17.22 -0.20 9.94
CA LEU B 176 15.76 -0.28 10.01
C LEU B 176 15.29 -0.47 11.45
N ILE B 177 16.03 -1.26 12.23
CA ILE B 177 15.70 -1.42 13.65
C ILE B 177 15.95 -0.12 14.40
N SER B 178 17.03 0.59 14.08
CA SER B 178 17.30 1.86 14.73
C SER B 178 16.18 2.86 14.46
N GLN B 179 15.64 2.86 13.25
CA GLN B 179 14.51 3.74 12.94
C GLN B 179 13.27 3.35 13.74
N LEU B 180 13.04 2.04 13.92
CA LEU B 180 11.92 1.59 14.75
C LEU B 180 12.07 2.06 16.19
N LYS B 181 13.30 2.01 16.74
CA LYS B 181 13.51 2.46 18.11
C LYS B 181 13.23 3.95 18.25
N ASP B 182 13.64 4.75 17.26
CA ASP B 182 13.36 6.18 17.30
C ASP B 182 11.87 6.46 17.35
N GLU B 183 11.08 5.74 16.53
CA GLU B 183 9.64 5.91 16.54
C GLU B 183 9.05 5.48 17.89
N ILE B 184 9.56 4.39 18.46
CA ILE B 184 9.07 3.93 19.75
C ILE B 184 9.38 4.94 20.85
N ARG B 185 10.60 5.50 20.83
CA ARG B 185 10.98 6.48 21.84
C ARG B 185 10.09 7.71 21.77
N ASN B 186 9.74 8.17 20.57
CA ASN B 186 8.88 9.34 20.44
C ASN B 186 7.46 9.05 20.93
N ILE B 187 7.01 7.80 20.81
CA ILE B 187 5.70 7.43 21.33
C ILE B 187 5.74 7.32 22.86
N ILE B 188 6.80 6.72 23.39
CA ILE B 188 6.87 6.45 24.83
C ILE B 188 7.07 7.74 25.61
N GLU B 189 7.91 8.64 25.11
CA GLU B 189 8.18 9.93 25.75
C GLU B 189 8.68 9.75 27.18
N GLU B 190 9.48 8.71 27.40
CA GLU B 190 10.10 8.42 28.69
C GLU B 190 9.07 8.26 29.81
N GLU B 191 7.85 7.85 29.46
CA GLU B 191 6.83 7.55 30.45
C GLU B 191 6.76 6.08 30.82
N PHE B 192 7.52 5.23 30.13
CA PHE B 192 7.55 3.80 30.40
C PHE B 192 9.00 3.31 30.33
N ASN B 193 9.27 2.24 31.06
N ASN B 193 9.26 2.21 31.03
CA ASN B 193 10.52 1.51 30.91
CA ASN B 193 10.53 1.51 30.91
C ASN B 193 10.40 0.59 29.69
C ASN B 193 10.44 0.54 29.73
N VAL B 194 11.34 0.70 28.77
CA VAL B 194 11.34 -0.07 27.53
C VAL B 194 12.64 -0.85 27.41
N SER B 195 12.52 -2.15 27.19
CA SER B 195 13.63 -3.02 26.85
C SER B 195 13.43 -3.56 25.43
N TYR B 196 14.53 -3.91 24.78
CA TYR B 196 14.50 -4.46 23.42
C TYR B 196 15.29 -5.76 23.38
N SER B 197 14.92 -6.62 22.43
CA SER B 197 15.69 -7.82 22.14
C SER B 197 15.40 -8.27 20.71
N ASN B 198 16.42 -8.85 20.08
CA ASN B 198 16.26 -9.48 18.78
C ASN B 198 15.98 -10.97 18.99
N THR B 199 14.88 -11.45 18.43
CA THR B 199 14.45 -12.83 18.66
C THR B 199 14.17 -13.53 17.35
N THR B 200 14.22 -14.85 17.39
CA THR B 200 13.94 -15.73 16.26
C THR B 200 13.77 -17.15 16.78
N ILE B 201 12.83 -17.89 16.18
CA ILE B 201 12.65 -19.29 16.57
C ILE B 201 13.79 -20.17 16.10
N TYR B 202 14.68 -19.65 15.25
CA TYR B 202 15.87 -20.37 14.84
C TYR B 202 17.05 -20.15 15.79
N ASP B 203 16.82 -19.49 16.92
CA ASP B 203 17.84 -19.32 17.97
C ASP B 203 17.11 -19.35 19.31
N LEU B 204 17.00 -20.56 19.88
CA LEU B 204 16.23 -20.74 21.11
C LEU B 204 16.75 -19.87 22.24
N TRP B 205 18.07 -19.64 22.30
CA TRP B 205 18.64 -18.81 23.36
C TRP B 205 18.11 -17.38 23.27
N SER B 206 17.92 -16.86 22.06
CA SER B 206 17.46 -15.49 21.91
C SER B 206 16.08 -15.31 22.54
N ILE B 207 15.22 -16.33 22.47
CA ILE B 207 13.90 -16.24 23.06
C ILE B 207 13.93 -16.56 24.55
N ILE B 208 14.71 -17.57 24.94
CA ILE B 208 14.77 -17.99 26.34
C ILE B 208 15.37 -16.89 27.20
N SER B 209 16.49 -16.31 26.76
CA SER B 209 17.18 -15.31 27.57
C SER B 209 16.42 -13.99 27.61
N SER B 210 15.73 -13.64 26.52
CA SER B 210 14.93 -12.42 26.53
C SER B 210 13.75 -12.55 27.49
N PHE B 211 13.07 -13.71 27.49
CA PHE B 211 11.95 -13.91 28.39
C PHE B 211 12.41 -14.02 29.83
N SER B 212 13.55 -14.69 30.06
CA SER B 212 14.14 -14.75 31.40
C SER B 212 14.49 -13.35 31.90
N ASP B 213 15.09 -12.53 31.04
CA ASP B 213 15.44 -11.17 31.43
C ASP B 213 14.19 -10.38 31.80
N LEU B 214 13.12 -10.56 31.04
CA LEU B 214 11.85 -9.91 31.35
C LEU B 214 11.34 -10.31 32.73
N LEU B 215 11.33 -11.62 33.02
CA LEU B 215 10.81 -12.08 34.30
C LEU B 215 11.67 -11.62 35.46
N LEU B 216 12.99 -11.56 35.28
CA LEU B 216 13.87 -11.10 36.34
C LEU B 216 13.78 -9.60 36.56
N LYS B 217 13.17 -8.85 35.64
CA LYS B 217 12.85 -7.46 35.90
C LYS B 217 11.59 -7.33 36.75
N ILE B 218 10.64 -8.24 36.59
CA ILE B 218 9.50 -8.28 37.50
C ILE B 218 9.97 -8.70 38.89
N PHE B 219 10.76 -9.78 38.96
CA PHE B 219 11.21 -10.37 40.21
C PHE B 219 12.73 -10.23 40.29
N PRO B 220 13.23 -9.08 40.75
CA PRO B 220 14.68 -8.87 40.80
C PRO B 220 15.36 -9.87 41.72
N GLN B 221 16.60 -10.21 41.38
CA GLN B 221 17.41 -11.13 42.15
C GLN B 221 18.36 -10.36 43.07
N SER B 222 18.88 -11.06 44.06
CA SER B 222 19.91 -10.49 44.91
C SER B 222 21.23 -10.40 44.16
N GLU B 223 22.02 -9.37 44.50
CA GLU B 223 23.36 -9.26 43.94
C GLU B 223 24.27 -10.38 44.41
N LEU B 224 23.92 -11.06 45.49
CA LEU B 224 24.73 -12.19 45.97
C LEU B 224 24.70 -13.35 44.99
N LEU B 225 23.64 -13.45 44.17
CA LEU B 225 23.53 -14.56 43.24
C LEU B 225 24.67 -14.54 42.22
N ASP B 226 24.84 -13.41 41.53
CA ASP B 226 25.93 -13.30 40.56
C ASP B 226 27.29 -13.44 41.22
N LYS B 227 27.44 -12.87 42.42
CA LYS B 227 28.70 -12.98 43.14
C LYS B 227 29.00 -14.43 43.50
N THR B 228 27.97 -15.18 43.91
CA THR B 228 28.17 -16.58 44.26
C THR B 228 28.53 -17.42 43.04
N ILE B 229 27.85 -17.18 41.92
CA ILE B 229 28.17 -17.90 40.68
C ILE B 229 29.57 -17.54 40.21
N GLN B 230 29.93 -16.25 40.27
CA GLN B 230 31.26 -15.83 39.87
C GLN B 230 32.32 -16.39 40.81
N GLU B 231 32.06 -16.37 42.12
CA GLU B 231 33.04 -16.87 43.08
C GLU B 231 33.21 -18.38 42.96
N PHE B 232 32.12 -19.10 42.71
CA PHE B 232 32.23 -20.54 42.49
C PHE B 232 33.01 -20.85 41.22
N ALA B 233 32.82 -20.05 40.17
CA ALA B 233 33.53 -20.28 38.91
C ALA B 233 35.03 -20.09 39.09
N GLU B 234 35.42 -19.01 39.79
CA GLU B 234 36.84 -18.75 40.01
C GLU B 234 37.46 -19.79 40.94
N SER B 235 36.65 -20.40 41.81
CA SER B 235 37.17 -21.41 42.73
C SER B 235 37.56 -22.70 42.04
N LEU B 236 37.27 -22.84 40.75
CA LEU B 236 37.65 -24.03 39.97
C LEU B 236 38.93 -23.81 39.17
N ASP B 237 39.74 -22.83 39.55
CA ASP B 237 40.99 -22.48 38.85
C ASP B 237 40.62 -22.14 37.41
N SER B 238 41.36 -22.63 36.42
CA SER B 238 41.03 -22.43 35.01
C SER B 238 40.14 -23.53 34.46
N ASN B 239 39.25 -24.09 35.28
CA ASN B 239 38.48 -25.27 34.91
C ASN B 239 36.98 -25.02 35.04
N CYS B 240 36.49 -23.91 34.48
CA CYS B 240 35.06 -23.61 34.50
C CYS B 240 34.76 -22.65 33.36
N ASN B 241 34.26 -23.21 32.25
CA ASN B 241 33.98 -22.38 31.08
C ASN B 241 32.64 -21.65 31.20
N ALA B 242 31.62 -22.33 31.72
CA ALA B 242 30.29 -21.74 31.72
C ALA B 242 29.40 -22.46 32.73
N ILE B 243 28.37 -21.75 33.20
CA ILE B 243 27.40 -22.26 34.16
C ILE B 243 26.03 -21.73 33.77
N LEU B 244 25.01 -22.60 33.89
CA LEU B 244 23.61 -22.19 33.74
C LEU B 244 22.80 -22.73 34.90
N VAL B 245 21.98 -21.88 35.50
CA VAL B 245 20.99 -22.28 36.50
C VAL B 245 19.62 -22.03 35.89
N LEU B 246 18.83 -23.09 35.73
CA LEU B 246 17.54 -23.02 35.06
C LEU B 246 16.42 -23.47 36.00
N ASP B 247 15.23 -22.95 35.78
CA ASP B 247 14.06 -23.41 36.52
C ASP B 247 13.38 -24.53 35.74
N SER B 248 12.22 -24.98 36.21
CA SER B 248 11.54 -26.10 35.57
C SER B 248 10.93 -25.72 34.22
N ASN B 249 10.73 -24.42 33.95
CA ASN B 249 10.36 -23.97 32.61
C ASN B 249 11.55 -23.88 31.68
N SER B 250 12.74 -24.24 32.14
CA SER B 250 14.00 -24.06 31.42
C SER B 250 14.34 -22.59 31.20
N LEU B 251 13.80 -21.71 32.03
CA LEU B 251 14.17 -20.30 31.99
C LEU B 251 15.44 -20.05 32.79
N VAL B 252 16.20 -19.05 32.39
CA VAL B 252 17.53 -18.81 32.93
C VAL B 252 17.42 -17.99 34.22
N ILE B 253 17.83 -18.59 35.34
CA ILE B 253 17.84 -17.90 36.63
C ILE B 253 19.20 -17.29 36.91
N GLY B 254 20.27 -17.97 36.52
CA GLY B 254 21.62 -17.46 36.68
C GLY B 254 22.51 -18.01 35.60
N GLN B 255 23.58 -17.29 35.29
CA GLN B 255 24.43 -17.68 34.18
C GLN B 255 25.85 -17.15 34.39
N PHE B 256 26.81 -17.84 33.79
CA PHE B 256 28.19 -17.42 33.75
C PHE B 256 28.82 -17.94 32.48
N PHE B 257 29.59 -17.08 31.81
CA PHE B 257 30.27 -17.46 30.58
C PHE B 257 31.69 -16.88 30.61
N GLU B 258 32.69 -17.75 30.53
CA GLU B 258 34.07 -17.29 30.52
C GLU B 258 34.39 -16.47 29.28
N ASN B 259 33.79 -16.82 28.13
CA ASN B 259 34.02 -16.11 26.89
C ASN B 259 32.88 -16.44 25.94
N GLU B 260 32.89 -15.78 24.78
CA GLU B 260 31.81 -15.98 23.80
C GLU B 260 31.77 -17.42 23.31
N GLU B 261 32.94 -18.04 23.13
CA GLU B 261 32.97 -19.41 22.63
C GLU B 261 32.38 -20.38 23.65
N SER B 262 32.70 -20.19 24.93
CA SER B 262 32.08 -21.01 25.97
C SER B 262 30.57 -20.79 26.03
N LYS B 263 30.13 -19.55 25.81
CA LYS B 263 28.70 -19.26 25.81
C LYS B 263 28.00 -19.97 24.67
N GLN B 264 28.59 -19.96 23.48
CA GLN B 264 27.95 -20.62 22.33
C GLN B 264 27.84 -22.12 22.55
N ILE B 265 28.89 -22.74 23.10
CA ILE B 265 28.89 -24.19 23.25
C ILE B 265 27.83 -24.62 24.27
N LEU B 266 27.74 -23.93 25.40
CA LEU B 266 26.80 -24.37 26.44
C LEU B 266 25.36 -24.05 26.07
N THR B 267 25.10 -22.84 25.56
CA THR B 267 23.71 -22.47 25.26
C THR B 267 23.16 -23.27 24.08
N LYS B 268 24.00 -23.67 23.14
CA LYS B 268 23.52 -24.49 22.03
C LYS B 268 23.35 -25.95 22.43
N SER B 269 24.16 -26.43 23.38
CA SER B 269 24.13 -27.84 23.75
C SER B 269 23.11 -28.14 24.85
N THR B 270 22.85 -27.18 25.74
CA THR B 270 21.92 -27.40 26.84
C THR B 270 20.54 -27.89 26.43
N PRO B 271 19.87 -27.32 25.39
CA PRO B 271 18.54 -27.82 25.03
C PRO B 271 18.49 -29.32 24.77
N TYR B 272 19.57 -29.90 24.23
CA TYR B 272 19.58 -31.33 23.97
C TYR B 272 19.85 -32.14 25.24
N PHE B 273 20.65 -31.61 26.16
CA PHE B 273 20.82 -32.25 27.46
C PHE B 273 19.52 -32.22 28.26
N LEU B 274 18.78 -31.12 28.18
CA LEU B 274 17.50 -31.02 28.86
C LEU B 274 16.50 -32.03 28.32
N THR B 275 16.43 -32.16 26.98
CA THR B 275 15.56 -33.17 26.38
C THR B 275 15.93 -34.57 26.85
N LEU B 276 17.24 -34.87 26.90
CA LEU B 276 17.69 -36.16 27.39
C LEU B 276 17.30 -36.35 28.86
N ASN B 277 17.62 -35.37 29.70
CA ASN B 277 17.33 -35.49 31.13
C ASN B 277 15.84 -35.66 31.38
N ASP B 278 15.01 -34.92 30.65
CA ASP B 278 13.56 -35.05 30.83
C ASP B 278 13.06 -36.40 30.32
N SER B 279 13.64 -36.91 29.25
CA SER B 279 13.16 -38.17 28.65
C SER B 279 13.50 -39.40 29.45
N LEU B 280 14.52 -39.31 30.28
CA LEU B 280 14.95 -40.43 31.07
C LEU B 280 14.36 -40.44 32.48
N SER B 289 21.42 -36.53 38.69
CA SER B 289 22.77 -36.10 38.29
C SER B 289 23.35 -36.85 37.08
N MET B 290 23.89 -36.10 36.14
CA MET B 290 24.54 -36.70 34.99
C MET B 290 25.85 -36.08 34.64
N ILE B 291 26.68 -36.82 33.94
CA ILE B 291 27.92 -36.27 33.43
C ILE B 291 28.07 -36.71 31.98
N ILE B 292 28.40 -35.79 31.14
CA ILE B 292 28.55 -36.06 29.72
C ILE B 292 29.89 -35.49 29.27
N GLU B 293 30.74 -36.36 28.72
CA GLU B 293 32.01 -35.95 28.12
C GLU B 293 31.91 -36.12 26.61
N ARG B 294 32.17 -35.04 25.88
CA ARG B 294 32.10 -35.07 24.43
C ARG B 294 33.07 -34.04 23.87
N GLY B 295 33.90 -34.46 22.93
CA GLY B 295 34.91 -33.57 22.38
C GLY B 295 35.93 -33.21 23.44
N ASN B 296 36.11 -31.90 23.64
CA ASN B 296 37.07 -31.39 24.60
C ASN B 296 36.41 -30.86 25.87
N LYS B 297 35.14 -31.19 26.11
CA LYS B 297 34.38 -30.62 27.20
C LYS B 297 33.76 -31.70 28.07
N ARG B 298 33.54 -31.36 29.34
CA ARG B 298 32.82 -32.19 30.29
C ARG B 298 31.65 -31.39 30.85
N PHE B 299 30.47 -32.02 30.90
CA PHE B 299 29.24 -31.36 31.34
C PHE B 299 28.68 -32.06 32.57
N PHE B 300 28.42 -31.28 33.62
CA PHE B 300 27.83 -31.78 34.86
C PHE B 300 26.44 -31.16 35.00
N THR B 301 25.42 -32.01 35.13
CA THR B 301 24.06 -31.55 35.32
C THR B 301 23.55 -32.02 36.68
N ASP B 302 22.76 -31.16 37.34
CA ASP B 302 22.23 -31.47 38.65
C ASP B 302 20.87 -30.80 38.82
N GLN B 303 20.04 -31.40 39.66
CA GLN B 303 18.75 -30.84 40.04
C GLN B 303 18.73 -30.57 41.54
N PHE B 304 18.18 -29.42 41.92
CA PHE B 304 18.05 -29.08 43.33
C PHE B 304 16.77 -28.28 43.51
N ARG B 305 16.24 -28.32 44.73
CA ARG B 305 15.00 -27.65 45.07
C ARG B 305 15.27 -26.43 45.95
N ILE B 306 14.35 -25.47 45.88
CA ILE B 306 14.32 -24.34 46.79
C ILE B 306 12.96 -24.34 47.49
N LYS B 307 12.89 -23.61 48.60
CA LYS B 307 11.74 -23.75 49.50
C LYS B 307 10.45 -23.27 48.86
N ARG B 308 10.49 -22.12 48.17
CA ARG B 308 9.26 -21.49 47.72
C ARG B 308 8.76 -21.98 46.37
N ALA B 309 9.55 -22.74 45.62
CA ALA B 309 9.18 -23.14 44.27
C ALA B 309 8.69 -24.58 44.25
N SER B 310 7.76 -24.85 43.33
CA SER B 310 7.12 -26.17 43.26
C SER B 310 8.07 -27.23 42.72
N GLU B 311 8.69 -26.95 41.57
CA GLU B 311 9.49 -27.92 40.86
C GLU B 311 10.99 -27.62 41.00
N PRO B 312 11.84 -28.62 40.81
CA PRO B 312 13.28 -28.40 41.03
C PRO B 312 13.88 -27.47 39.99
N LEU B 313 15.03 -26.90 40.36
CA LEU B 313 15.84 -26.13 39.43
C LEU B 313 16.90 -27.04 38.81
N PHE B 314 17.55 -26.53 37.76
CA PHE B 314 18.49 -27.32 36.97
C PHE B 314 19.81 -26.57 36.87
N LEU B 315 20.89 -27.24 37.25
CA LEU B 315 22.23 -26.69 37.18
C LEU B 315 23.04 -27.48 36.16
N ILE B 316 23.74 -26.78 35.27
CA ILE B 316 24.66 -27.42 34.33
C ILE B 316 25.96 -26.64 34.31
N ILE B 317 27.08 -27.36 34.40
CA ILE B 317 28.42 -26.77 34.46
C ILE B 317 29.25 -27.39 33.34
N MET B 318 29.95 -26.54 32.59
CA MET B 318 30.84 -26.98 31.52
C MET B 318 32.28 -26.69 31.92
N THR B 319 33.10 -27.73 31.85
CA THR B 319 34.48 -27.62 32.21
C THR B 319 35.31 -28.22 31.13
N PRO B 320 36.58 -27.86 31.12
CA PRO B 320 37.47 -28.54 30.20
C PRO B 320 37.63 -30.00 30.63
N LYS B 321 37.95 -30.87 29.69
CA LYS B 321 38.15 -32.29 29.98
C LYS B 321 39.56 -32.57 30.48
N LEU B 327 34.72 -31.64 41.55
CA LEU B 327 34.52 -32.07 42.96
C LEU B 327 33.02 -32.00 43.32
N ARG B 328 32.49 -33.11 43.82
CA ARG B 328 31.06 -33.17 44.21
C ARG B 328 30.83 -32.24 45.39
N GLU B 329 31.85 -32.09 46.23
CA GLU B 329 31.74 -31.21 47.43
C GLU B 329 31.59 -29.76 46.97
N LYS B 330 32.40 -29.35 46.01
CA LYS B 330 32.30 -27.97 45.48
C LYS B 330 30.88 -27.77 44.91
N ILE B 331 30.32 -28.78 44.24
CA ILE B 331 29.00 -28.63 43.65
C ILE B 331 27.93 -28.64 44.74
N ASP B 332 28.02 -29.59 45.68
CA ASP B 332 27.06 -29.66 46.77
C ASP B 332 27.09 -28.39 47.62
N SER B 333 28.28 -27.84 47.85
CA SER B 333 28.39 -26.59 48.61
C SER B 333 27.88 -25.40 47.79
N PHE B 334 28.12 -25.44 46.48
CA PHE B 334 27.56 -24.42 45.58
C PHE B 334 26.04 -24.43 45.62
N ILE B 335 25.46 -25.64 45.53
CA ILE B 335 23.99 -25.77 45.54
C ILE B 335 23.42 -25.28 46.86
N THR B 336 24.07 -25.64 47.98
CA THR B 336 23.61 -25.19 49.28
C THR B 336 23.56 -23.66 49.37
N LEU B 337 24.57 -22.98 48.83
CA LEU B 337 24.56 -21.52 48.82
C LEU B 337 23.45 -20.99 47.94
N LEU B 338 23.21 -21.63 46.78
CA LEU B 338 22.15 -21.18 45.90
C LEU B 338 20.78 -21.32 46.56
N GLN B 339 20.58 -22.39 47.32
CA GLN B 339 19.30 -22.63 47.98
C GLN B 339 18.98 -21.56 49.02
N GLY B 340 19.98 -20.84 49.51
CA GLY B 340 19.73 -19.81 50.49
C GLY B 340 19.64 -18.42 49.89
N ILE B 341 19.98 -18.30 48.61
CA ILE B 341 20.05 -17.02 47.91
C ILE B 341 18.90 -16.86 46.92
N ILE B 342 18.70 -17.86 46.05
CA ILE B 342 17.70 -17.77 45.00
C ILE B 342 16.31 -17.58 45.58
N SER C 42 -15.20 -16.55 38.32
CA SER C 42 -14.49 -17.52 37.50
C SER C 42 -14.63 -18.93 38.08
N GLU C 43 -14.78 -19.91 37.19
CA GLU C 43 -14.96 -21.30 37.58
C GLU C 43 -13.66 -22.06 37.44
N LYS C 44 -13.48 -23.06 38.29
CA LYS C 44 -12.28 -23.90 38.29
C LYS C 44 -12.65 -25.35 38.02
N ILE C 45 -12.04 -25.93 37.00
CA ILE C 45 -12.24 -27.34 36.64
C ILE C 45 -10.92 -28.08 36.83
N LEU C 46 -10.97 -29.18 37.57
CA LEU C 46 -9.77 -29.91 37.96
C LEU C 46 -9.77 -31.29 37.31
N PHE C 47 -8.77 -31.56 36.48
CA PHE C 47 -8.52 -32.89 35.94
C PHE C 47 -7.53 -33.61 36.83
N THR C 48 -7.90 -34.79 37.33
CA THR C 48 -6.97 -35.58 38.12
C THR C 48 -7.24 -37.05 37.92
N GLY C 49 -6.44 -37.88 38.59
CA GLY C 49 -6.36 -39.30 38.33
C GLY C 49 -4.92 -39.75 38.21
N LEU C 50 -4.76 -41.07 38.17
CA LEU C 50 -3.42 -41.66 38.08
C LEU C 50 -2.72 -41.23 36.80
N ASP C 51 -1.39 -41.31 36.81
CA ASP C 51 -0.63 -41.20 35.58
C ASP C 51 -1.06 -42.30 34.61
N ASN C 52 -0.97 -41.99 33.31
CA ASN C 52 -1.32 -42.89 32.21
C ASN C 52 -2.83 -43.08 32.07
N SER C 53 -3.66 -42.38 32.86
CA SER C 53 -5.10 -42.57 32.76
C SER C 53 -5.67 -41.90 31.51
N GLY C 54 -5.04 -40.83 31.02
CA GLY C 54 -5.43 -40.23 29.77
C GLY C 54 -5.94 -38.80 29.83
N LYS C 55 -5.63 -38.11 30.94
CA LYS C 55 -6.22 -36.78 31.19
C LYS C 55 -5.78 -35.77 30.14
N THR C 56 -4.48 -35.70 29.85
CA THR C 56 -3.98 -34.72 28.89
C THR C 56 -4.48 -35.02 27.48
N SER C 57 -4.58 -36.31 27.12
CA SER C 57 -5.12 -36.66 25.81
C SER C 57 -6.56 -36.17 25.66
N ILE C 58 -7.36 -36.30 26.72
CA ILE C 58 -8.72 -35.75 26.72
C ILE C 58 -8.68 -34.25 26.48
N ILE C 59 -7.77 -33.55 27.17
CA ILE C 59 -7.67 -32.11 27.01
C ILE C 59 -7.23 -31.76 25.59
N LYS C 60 -6.32 -32.54 25.02
CA LYS C 60 -5.86 -32.29 23.66
C LYS C 60 -7.00 -32.42 22.65
N VAL C 61 -7.88 -33.40 22.85
CA VAL C 61 -9.06 -33.53 21.99
C VAL C 61 -9.94 -32.29 22.10
N LEU C 62 -10.14 -31.80 23.32
CA LEU C 62 -10.97 -30.61 23.52
C LEU C 62 -10.35 -29.37 22.87
N GLN C 63 -9.03 -29.31 22.80
CA GLN C 63 -8.33 -28.19 22.18
C GLN C 63 -8.16 -28.34 20.67
N LYS C 64 -8.81 -29.34 20.07
CA LYS C 64 -8.68 -29.63 18.63
C LYS C 64 -7.21 -29.87 18.24
N GLU C 65 -6.44 -30.45 19.15
CA GLU C 65 -5.03 -30.73 18.90
C GLU C 65 -4.75 -32.22 18.99
N ILE C 66 -5.51 -33.02 18.23
CA ILE C 66 -5.36 -34.47 18.29
C ILE C 66 -3.98 -34.90 17.77
N SER C 67 -3.44 -34.17 16.79
CA SER C 67 -2.15 -34.54 16.21
C SER C 67 -1.00 -34.52 17.21
N GLN C 68 -1.21 -33.91 18.38
CA GLN C 68 -0.17 -33.83 19.40
C GLN C 68 -0.24 -34.97 20.40
N ILE C 69 -1.25 -35.84 20.30
CA ILE C 69 -1.40 -36.93 21.27
C ILE C 69 -0.21 -37.88 21.18
N ALA C 70 0.30 -38.12 19.97
CA ALA C 70 1.46 -38.98 19.81
C ALA C 70 2.71 -38.39 20.48
N MET C 71 2.76 -37.07 20.63
CA MET C 71 3.91 -36.39 21.20
C MET C 71 3.77 -36.14 22.70
N LEU C 72 2.75 -36.73 23.34
CA LEU C 72 2.49 -36.44 24.74
C LEU C 72 3.52 -37.09 25.64
N LYS C 73 3.88 -36.38 26.71
CA LYS C 73 4.76 -36.86 27.75
C LYS C 73 4.04 -36.77 29.09
N PRO C 74 4.52 -37.47 30.12
CA PRO C 74 3.91 -37.32 31.45
C PRO C 74 3.87 -35.86 31.88
N THR C 75 2.69 -35.42 32.31
CA THR C 75 2.51 -34.03 32.70
C THR C 75 3.20 -33.74 34.02
N ARG C 76 3.91 -32.62 34.07
CA ARG C 76 4.68 -32.25 35.25
C ARG C 76 3.86 -31.28 36.10
N GLN C 77 3.52 -31.71 37.31
CA GLN C 77 2.80 -30.88 38.29
C GLN C 77 1.48 -30.44 37.65
N ALA C 78 1.01 -29.23 37.92
CA ALA C 78 -0.28 -28.74 37.44
C ALA C 78 -0.05 -27.81 36.24
N GLN C 79 -0.64 -28.16 35.11
CA GLN C 79 -0.66 -27.29 33.93
C GLN C 79 -2.02 -26.63 33.84
N ARG C 80 -2.03 -25.31 33.70
CA ARG C 80 -3.26 -24.52 33.82
C ARG C 80 -3.48 -23.66 32.59
N LYS C 81 -4.72 -23.62 32.14
CA LYS C 81 -5.13 -22.74 31.04
C LYS C 81 -6.47 -22.12 31.36
N ILE C 82 -6.82 -21.08 30.62
CA ILE C 82 -8.08 -20.37 30.78
C ILE C 82 -8.78 -20.32 29.42
N PHE C 83 -10.09 -20.55 29.43
CA PHE C 83 -10.89 -20.44 28.22
C PHE C 83 -12.26 -19.85 28.59
N GLU C 84 -13.01 -19.46 27.56
CA GLU C 84 -14.31 -18.83 27.76
C GLU C 84 -15.42 -19.78 27.32
N PHE C 85 -16.48 -19.84 28.11
CA PHE C 85 -17.68 -20.59 27.77
C PHE C 85 -18.88 -19.65 27.98
N LEU C 86 -19.41 -19.13 26.88
CA LEU C 86 -20.61 -18.29 26.88
C LEU C 86 -20.43 -17.06 27.79
N GLY C 87 -19.29 -16.40 27.64
CA GLY C 87 -19.02 -15.19 28.38
C GLY C 87 -18.43 -15.39 29.77
N ASN C 88 -18.25 -16.63 30.21
CA ASN C 88 -17.69 -16.92 31.52
C ASN C 88 -16.26 -17.43 31.38
N ASP C 89 -15.37 -16.92 32.23
CA ASP C 89 -14.00 -17.39 32.27
C ASP C 89 -13.90 -18.64 33.13
N ILE C 90 -13.18 -19.65 32.62
CA ILE C 90 -13.03 -20.93 33.29
C ILE C 90 -11.55 -21.30 33.30
N SER C 91 -11.02 -21.56 34.49
CA SER C 91 -9.65 -22.04 34.63
C SER C 91 -9.65 -23.57 34.66
N GLU C 92 -8.70 -24.16 33.93
CA GLU C 92 -8.62 -25.60 33.78
C GLU C 92 -7.28 -26.09 34.31
N TRP C 93 -7.32 -27.04 35.24
CA TRP C 93 -6.14 -27.58 35.89
C TRP C 93 -5.94 -29.03 35.45
N ASP C 94 -4.77 -29.33 34.91
CA ASP C 94 -4.37 -30.68 34.51
C ASP C 94 -3.28 -31.12 35.49
N LEU C 95 -3.65 -31.99 36.43
CA LEU C 95 -2.71 -32.48 37.44
C LEU C 95 -2.02 -33.72 36.92
N GLY C 96 -0.70 -33.62 36.72
CA GLY C 96 0.10 -34.80 36.41
C GLY C 96 -0.07 -35.86 37.47
N GLY C 97 -0.31 -37.10 37.07
CA GLY C 97 -0.70 -38.17 37.97
C GLY C 97 0.39 -39.06 38.49
N GLN C 98 1.65 -38.82 38.15
CA GLN C 98 2.73 -39.62 38.71
C GLN C 98 2.76 -39.47 40.23
N GLU C 99 3.22 -40.53 40.91
CA GLU C 99 3.08 -40.60 42.35
C GLU C 99 3.77 -39.43 43.05
N LYS C 100 4.95 -39.02 42.56
CA LYS C 100 5.65 -37.90 43.18
C LYS C 100 4.82 -36.63 43.14
N TYR C 101 4.01 -36.45 42.10
CA TYR C 101 3.14 -35.29 42.03
C TYR C 101 1.92 -35.44 42.92
N ARG C 102 1.35 -36.65 43.00
CA ARG C 102 0.21 -36.87 43.87
C ARG C 102 0.58 -36.65 45.33
N ILE C 103 1.80 -37.02 45.71
CA ILE C 103 2.27 -36.76 47.06
C ILE C 103 2.36 -35.26 47.32
N ALA C 104 2.80 -34.50 46.32
CA ALA C 104 2.89 -33.05 46.48
C ALA C 104 1.50 -32.42 46.60
N TYR C 105 0.53 -32.92 45.83
CA TYR C 105 -0.84 -32.40 45.94
C TYR C 105 -1.40 -32.63 47.34
N LEU C 106 -1.16 -33.81 47.91
CA LEU C 106 -1.68 -34.13 49.23
C LEU C 106 -0.88 -33.46 50.34
N LYS C 107 0.31 -32.95 50.05
CA LYS C 107 1.08 -32.23 51.06
C LYS C 107 0.64 -30.77 51.15
N GLU C 108 0.17 -30.19 50.06
CA GLU C 108 -0.30 -28.80 50.04
C GLU C 108 -1.70 -28.77 49.41
N PRO C 109 -2.71 -29.27 50.12
CA PRO C 109 -4.04 -29.39 49.52
C PRO C 109 -4.66 -28.06 49.11
N THR C 110 -4.40 -26.99 49.88
CA THR C 110 -4.99 -25.70 49.57
C THR C 110 -4.48 -25.10 48.27
N LYS C 111 -3.28 -25.52 47.82
CA LYS C 111 -2.73 -24.97 46.59
C LYS C 111 -3.32 -25.60 45.33
N TYR C 112 -3.85 -26.81 45.43
CA TYR C 112 -4.28 -27.54 44.23
C TYR C 112 -5.78 -27.81 44.21
N PHE C 113 -6.36 -28.28 45.31
CA PHE C 113 -7.76 -28.70 45.30
C PHE C 113 -8.73 -27.62 45.72
N ASP C 114 -8.26 -26.56 46.39
CA ASP C 114 -9.17 -25.55 46.90
C ASP C 114 -9.88 -24.82 45.77
N ARG C 115 -11.09 -24.36 46.06
CA ARG C 115 -11.92 -23.54 45.16
C ARG C 115 -12.29 -24.29 43.88
N SER C 116 -12.21 -25.61 43.88
CA SER C 116 -12.60 -26.39 42.72
C SER C 116 -14.12 -26.45 42.62
N ASN C 117 -14.64 -26.08 41.45
CA ASN C 117 -16.08 -26.18 41.19
C ASN C 117 -16.45 -27.52 40.59
N VAL C 118 -15.55 -28.13 39.82
CA VAL C 118 -15.77 -29.46 39.25
C VAL C 118 -14.46 -30.23 39.30
N CYS C 119 -14.52 -31.48 39.76
CA CYS C 119 -13.38 -32.38 39.71
C CYS C 119 -13.69 -33.49 38.71
N ILE C 120 -12.89 -33.56 37.66
CA ILE C 120 -12.98 -34.63 36.66
C ILE C 120 -11.95 -35.68 37.05
N TYR C 121 -12.42 -36.86 37.45
CA TYR C 121 -11.53 -37.95 37.83
C TYR C 121 -11.50 -38.98 36.70
N VAL C 122 -10.32 -39.18 36.12
CA VAL C 122 -10.16 -40.01 34.93
C VAL C 122 -9.59 -41.36 35.33
N ILE C 123 -10.29 -42.43 34.93
CA ILE C 123 -9.88 -43.80 35.23
C ILE C 123 -9.64 -44.53 33.91
N ASP C 124 -8.46 -45.12 33.77
CA ASP C 124 -8.17 -46.04 32.66
C ASP C 124 -8.91 -47.35 32.93
N ILE C 125 -10.08 -47.53 32.30
CA ILE C 125 -10.87 -48.74 32.57
C ILE C 125 -10.31 -49.98 31.89
N GLN C 126 -9.24 -49.85 31.10
CA GLN C 126 -8.55 -51.01 30.56
C GLN C 126 -7.51 -51.57 31.53
N ASP C 127 -7.16 -50.77 32.53
CA ASP C 127 -6.07 -51.15 33.46
C ASP C 127 -6.63 -51.58 34.82
N ARG C 128 -7.10 -52.82 34.91
CA ARG C 128 -7.68 -53.35 36.16
C ARG C 128 -6.60 -53.41 37.26
N GLY C 129 -5.36 -53.69 36.88
CA GLY C 129 -4.25 -53.82 37.84
C GLY C 129 -3.98 -52.57 38.66
N ARG C 130 -4.42 -51.41 38.18
CA ARG C 130 -4.17 -50.12 38.88
C ARG C 130 -5.48 -49.54 39.43
N MET C 131 -6.57 -50.29 39.40
CA MET C 131 -7.89 -49.73 39.81
C MET C 131 -7.97 -49.54 41.33
N GLU C 132 -7.42 -50.48 42.09
CA GLU C 132 -7.36 -50.29 43.54
C GLU C 132 -6.53 -49.06 43.88
N GLU C 133 -5.39 -48.89 43.20
CA GLU C 133 -4.60 -47.67 43.36
C GLU C 133 -5.39 -46.43 42.95
N SER C 134 -6.18 -46.55 41.88
CA SER C 134 -6.94 -45.39 41.41
C SER C 134 -8.06 -45.02 42.37
N ILE C 135 -8.76 -46.01 42.92
CA ILE C 135 -9.84 -45.72 43.86
C ILE C 135 -9.28 -45.19 45.17
N SER C 136 -8.11 -45.67 45.59
CA SER C 136 -7.49 -45.19 46.83
C SER C 136 -7.12 -43.72 46.71
N TYR C 137 -6.54 -43.32 45.57
CA TYR C 137 -6.18 -41.93 45.37
C TYR C 137 -7.43 -41.06 45.23
N PHE C 138 -8.48 -41.60 44.59
CA PHE C 138 -9.77 -40.91 44.56
C PHE C 138 -10.28 -40.65 45.98
N SER C 139 -10.14 -41.64 46.86
CA SER C 139 -10.53 -41.44 48.26
C SER C 139 -9.75 -40.31 48.89
N ASP C 140 -8.44 -40.26 48.65
CA ASP C 140 -7.61 -39.18 49.20
C ASP C 140 -8.05 -37.83 48.68
N VAL C 141 -8.40 -37.73 47.39
CA VAL C 141 -8.87 -36.48 46.84
C VAL C 141 -10.18 -36.05 47.49
N ILE C 142 -11.11 -36.98 47.67
CA ILE C 142 -12.38 -36.65 48.30
C ILE C 142 -12.16 -36.20 49.74
N LYS C 143 -11.21 -36.82 50.43
CA LYS C 143 -10.91 -36.43 51.81
C LYS C 143 -10.41 -34.99 51.87
N GLU C 144 -9.59 -34.58 50.89
CA GLU C 144 -9.10 -33.20 50.88
C GLU C 144 -10.24 -32.21 50.62
N PHE C 145 -11.18 -32.57 49.74
CA PHE C 145 -12.37 -31.74 49.58
C PHE C 145 -13.13 -31.62 50.89
N ARG C 146 -13.23 -32.71 51.65
CA ARG C 146 -13.95 -32.67 52.92
C ARG C 146 -13.26 -31.75 53.93
N LYS C 147 -11.92 -31.83 54.02
CA LYS C 147 -11.21 -30.97 54.95
C LYS C 147 -11.27 -29.51 54.53
N LEU C 148 -11.38 -29.24 53.22
CA LEU C 148 -11.62 -27.89 52.74
C LEU C 148 -13.07 -27.47 52.85
N GLU C 149 -13.97 -28.42 53.14
CA GLU C 149 -15.40 -28.13 53.26
C GLU C 149 -15.96 -27.52 51.97
N ILE C 150 -15.57 -28.08 50.83
CA ILE C 150 -16.16 -27.73 49.56
C ILE C 150 -16.72 -29.00 48.93
N SER C 151 -17.70 -28.81 48.05
CA SER C 151 -18.39 -29.91 47.38
C SER C 151 -18.43 -29.66 45.88
N PRO C 152 -17.30 -29.81 45.20
CA PRO C 152 -17.32 -29.69 43.73
C PRO C 152 -18.13 -30.81 43.11
N LEU C 153 -18.70 -30.51 41.95
CA LEU C 153 -19.28 -31.57 41.12
C LEU C 153 -18.20 -32.58 40.79
N ILE C 154 -18.50 -33.85 41.01
CA ILE C 154 -17.59 -34.95 40.71
C ILE C 154 -18.05 -35.58 39.40
N TYR C 155 -17.17 -35.55 38.40
CA TYR C 155 -17.48 -36.13 37.09
C TYR C 155 -16.45 -37.21 36.80
N ILE C 156 -16.87 -38.46 36.85
CA ILE C 156 -15.99 -39.59 36.59
C ILE C 156 -15.98 -39.88 35.09
N PHE C 157 -14.78 -39.94 34.51
CA PHE C 157 -14.60 -40.37 33.12
C PHE C 157 -14.03 -41.79 33.14
N PHE C 158 -14.82 -42.76 32.71
CA PHE C 158 -14.31 -44.10 32.44
C PHE C 158 -13.65 -44.04 31.08
N HIS C 159 -12.34 -43.77 31.07
CA HIS C 159 -11.64 -43.41 29.85
C HIS C 159 -10.94 -44.61 29.24
N LYS C 160 -10.59 -44.46 27.96
CA LYS C 160 -10.07 -45.55 27.12
C LYS C 160 -11.14 -46.62 26.88
N PHE C 161 -12.40 -46.20 26.92
CA PHE C 161 -13.54 -47.03 26.56
C PHE C 161 -13.64 -47.15 25.04
N ASP C 162 -12.58 -47.70 24.44
CA ASP C 162 -12.45 -47.75 22.99
C ASP C 162 -13.52 -48.63 22.37
N PRO C 163 -13.91 -48.34 21.12
CA PRO C 163 -14.91 -49.21 20.46
C PRO C 163 -14.49 -50.66 20.36
N THR C 164 -13.23 -50.93 19.99
CA THR C 164 -12.77 -52.31 19.88
C THR C 164 -12.69 -52.96 21.26
N TYR C 165 -12.16 -52.24 22.26
CA TYR C 165 -12.07 -52.80 23.60
C TYR C 165 -13.44 -53.12 24.18
N ALA C 166 -14.39 -52.19 24.02
CA ALA C 166 -15.74 -52.42 24.55
C ALA C 166 -16.42 -53.57 23.84
N LYS C 167 -16.19 -53.70 22.53
CA LYS C 167 -16.80 -54.81 21.78
C LYS C 167 -16.27 -56.15 22.27
N ASN C 168 -14.98 -56.24 22.57
CA ASN C 168 -14.39 -57.53 22.94
C ASN C 168 -14.60 -57.85 24.42
N GLU C 169 -14.61 -56.85 25.29
CA GLU C 169 -14.81 -57.10 26.70
C GLU C 169 -16.29 -57.28 27.03
N GLY C 170 -17.15 -56.49 26.40
CA GLY C 170 -18.58 -56.71 26.53
C GLY C 170 -19.07 -56.54 27.96
N ILE C 171 -19.80 -57.55 28.43
CA ILE C 171 -20.48 -57.44 29.72
C ILE C 171 -19.51 -57.50 30.90
N HIS C 172 -18.31 -58.08 30.71
CA HIS C 172 -17.32 -58.09 31.79
C HIS C 172 -16.91 -56.67 32.15
N LEU C 173 -16.80 -55.79 31.15
CA LEU C 173 -16.46 -54.40 31.42
C LEU C 173 -17.59 -53.67 32.12
N GLU C 174 -18.84 -54.00 31.80
CA GLU C 174 -19.96 -53.35 32.46
C GLU C 174 -20.05 -53.75 33.93
N GLY C 175 -19.72 -55.01 34.25
CA GLY C 175 -19.66 -55.41 35.65
C GLY C 175 -18.55 -54.70 36.40
N LEU C 176 -17.42 -54.47 35.73
CA LEU C 176 -16.32 -53.75 36.35
C LEU C 176 -16.71 -52.31 36.65
N ILE C 177 -17.40 -51.65 35.70
CA ILE C 177 -17.87 -50.29 35.93
C ILE C 177 -18.85 -50.25 37.09
N SER C 178 -19.69 -51.29 37.22
CA SER C 178 -20.60 -51.36 38.36
C SER C 178 -19.84 -51.43 39.67
N GLN C 179 -18.74 -52.20 39.72
CA GLN C 179 -17.95 -52.28 40.94
C GLN C 179 -17.31 -50.94 41.27
N LEU C 180 -16.86 -50.21 40.25
CA LEU C 180 -16.28 -48.89 40.49
C LEU C 180 -17.33 -47.91 41.02
N LYS C 181 -18.54 -47.96 40.47
CA LYS C 181 -19.60 -47.07 40.95
C LYS C 181 -19.97 -47.38 42.39
N ASP C 182 -19.96 -48.67 42.77
CA ASP C 182 -20.26 -49.04 44.15
C ASP C 182 -19.20 -48.52 45.11
N GLU C 183 -17.92 -48.61 44.72
CA GLU C 183 -16.86 -48.11 45.57
C GLU C 183 -16.93 -46.59 45.71
N ILE C 184 -17.10 -45.90 44.58
CA ILE C 184 -17.21 -44.44 44.60
C ILE C 184 -18.39 -44.00 45.45
N ARG C 185 -19.50 -44.75 45.39
CA ARG C 185 -20.65 -44.44 46.22
C ARG C 185 -20.31 -44.53 47.70
N ASN C 186 -19.60 -45.59 48.10
CA ASN C 186 -19.22 -45.74 49.50
C ASN C 186 -18.29 -44.63 49.96
N ILE C 187 -17.51 -44.07 49.05
CA ILE C 187 -16.60 -42.98 49.40
C ILE C 187 -17.33 -41.65 49.48
N ILE C 188 -18.24 -41.41 48.52
CA ILE C 188 -18.92 -40.12 48.45
C ILE C 188 -19.85 -39.92 49.63
N GLU C 189 -20.60 -40.97 50.01
CA GLU C 189 -21.53 -40.91 51.14
C GLU C 189 -22.54 -39.78 51.00
N GLU C 190 -23.06 -39.60 49.78
CA GLU C 190 -24.08 -38.61 49.45
C GLU C 190 -23.69 -37.19 49.81
N GLU C 191 -22.40 -36.91 49.95
CA GLU C 191 -21.92 -35.56 50.22
C GLU C 191 -21.47 -34.84 48.94
N PHE C 192 -21.53 -35.50 47.80
CA PHE C 192 -21.12 -34.91 46.53
C PHE C 192 -22.07 -35.38 45.44
N ASN C 193 -22.31 -34.50 44.46
N ASN C 193 -22.27 -34.51 44.44
CA ASN C 193 -23.00 -34.90 43.24
CA ASN C 193 -23.00 -34.88 43.23
C ASN C 193 -22.00 -35.54 42.30
C ASN C 193 -22.02 -35.52 42.25
N VAL C 194 -22.32 -36.74 41.82
CA VAL C 194 -21.43 -37.52 40.97
C VAL C 194 -22.12 -37.83 39.65
N SER C 195 -21.40 -37.63 38.55
CA SER C 195 -21.85 -38.02 37.21
C SER C 195 -20.81 -38.93 36.57
N TYR C 196 -21.26 -39.78 35.66
CA TYR C 196 -20.40 -40.76 35.01
C TYR C 196 -20.50 -40.62 33.50
N SER C 197 -19.38 -40.87 32.81
CA SER C 197 -19.36 -40.90 31.36
C SER C 197 -18.29 -41.86 30.88
N ASN C 198 -18.55 -42.51 29.75
CA ASN C 198 -17.57 -43.31 29.04
C ASN C 198 -16.92 -42.44 27.97
N THR C 199 -15.59 -42.44 27.93
CA THR C 199 -14.84 -41.61 26.99
C THR C 199 -13.74 -42.42 26.33
N THR C 200 -13.33 -41.96 25.16
CA THR C 200 -12.24 -42.55 24.39
C THR C 200 -11.83 -41.56 23.31
N ILE C 201 -10.52 -41.44 23.07
CA ILE C 201 -10.05 -40.56 21.99
C ILE C 201 -10.43 -41.08 20.62
N TYR C 202 -10.89 -42.33 20.53
CA TYR C 202 -11.38 -42.89 19.27
C TYR C 202 -12.85 -42.60 19.01
N ASP C 203 -13.49 -41.78 19.86
CA ASP C 203 -14.87 -41.34 19.65
C ASP C 203 -14.92 -39.89 20.15
N LEU C 204 -14.63 -38.95 19.25
CA LEU C 204 -14.51 -37.54 19.64
C LEU C 204 -15.79 -37.04 20.30
N TRP C 205 -16.94 -37.51 19.83
CA TRP C 205 -18.21 -37.09 20.42
C TRP C 205 -18.31 -37.49 21.89
N SER C 206 -17.73 -38.62 22.28
CA SER C 206 -17.81 -39.04 23.67
C SER C 206 -17.17 -38.03 24.59
N ILE C 207 -16.05 -37.43 24.16
CA ILE C 207 -15.36 -36.44 24.98
C ILE C 207 -16.04 -35.08 24.87
N ILE C 208 -16.45 -34.68 23.66
CA ILE C 208 -17.07 -33.37 23.48
C ILE C 208 -18.38 -33.29 24.25
N SER C 209 -19.23 -34.32 24.11
CA SER C 209 -20.55 -34.26 24.75
C SER C 209 -20.44 -34.34 26.26
N SER C 210 -19.51 -35.15 26.77
CA SER C 210 -19.35 -35.26 28.22
C SER C 210 -18.90 -33.94 28.82
N PHE C 211 -17.91 -33.30 28.19
CA PHE C 211 -17.41 -32.02 28.70
C PHE C 211 -18.47 -30.93 28.55
N SER C 212 -19.25 -30.96 27.46
CA SER C 212 -20.34 -30.02 27.30
C SER C 212 -21.40 -30.22 28.37
N ASP C 213 -21.77 -31.48 28.63
CA ASP C 213 -22.74 -31.79 29.67
C ASP C 213 -22.28 -31.25 31.02
N LEU C 214 -20.97 -31.35 31.29
CA LEU C 214 -20.42 -30.85 32.55
C LEU C 214 -20.58 -29.33 32.65
N LEU C 215 -20.23 -28.61 31.58
CA LEU C 215 -20.35 -27.16 31.61
C LEU C 215 -21.80 -26.69 31.73
N LEU C 216 -22.73 -27.46 31.15
CA LEU C 216 -24.14 -27.10 31.26
C LEU C 216 -24.71 -27.38 32.65
N LYS C 217 -24.06 -28.23 33.44
CA LYS C 217 -24.45 -28.35 34.84
C LYS C 217 -23.98 -27.15 35.65
N ILE C 218 -22.81 -26.59 35.31
CA ILE C 218 -22.34 -25.38 35.97
C ILE C 218 -23.16 -24.18 35.54
N PHE C 219 -23.47 -24.08 34.25
CA PHE C 219 -24.21 -22.96 33.67
C PHE C 219 -25.51 -23.52 33.07
N PRO C 220 -26.52 -23.78 33.90
CA PRO C 220 -27.75 -24.39 33.38
C PRO C 220 -28.40 -23.53 32.32
N GLN C 221 -29.08 -24.19 31.40
CA GLN C 221 -29.82 -23.52 30.32
C GLN C 221 -31.31 -23.54 30.62
N SER C 222 -32.01 -22.58 30.02
CA SER C 222 -33.46 -22.56 30.11
C SER C 222 -34.06 -23.76 29.39
N GLU C 223 -35.18 -24.24 29.90
CA GLU C 223 -35.90 -25.32 29.22
C GLU C 223 -36.43 -24.87 27.86
N LEU C 224 -36.58 -23.55 27.66
CA LEU C 224 -37.03 -23.04 26.36
C LEU C 224 -36.06 -23.38 25.24
N LEU C 225 -34.80 -23.65 25.56
CA LEU C 225 -33.82 -23.95 24.51
C LEU C 225 -34.13 -25.29 23.85
N ASP C 226 -34.26 -26.36 24.66
CA ASP C 226 -34.62 -27.66 24.11
C ASP C 226 -35.95 -27.61 23.37
N LYS C 227 -36.94 -26.93 23.96
CA LYS C 227 -38.26 -26.87 23.34
C LYS C 227 -38.22 -26.13 22.00
N THR C 228 -37.46 -25.02 21.94
CA THR C 228 -37.32 -24.29 20.69
C THR C 228 -36.67 -25.16 19.62
N ILE C 229 -35.61 -25.87 19.97
CA ILE C 229 -34.96 -26.77 19.02
C ILE C 229 -35.90 -27.91 18.65
N GLN C 230 -36.58 -28.49 19.65
CA GLN C 230 -37.48 -29.60 19.40
C GLN C 230 -38.62 -29.20 18.48
N GLU C 231 -39.11 -27.97 18.62
CA GLU C 231 -40.23 -27.53 17.79
C GLU C 231 -39.77 -27.07 16.42
N PHE C 232 -38.56 -26.56 16.28
CA PHE C 232 -38.05 -26.16 14.98
C PHE C 232 -37.92 -27.36 14.07
N ALA C 233 -37.54 -28.47 14.62
CA ALA C 233 -37.37 -29.65 13.83
C ALA C 233 -38.71 -30.20 13.40
N GLU C 234 -39.69 -30.12 14.28
CA GLU C 234 -41.01 -30.63 13.96
C GLU C 234 -41.62 -29.85 12.85
N SER C 235 -41.13 -28.65 12.66
CA SER C 235 -41.60 -27.80 11.60
C SER C 235 -40.93 -28.21 10.30
N CYS C 240 -36.22 -32.96 9.16
CA CYS C 240 -35.12 -32.75 10.10
C CYS C 240 -34.63 -33.98 10.83
N ASN C 241 -33.46 -34.45 10.46
CA ASN C 241 -32.89 -35.59 11.12
C ASN C 241 -32.03 -35.18 12.34
N ALA C 242 -31.41 -34.02 12.30
CA ALA C 242 -30.52 -33.62 13.38
C ALA C 242 -30.08 -32.17 13.40
N ILE C 243 -29.79 -31.65 14.58
CA ILE C 243 -29.40 -30.26 14.74
C ILE C 243 -28.32 -30.16 15.81
N LEU C 244 -27.30 -29.35 15.56
CA LEU C 244 -26.27 -29.06 16.55
C LEU C 244 -26.08 -27.55 16.64
N VAL C 245 -26.02 -27.04 17.87
CA VAL C 245 -25.64 -25.66 18.14
C VAL C 245 -24.33 -25.71 18.92
N LEU C 246 -23.25 -25.21 18.31
CA LEU C 246 -21.93 -25.27 18.89
C LEU C 246 -21.41 -23.87 19.18
N ASP C 247 -20.54 -23.78 20.18
CA ASP C 247 -19.89 -22.51 20.49
C ASP C 247 -18.55 -22.47 19.75
N SER C 248 -17.74 -21.44 20.03
CA SER C 248 -16.48 -21.28 19.33
C SER C 248 -15.44 -22.32 19.74
N ASN C 249 -15.62 -22.97 20.88
CA ASN C 249 -14.79 -24.09 21.26
C ASN C 249 -15.25 -25.41 20.65
N SER C 250 -16.30 -25.37 19.82
CA SER C 250 -16.94 -26.56 19.25
C SER C 250 -17.62 -27.42 20.31
N LEU C 251 -17.92 -26.85 21.46
CA LEU C 251 -18.68 -27.56 22.47
C LEU C 251 -20.17 -27.50 22.14
N VAL C 252 -20.93 -28.43 22.72
CA VAL C 252 -22.34 -28.61 22.38
C VAL C 252 -23.19 -27.74 23.30
N ILE C 253 -23.91 -26.80 22.71
CA ILE C 253 -24.84 -25.94 23.44
C ILE C 253 -26.28 -26.44 23.31
N GLY C 254 -26.63 -26.96 22.14
CA GLY C 254 -27.94 -27.56 21.93
C GLY C 254 -27.83 -28.67 20.91
N GLN C 255 -28.77 -29.61 20.98
CA GLN C 255 -28.71 -30.76 20.09
C GLN C 255 -30.10 -31.37 19.92
N PHE C 256 -30.32 -31.95 18.74
CA PHE C 256 -31.51 -32.73 18.45
C PHE C 256 -31.10 -33.88 17.54
N PHE C 257 -31.59 -35.07 17.83
CA PHE C 257 -31.29 -36.25 17.02
C PHE C 257 -32.58 -37.05 16.84
N GLU C 258 -33.04 -37.16 15.59
CA GLU C 258 -34.28 -37.86 15.32
C GLU C 258 -34.17 -39.34 15.66
N ASN C 259 -33.00 -39.92 15.43
CA ASN C 259 -32.77 -41.33 15.73
C ASN C 259 -31.27 -41.54 15.91
N GLU C 260 -30.91 -42.76 16.32
CA GLU C 260 -29.52 -43.07 16.57
C GLU C 260 -28.68 -43.02 15.30
N GLU C 261 -29.29 -43.31 14.14
CA GLU C 261 -28.53 -43.30 12.90
C GLU C 261 -28.19 -41.88 12.47
N SER C 262 -29.16 -40.95 12.56
CA SER C 262 -28.90 -39.57 12.21
C SER C 262 -27.83 -38.96 13.13
N LYS C 263 -27.85 -39.33 14.41
CA LYS C 263 -26.85 -38.82 15.35
C LYS C 263 -25.45 -39.21 14.92
N GLN C 264 -25.25 -40.48 14.55
CA GLN C 264 -23.94 -40.92 14.11
C GLN C 264 -23.50 -40.19 12.85
N ILE C 265 -24.43 -39.91 11.94
CA ILE C 265 -24.08 -39.25 10.69
C ILE C 265 -23.60 -37.82 10.96
N LEU C 266 -24.36 -37.06 11.75
CA LEU C 266 -24.03 -35.65 11.92
C LEU C 266 -22.84 -35.46 12.87
N THR C 267 -22.81 -36.19 13.99
CA THR C 267 -21.72 -36.02 14.95
C THR C 267 -20.38 -36.34 14.32
N LYS C 268 -20.33 -37.39 13.48
CA LYS C 268 -19.09 -37.76 12.82
C LYS C 268 -18.74 -36.81 11.67
N SER C 269 -19.73 -36.14 11.08
CA SER C 269 -19.49 -35.29 9.93
C SER C 269 -19.22 -33.83 10.31
N THR C 270 -19.74 -33.39 11.45
CA THR C 270 -19.63 -31.98 11.81
C THR C 270 -18.19 -31.48 11.95
N PRO C 271 -17.26 -32.22 12.58
CA PRO C 271 -15.88 -31.69 12.68
C PRO C 271 -15.28 -31.29 11.34
N TYR C 272 -15.52 -32.08 10.29
CA TYR C 272 -14.99 -31.73 8.98
C TYR C 272 -15.79 -30.60 8.35
N PHE C 273 -17.08 -30.52 8.63
CA PHE C 273 -17.85 -29.33 8.26
C PHE C 273 -17.32 -28.11 8.98
N LEU C 274 -16.98 -28.25 10.26
CA LEU C 274 -16.33 -27.17 11.00
C LEU C 274 -14.96 -26.85 10.41
N THR C 275 -14.14 -27.89 10.22
CA THR C 275 -12.83 -27.69 9.62
C THR C 275 -12.92 -26.99 8.27
N LEU C 276 -13.93 -27.35 7.48
CA LEU C 276 -14.17 -26.65 6.22
C LEU C 276 -14.50 -25.19 6.46
N ASN C 277 -15.44 -24.94 7.36
CA ASN C 277 -15.84 -23.58 7.62
C ASN C 277 -14.71 -22.74 8.15
N ASP C 278 -14.13 -23.15 9.26
CA ASP C 278 -13.11 -22.34 9.91
C ASP C 278 -11.95 -22.06 9.03
N SER C 279 -11.55 -23.05 8.24
CA SER C 279 -10.42 -22.90 7.35
C SER C 279 -10.78 -21.99 6.18
N LEU C 280 -12.01 -22.08 5.71
CA LEU C 280 -12.42 -21.19 4.66
C LEU C 280 -12.74 -19.81 5.25
N SER C 289 -22.95 -18.46 5.59
CA SER C 289 -23.81 -19.63 5.47
C SER C 289 -23.39 -20.58 4.35
N MET C 290 -23.80 -21.84 4.45
CA MET C 290 -23.46 -22.82 3.45
C MET C 290 -24.54 -23.86 3.35
N ILE C 291 -24.67 -24.47 2.17
CA ILE C 291 -25.59 -25.57 1.99
C ILE C 291 -24.80 -26.69 1.32
N ILE C 292 -24.75 -27.87 1.93
CA ILE C 292 -23.98 -29.02 1.46
C ILE C 292 -24.92 -30.20 1.29
N GLU C 293 -24.73 -30.95 0.19
CA GLU C 293 -25.48 -32.16 -0.09
C GLU C 293 -24.50 -33.30 -0.36
N ARG C 294 -24.57 -34.35 0.44
CA ARG C 294 -23.75 -35.54 0.24
C ARG C 294 -24.56 -36.76 0.64
N GLY C 295 -24.63 -37.75 -0.25
CA GLY C 295 -25.42 -38.94 0.04
C GLY C 295 -26.90 -38.63 -0.11
N ASN C 296 -27.68 -39.12 0.86
CA ASN C 296 -29.12 -38.89 0.88
C ASN C 296 -29.51 -37.78 1.86
N LYS C 297 -28.57 -36.88 2.19
CA LYS C 297 -28.79 -35.87 3.20
C LYS C 297 -28.43 -34.48 2.66
N ARG C 298 -28.92 -33.46 3.36
CA ARG C 298 -28.62 -32.07 3.05
C ARG C 298 -28.28 -31.35 4.35
N PHE C 299 -27.27 -30.49 4.30
CA PHE C 299 -26.75 -29.82 5.48
C PHE C 299 -26.82 -28.30 5.32
N PHE C 300 -27.22 -27.63 6.40
CA PHE C 300 -27.29 -26.17 6.45
C PHE C 300 -26.43 -25.70 7.62
N THR C 301 -25.46 -24.85 7.34
CA THR C 301 -24.56 -24.32 8.36
C THR C 301 -24.71 -22.81 8.44
N ASP C 302 -24.64 -22.28 9.66
CA ASP C 302 -24.85 -20.87 9.90
C ASP C 302 -24.04 -20.46 11.13
N GLN C 303 -23.68 -19.18 11.17
CA GLN C 303 -23.01 -18.59 12.32
C GLN C 303 -23.82 -17.40 12.82
N PHE C 304 -23.82 -17.21 14.13
CA PHE C 304 -24.53 -16.11 14.75
C PHE C 304 -23.89 -15.78 16.08
N ARG C 305 -24.09 -14.55 16.53
CA ARG C 305 -23.54 -14.07 17.79
C ARG C 305 -24.64 -13.89 18.82
N ILE C 306 -24.28 -14.06 20.08
CA ILE C 306 -25.14 -13.70 21.19
C ILE C 306 -24.47 -12.55 21.94
N LYS C 307 -25.24 -11.88 22.79
CA LYS C 307 -24.81 -10.59 23.32
C LYS C 307 -23.63 -10.73 24.28
N ARG C 308 -23.62 -11.77 25.10
CA ARG C 308 -22.64 -11.87 26.17
C ARG C 308 -21.39 -12.66 25.79
N ALA C 309 -21.31 -13.20 24.58
CA ALA C 309 -20.19 -14.02 24.17
C ALA C 309 -19.29 -13.28 23.18
N SER C 310 -18.00 -13.60 23.23
CA SER C 310 -17.01 -12.93 22.38
C SER C 310 -17.11 -13.39 20.94
N GLU C 311 -17.03 -14.68 20.70
CA GLU C 311 -16.99 -15.28 19.37
C GLU C 311 -18.35 -15.82 18.99
N PRO C 312 -18.61 -16.03 17.69
CA PRO C 312 -19.93 -16.49 17.26
C PRO C 312 -20.16 -17.95 17.62
N LEU C 313 -21.43 -18.34 17.58
CA LEU C 313 -21.86 -19.72 17.72
C LEU C 313 -22.08 -20.32 16.35
N PHE C 314 -22.12 -21.65 16.30
CA PHE C 314 -22.22 -22.39 15.04
C PHE C 314 -23.48 -23.24 15.06
N LEU C 315 -24.27 -23.15 13.99
CA LEU C 315 -25.49 -23.92 13.82
C LEU C 315 -25.33 -24.82 12.59
N ILE C 316 -25.69 -26.09 12.73
CA ILE C 316 -25.70 -27.02 11.62
C ILE C 316 -26.95 -27.88 11.69
N ILE C 317 -27.63 -28.02 10.56
CA ILE C 317 -28.89 -28.76 10.47
C ILE C 317 -28.74 -29.79 9.36
N MET C 318 -29.14 -31.01 9.65
CA MET C 318 -29.14 -32.02 8.64
C MET C 318 -30.58 -32.42 8.35
N THR C 319 -30.96 -32.31 7.10
CA THR C 319 -32.30 -32.69 6.68
C THR C 319 -32.27 -33.74 5.63
N PRO C 320 -33.38 -34.42 5.47
CA PRO C 320 -33.42 -35.34 4.35
C PRO C 320 -33.40 -34.50 3.09
N LYS C 321 -32.82 -35.02 2.03
CA LYS C 321 -32.68 -34.23 0.80
C LYS C 321 -33.81 -34.43 -0.20
N LEU C 327 -35.43 -23.22 4.18
CA LEU C 327 -36.12 -21.94 4.12
C LEU C 327 -35.37 -20.91 4.92
N ARG C 328 -34.81 -19.93 4.22
CA ARG C 328 -34.02 -18.93 4.89
C ARG C 328 -34.82 -18.24 5.96
N GLU C 329 -36.10 -18.00 5.72
CA GLU C 329 -36.86 -17.26 6.72
C GLU C 329 -37.06 -18.08 7.99
N LYS C 330 -37.21 -19.40 7.86
CA LYS C 330 -37.38 -20.23 9.05
C LYS C 330 -36.09 -20.36 9.85
N ILE C 331 -34.95 -20.40 9.16
CA ILE C 331 -33.67 -20.44 9.87
C ILE C 331 -33.40 -19.13 10.58
N ASP C 332 -33.71 -18.01 9.93
CA ASP C 332 -33.46 -16.70 10.52
C ASP C 332 -34.33 -16.48 11.75
N SER C 333 -35.57 -16.97 11.74
CA SER C 333 -36.42 -16.85 12.92
C SER C 333 -35.97 -17.80 14.01
N PHE C 334 -35.45 -18.97 13.65
CA PHE C 334 -34.90 -19.89 14.64
C PHE C 334 -33.67 -19.30 15.30
N ILE C 335 -32.77 -18.71 14.50
CA ILE C 335 -31.59 -18.05 15.05
C ILE C 335 -31.98 -16.89 15.95
N THR C 336 -32.99 -16.12 15.55
CA THR C 336 -33.46 -15.01 16.36
C THR C 336 -33.90 -15.48 17.74
N LEU C 337 -34.64 -16.59 17.80
CA LEU C 337 -35.06 -17.12 19.09
C LEU C 337 -33.88 -17.63 19.91
N LEU C 338 -32.92 -18.30 19.27
CA LEU C 338 -31.73 -18.75 19.98
C LEU C 338 -30.99 -17.59 20.60
N GLN C 339 -30.87 -16.48 19.87
CA GLN C 339 -30.17 -15.30 20.37
C GLN C 339 -30.87 -14.68 21.58
N GLY C 340 -32.14 -15.00 21.81
CA GLY C 340 -32.87 -14.51 22.96
C GLY C 340 -33.02 -15.50 24.09
N ILE C 341 -32.47 -16.70 23.95
CA ILE C 341 -32.65 -17.79 24.92
C ILE C 341 -31.32 -18.24 25.51
N ILE C 342 -30.33 -18.49 24.65
CA ILE C 342 -29.03 -19.01 25.09
C ILE C 342 -28.36 -18.08 26.09
N SER D 42 10.39 -47.88 -15.07
CA SER D 42 10.07 -46.91 -14.03
C SER D 42 10.64 -45.54 -14.35
N GLU D 43 10.18 -44.53 -13.62
CA GLU D 43 10.65 -43.16 -13.77
C GLU D 43 11.35 -42.72 -12.49
N LYS D 44 12.29 -41.79 -12.64
CA LYS D 44 13.09 -41.33 -11.51
C LYS D 44 13.05 -39.81 -11.47
N ILE D 45 12.65 -39.26 -10.32
CA ILE D 45 12.67 -37.83 -10.06
C ILE D 45 13.67 -37.58 -8.94
N LEU D 46 14.55 -36.60 -9.14
CA LEU D 46 15.63 -36.31 -8.21
C LEU D 46 15.47 -34.90 -7.67
N PHE D 47 15.34 -34.80 -6.34
CA PHE D 47 15.41 -33.52 -5.63
C PHE D 47 16.84 -33.31 -5.16
N THR D 48 17.46 -32.20 -5.56
CA THR D 48 18.79 -31.89 -5.06
C THR D 48 18.92 -30.38 -4.92
N GLY D 49 20.10 -29.95 -4.47
CA GLY D 49 20.35 -28.59 -4.07
C GLY D 49 21.05 -28.54 -2.72
N LEU D 50 21.42 -27.32 -2.33
CA LEU D 50 22.13 -27.13 -1.09
C LEU D 50 21.27 -27.51 0.11
N ASP D 51 21.93 -27.85 1.21
CA ASP D 51 21.23 -27.98 2.47
C ASP D 51 20.53 -26.67 2.82
N ASN D 52 19.42 -26.78 3.54
CA ASN D 52 18.57 -25.68 3.99
C ASN D 52 17.78 -25.04 2.85
N SER D 53 17.90 -25.55 1.62
CA SER D 53 17.19 -24.93 0.50
C SER D 53 15.69 -25.19 0.54
N GLY D 54 15.24 -26.24 1.22
CA GLY D 54 13.84 -26.53 1.40
C GLY D 54 13.30 -27.75 0.67
N LYS D 55 14.16 -28.68 0.25
CA LYS D 55 13.71 -29.80 -0.59
C LYS D 55 12.72 -30.70 0.15
N THR D 56 13.05 -31.09 1.38
CA THR D 56 12.19 -32.01 2.11
C THR D 56 10.87 -31.35 2.49
N SER D 57 10.88 -30.05 2.79
CA SER D 57 9.65 -29.34 3.08
C SER D 57 8.71 -29.38 1.88
N ILE D 58 9.26 -29.21 0.67
CA ILE D 58 8.45 -29.32 -0.54
C ILE D 58 7.83 -30.70 -0.65
N ILE D 59 8.60 -31.74 -0.32
CA ILE D 59 8.08 -33.10 -0.39
C ILE D 59 7.00 -33.32 0.66
N LYS D 60 7.19 -32.73 1.85
CA LYS D 60 6.17 -32.85 2.89
C LYS D 60 4.85 -32.21 2.45
N VAL D 61 4.93 -31.09 1.73
CA VAL D 61 3.71 -30.49 1.18
C VAL D 61 3.05 -31.44 0.19
N LEU D 62 3.85 -32.03 -0.70
CA LEU D 62 3.31 -32.95 -1.68
C LEU D 62 2.70 -34.19 -1.03
N GLN D 63 3.18 -34.58 0.14
CA GLN D 63 2.69 -35.76 0.84
C GLN D 63 1.54 -35.44 1.81
N LYS D 64 1.03 -34.21 1.78
CA LYS D 64 -0.04 -33.79 2.69
C LYS D 64 0.37 -33.99 4.15
N GLU D 65 1.64 -33.72 4.45
CA GLU D 65 2.14 -33.83 5.81
C GLU D 65 2.75 -32.51 6.25
N ILE D 66 2.03 -31.42 6.01
CA ILE D 66 2.55 -30.08 6.34
C ILE D 66 2.82 -29.95 7.82
N SER D 67 2.08 -30.67 8.66
CA SER D 67 2.27 -30.58 10.11
C SER D 67 3.65 -31.07 10.54
N GLN D 68 4.34 -31.83 9.69
CA GLN D 68 5.65 -32.38 10.03
C GLN D 68 6.80 -31.49 9.63
N ILE D 69 6.53 -30.33 9.02
CA ILE D 69 7.61 -29.46 8.57
C ILE D 69 8.38 -28.88 9.75
N ALA D 70 7.68 -28.59 10.86
CA ALA D 70 8.36 -28.06 12.04
C ALA D 70 9.30 -29.06 12.68
N MET D 71 9.15 -30.35 12.37
CA MET D 71 9.97 -31.40 12.96
C MET D 71 11.10 -31.87 12.05
N LEU D 72 11.32 -31.18 10.94
CA LEU D 72 12.32 -31.63 9.97
C LEU D 72 13.73 -31.45 10.49
N LYS D 73 14.57 -32.43 10.20
CA LYS D 73 16.00 -32.41 10.48
C LYS D 73 16.74 -32.45 9.15
N PRO D 74 18.04 -32.11 9.14
CA PRO D 74 18.82 -32.26 7.91
C PRO D 74 18.78 -33.70 7.41
N THR D 75 18.55 -33.85 6.11
CA THR D 75 18.38 -35.16 5.51
C THR D 75 19.74 -35.84 5.33
N ARG D 76 19.83 -37.11 5.75
CA ARG D 76 21.07 -37.86 5.70
C ARG D 76 21.12 -38.65 4.40
N GLN D 77 21.99 -38.24 3.49
CA GLN D 77 22.20 -38.88 2.19
C GLN D 77 20.86 -38.89 1.44
N ALA D 78 20.53 -39.95 0.71
CA ALA D 78 19.36 -39.99 -0.15
C ALA D 78 18.22 -40.74 0.54
N GLN D 79 17.04 -40.12 0.57
CA GLN D 79 15.81 -40.78 1.00
C GLN D 79 14.95 -41.03 -0.22
N ARG D 80 14.43 -42.24 -0.35
CA ARG D 80 13.76 -42.68 -1.57
C ARG D 80 12.37 -43.21 -1.25
N LYS D 81 11.39 -42.79 -2.05
CA LYS D 81 10.02 -43.29 -1.96
C LYS D 81 9.52 -43.63 -3.36
N ILE D 82 8.43 -44.39 -3.41
CA ILE D 82 7.79 -44.79 -4.65
C ILE D 82 6.33 -44.42 -4.58
N PHE D 83 5.84 -43.71 -5.60
CA PHE D 83 4.43 -43.35 -5.71
C PHE D 83 3.94 -43.64 -7.13
N GLU D 84 2.62 -43.61 -7.28
CA GLU D 84 1.98 -43.88 -8.57
C GLU D 84 1.39 -42.60 -9.14
N PHE D 85 1.61 -42.39 -10.43
CA PHE D 85 0.98 -41.29 -11.18
C PHE D 85 0.33 -41.89 -12.42
N LEU D 86 -1.00 -41.96 -12.41
CA LEU D 86 -1.79 -42.44 -13.55
C LEU D 86 -1.30 -43.82 -14.02
N GLY D 87 -1.07 -44.70 -13.06
CA GLY D 87 -0.68 -46.06 -13.34
C GLY D 87 0.80 -46.30 -13.54
N ASN D 88 1.64 -45.27 -13.39
CA ASN D 88 3.08 -45.40 -13.57
C ASN D 88 3.79 -45.25 -12.24
N ASP D 89 4.64 -46.22 -11.91
CA ASP D 89 5.44 -46.16 -10.69
C ASP D 89 6.60 -45.20 -10.91
N ILE D 90 6.83 -44.32 -9.93
CA ILE D 90 7.86 -43.29 -10.01
C ILE D 90 8.66 -43.30 -8.72
N SER D 91 9.99 -43.41 -8.85
CA SER D 91 10.88 -43.34 -7.70
C SER D 91 11.28 -41.89 -7.48
N GLU D 92 11.24 -41.45 -6.23
CA GLU D 92 11.54 -40.07 -5.85
C GLU D 92 12.74 -40.08 -4.91
N TRP D 93 13.79 -39.35 -5.28
CA TRP D 93 15.02 -39.30 -4.51
C TRP D 93 15.17 -37.92 -3.88
N ASP D 94 15.30 -37.89 -2.55
CA ASP D 94 15.54 -36.67 -1.80
C ASP D 94 17.00 -36.73 -1.34
N LEU D 95 17.86 -35.97 -2.01
CA LEU D 95 19.29 -35.96 -1.71
C LEU D 95 19.57 -34.90 -0.65
N GLY D 96 19.95 -35.34 0.55
CA GLY D 96 20.40 -34.42 1.58
C GLY D 96 21.52 -33.54 1.09
N GLY D 97 21.43 -32.24 1.35
CA GLY D 97 22.29 -31.26 0.73
C GLY D 97 23.53 -30.82 1.49
N GLN D 98 23.75 -31.33 2.70
CA GLN D 98 24.95 -30.98 3.43
C GLN D 98 26.19 -31.40 2.63
N GLU D 99 27.27 -30.64 2.81
CA GLU D 99 28.44 -30.78 1.94
C GLU D 99 28.99 -32.20 1.95
N LYS D 100 29.07 -32.83 3.13
CA LYS D 100 29.60 -34.19 3.20
C LYS D 100 28.80 -35.17 2.37
N TYR D 101 27.52 -34.88 2.11
CA TYR D 101 26.72 -35.73 1.25
C TYR D 101 26.92 -35.39 -0.22
N ARG D 102 27.04 -34.10 -0.55
CA ARG D 102 27.27 -33.72 -1.93
C ARG D 102 28.60 -34.25 -2.45
N ILE D 103 29.61 -34.33 -1.58
CA ILE D 103 30.89 -34.94 -1.97
C ILE D 103 30.70 -36.41 -2.29
N ALA D 104 29.90 -37.12 -1.49
CA ALA D 104 29.64 -38.53 -1.73
C ALA D 104 28.87 -38.75 -3.02
N TYR D 105 27.93 -37.86 -3.34
CA TYR D 105 27.18 -37.98 -4.59
C TYR D 105 28.11 -37.86 -5.79
N LEU D 106 29.01 -36.86 -5.75
CA LEU D 106 29.92 -36.65 -6.88
C LEU D 106 31.02 -37.70 -6.94
N LYS D 107 31.31 -38.38 -5.84
CA LYS D 107 32.30 -39.45 -5.87
C LYS D 107 31.75 -40.68 -6.57
N GLU D 108 30.46 -40.97 -6.39
CA GLU D 108 29.80 -42.13 -7.01
C GLU D 108 28.59 -41.65 -7.79
N PRO D 109 28.81 -40.93 -8.89
CA PRO D 109 27.67 -40.32 -9.61
C PRO D 109 26.75 -41.33 -10.26
N THR D 110 27.21 -42.56 -10.53
CA THR D 110 26.33 -43.56 -11.11
C THR D 110 25.29 -44.03 -10.10
N LYS D 111 25.63 -44.02 -8.81
CA LYS D 111 24.70 -44.49 -7.78
C LYS D 111 23.59 -43.50 -7.48
N TYR D 112 23.73 -42.23 -7.88
CA TYR D 112 22.78 -41.20 -7.45
C TYR D 112 22.11 -40.48 -8.61
N PHE D 113 22.86 -40.09 -9.64
CA PHE D 113 22.32 -39.27 -10.71
C PHE D 113 21.88 -40.06 -11.93
N ASP D 114 22.30 -41.32 -12.06
CA ASP D 114 22.02 -42.07 -13.26
C ASP D 114 20.53 -42.38 -13.40
N ARG D 115 20.07 -42.47 -14.64
CA ARG D 115 18.72 -42.87 -15.00
C ARG D 115 17.65 -41.89 -14.53
N SER D 116 18.04 -40.64 -14.26
CA SER D 116 17.10 -39.63 -13.79
C SER D 116 16.30 -39.07 -14.96
N ASN D 117 14.97 -39.04 -14.80
CA ASN D 117 14.11 -38.43 -15.82
C ASN D 117 13.94 -36.93 -15.61
N VAL D 118 13.92 -36.48 -14.35
CA VAL D 118 13.83 -35.07 -14.02
C VAL D 118 14.78 -34.78 -12.86
N CYS D 119 15.46 -33.64 -12.93
CA CYS D 119 16.23 -33.13 -11.81
C CYS D 119 15.57 -31.85 -11.32
N ILE D 120 15.06 -31.87 -10.09
CA ILE D 120 14.52 -30.69 -9.44
C ILE D 120 15.63 -30.07 -8.62
N TYR D 121 16.10 -28.88 -9.02
CA TYR D 121 17.12 -28.16 -8.29
C TYR D 121 16.47 -27.05 -7.49
N VAL D 122 16.58 -27.12 -6.16
CA VAL D 122 15.92 -26.19 -5.26
C VAL D 122 16.91 -25.12 -4.84
N ILE D 123 16.54 -23.85 -5.00
CA ILE D 123 17.36 -22.72 -4.61
C ILE D 123 16.59 -21.90 -3.59
N ASP D 124 17.22 -21.63 -2.45
CA ASP D 124 16.68 -20.69 -1.46
C ASP D 124 16.97 -19.29 -1.96
N ILE D 125 15.96 -18.64 -2.57
CA ILE D 125 16.17 -17.31 -3.14
C ILE D 125 16.18 -16.22 -2.08
N GLN D 126 15.99 -16.56 -0.81
CA GLN D 126 16.20 -15.60 0.26
C GLN D 126 17.65 -15.53 0.72
N ASP D 127 18.46 -16.51 0.36
CA ASP D 127 19.83 -16.64 0.85
C ASP D 127 20.80 -16.25 -0.27
N ARG D 128 20.93 -14.93 -0.48
CA ARG D 128 21.84 -14.44 -1.51
C ARG D 128 23.28 -14.88 -1.25
N GLY D 129 23.66 -14.95 0.03
CA GLY D 129 25.03 -15.29 0.41
C GLY D 129 25.46 -16.70 0.07
N ARG D 130 24.54 -17.58 -0.29
CA ARG D 130 24.88 -18.95 -0.68
C ARG D 130 24.49 -19.26 -2.12
N MET D 131 24.11 -18.25 -2.92
CA MET D 131 23.68 -18.50 -4.28
C MET D 131 24.86 -18.91 -5.17
N GLU D 132 26.02 -18.27 -4.99
CA GLU D 132 27.20 -18.66 -5.76
C GLU D 132 27.60 -20.10 -5.45
N GLU D 133 27.50 -20.50 -4.19
CA GLU D 133 27.74 -21.89 -3.82
C GLU D 133 26.68 -22.81 -4.44
N SER D 134 25.43 -22.34 -4.52
CA SER D 134 24.37 -23.16 -5.08
C SER D 134 24.55 -23.36 -6.58
N ILE D 135 24.88 -22.29 -7.31
CA ILE D 135 25.08 -22.40 -8.75
C ILE D 135 26.26 -23.30 -9.06
N SER D 136 27.31 -23.22 -8.24
CA SER D 136 28.50 -24.04 -8.48
C SER D 136 28.20 -25.52 -8.34
N TYR D 137 27.41 -25.90 -7.33
CA TYR D 137 27.01 -27.29 -7.19
C TYR D 137 26.05 -27.71 -8.29
N PHE D 138 25.20 -26.79 -8.75
CA PHE D 138 24.34 -27.07 -9.89
C PHE D 138 25.17 -27.39 -11.13
N SER D 139 26.24 -26.62 -11.36
CA SER D 139 27.14 -26.90 -12.48
C SER D 139 27.78 -28.28 -12.33
N ASP D 140 28.15 -28.65 -11.11
CA ASP D 140 28.70 -29.99 -10.88
C ASP D 140 27.67 -31.06 -11.21
N VAL D 141 26.39 -30.82 -10.89
CA VAL D 141 25.35 -31.80 -11.17
C VAL D 141 25.16 -31.95 -12.68
N ILE D 142 25.08 -30.83 -13.40
CA ILE D 142 24.94 -30.88 -14.85
C ILE D 142 26.13 -31.61 -15.47
N LYS D 143 27.33 -31.38 -14.92
CA LYS D 143 28.52 -32.06 -15.45
C LYS D 143 28.41 -33.56 -15.28
N GLU D 144 27.81 -34.01 -14.19
CA GLU D 144 27.63 -35.45 -13.98
C GLU D 144 26.60 -36.03 -14.94
N PHE D 145 25.56 -35.26 -15.28
CA PHE D 145 24.61 -35.71 -16.29
C PHE D 145 25.29 -35.85 -17.65
N ARG D 146 26.18 -34.91 -17.98
CA ARG D 146 26.88 -34.98 -19.27
C ARG D 146 27.78 -36.19 -19.36
N LYS D 147 28.52 -36.49 -18.28
CA LYS D 147 29.41 -37.66 -18.31
C LYS D 147 28.62 -38.95 -18.40
N LEU D 148 27.38 -38.96 -17.91
CA LEU D 148 26.50 -40.12 -18.06
C LEU D 148 25.77 -40.12 -19.39
N GLU D 149 25.85 -39.03 -20.16
CA GLU D 149 25.22 -38.91 -21.47
C GLU D 149 23.70 -39.10 -21.38
N ILE D 150 23.11 -38.52 -20.34
CA ILE D 150 21.66 -38.48 -20.18
C ILE D 150 21.21 -37.03 -20.12
N SER D 151 19.96 -36.79 -20.51
CA SER D 151 19.41 -35.44 -20.57
C SER D 151 18.06 -35.41 -19.85
N PRO D 152 18.08 -35.43 -18.52
CA PRO D 152 16.83 -35.26 -17.78
C PRO D 152 16.28 -33.85 -17.94
N LEU D 153 14.97 -33.73 -17.75
CA LEU D 153 14.37 -32.41 -17.63
C LEU D 153 14.90 -31.71 -16.39
N ILE D 154 15.37 -30.48 -16.57
CA ILE D 154 15.87 -29.67 -15.46
C ILE D 154 14.75 -28.72 -15.03
N TYR D 155 14.30 -28.84 -13.79
CA TYR D 155 13.24 -28.00 -13.25
C TYR D 155 13.80 -27.23 -12.06
N ILE D 156 13.94 -25.92 -12.22
CA ILE D 156 14.49 -25.07 -11.17
C ILE D 156 13.36 -24.57 -10.30
N PHE D 157 13.47 -24.81 -8.99
CA PHE D 157 12.55 -24.25 -8.00
C PHE D 157 13.26 -23.10 -7.28
N PHE D 158 12.85 -21.87 -7.57
CA PHE D 158 13.27 -20.71 -6.78
C PHE D 158 12.40 -20.71 -5.54
N HIS D 159 12.86 -21.40 -4.50
CA HIS D 159 12.02 -21.73 -3.36
C HIS D 159 12.11 -20.66 -2.27
N LYS D 160 11.17 -20.73 -1.32
CA LYS D 160 10.99 -19.74 -0.26
C LYS D 160 10.57 -18.39 -0.82
N PHE D 161 9.92 -18.42 -1.97
CA PHE D 161 9.32 -17.23 -2.59
C PHE D 161 8.02 -16.87 -1.86
N ASP D 162 8.16 -16.59 -0.56
CA ASP D 162 7.01 -16.36 0.29
C ASP D 162 6.27 -15.09 -0.13
N PRO D 163 4.96 -15.01 0.13
CA PRO D 163 4.23 -13.78 -0.20
C PRO D 163 4.78 -12.54 0.46
N THR D 164 5.13 -12.61 1.74
CA THR D 164 5.66 -11.45 2.45
C THR D 164 7.04 -11.06 1.92
N TYR D 165 7.92 -12.04 1.75
CA TYR D 165 9.26 -11.75 1.24
C TYR D 165 9.22 -11.21 -0.17
N ALA D 166 8.39 -11.80 -1.04
CA ALA D 166 8.27 -11.31 -2.41
C ALA D 166 7.73 -9.89 -2.44
N LYS D 167 6.72 -9.60 -1.62
CA LYS D 167 6.14 -8.26 -1.61
C LYS D 167 7.14 -7.22 -1.14
N ASN D 168 7.95 -7.56 -0.13
CA ASN D 168 8.89 -6.59 0.42
C ASN D 168 10.13 -6.42 -0.45
N GLU D 169 10.57 -7.48 -1.14
CA GLU D 169 11.77 -7.38 -1.96
C GLU D 169 11.46 -6.95 -3.40
N GLY D 170 10.31 -7.35 -3.94
CA GLY D 170 9.82 -6.77 -5.17
C GLY D 170 10.79 -6.90 -6.34
N ILE D 171 11.07 -5.76 -6.99
CA ILE D 171 11.91 -5.77 -8.17
C ILE D 171 13.36 -6.10 -7.83
N HIS D 172 13.78 -5.88 -6.58
CA HIS D 172 15.14 -6.26 -6.19
C HIS D 172 15.32 -7.77 -6.26
N LEU D 173 14.31 -8.53 -5.86
CA LEU D 173 14.38 -9.99 -5.97
C LEU D 173 14.19 -10.46 -7.41
N GLU D 174 13.35 -9.75 -8.19
CA GLU D 174 13.12 -10.14 -9.58
C GLU D 174 14.41 -10.06 -10.39
N GLY D 175 15.20 -9.01 -10.19
CA GLY D 175 16.46 -8.90 -10.89
C GLY D 175 17.47 -9.96 -10.49
N LEU D 176 17.43 -10.38 -9.22
CA LEU D 176 18.33 -11.44 -8.76
C LEU D 176 17.96 -12.78 -9.38
N ILE D 177 16.66 -13.05 -9.51
CA ILE D 177 16.21 -14.27 -10.19
C ILE D 177 16.63 -14.23 -11.66
N SER D 178 16.56 -13.06 -12.28
CA SER D 178 16.96 -12.93 -13.68
C SER D 178 18.46 -13.23 -13.84
N GLN D 179 19.27 -12.82 -12.87
CA GLN D 179 20.69 -13.14 -12.92
C GLN D 179 20.92 -14.64 -12.73
N LEU D 180 20.13 -15.28 -11.88
CA LEU D 180 20.25 -16.73 -11.70
C LEU D 180 19.93 -17.47 -12.99
N LYS D 181 18.88 -17.04 -13.70
CA LYS D 181 18.52 -17.68 -14.95
C LYS D 181 19.66 -17.58 -15.97
N ASP D 182 20.34 -16.43 -16.00
CA ASP D 182 21.46 -16.27 -16.94
C ASP D 182 22.58 -17.25 -16.63
N GLU D 183 22.93 -17.42 -15.35
CA GLU D 183 23.95 -18.38 -14.97
C GLU D 183 23.53 -19.80 -15.34
N ILE D 184 22.28 -20.16 -15.06
CA ILE D 184 21.80 -21.50 -15.37
C ILE D 184 21.84 -21.75 -16.88
N ARG D 185 21.44 -20.74 -17.68
CA ARG D 185 21.45 -20.92 -19.12
C ARG D 185 22.85 -21.09 -19.68
N ASN D 186 23.82 -20.34 -19.15
CA ASN D 186 25.20 -20.50 -19.57
C ASN D 186 25.75 -21.87 -19.18
N ILE D 187 25.25 -22.45 -18.10
CA ILE D 187 25.64 -23.81 -17.72
C ILE D 187 24.95 -24.84 -18.61
N ILE D 188 23.69 -24.59 -18.98
CA ILE D 188 22.93 -25.57 -19.74
C ILE D 188 23.42 -25.64 -21.18
N GLU D 189 23.67 -24.48 -21.80
CA GLU D 189 24.14 -24.39 -23.19
C GLU D 189 23.19 -25.09 -24.16
N GLU D 190 21.88 -24.99 -23.87
CA GLU D 190 20.82 -25.55 -24.70
C GLU D 190 20.96 -27.06 -24.90
N GLU D 191 21.68 -27.74 -24.01
CA GLU D 191 21.79 -29.19 -24.04
C GLU D 191 20.74 -29.87 -23.18
N PHE D 192 19.95 -29.11 -22.43
CA PHE D 192 18.90 -29.65 -21.58
C PHE D 192 17.64 -28.80 -21.73
N ASN D 193 16.50 -29.41 -21.41
N ASN D 193 16.50 -29.40 -21.40
CA ASN D 193 15.25 -28.68 -21.29
CA ASN D 193 15.25 -28.67 -21.31
C ASN D 193 15.11 -28.14 -19.88
C ASN D 193 15.08 -28.14 -19.89
N VAL D 194 14.87 -26.84 -19.76
CA VAL D 194 14.83 -26.17 -18.47
C VAL D 194 13.46 -25.54 -18.26
N SER D 195 12.94 -25.67 -17.04
CA SER D 195 11.74 -24.98 -16.61
C SER D 195 12.01 -24.30 -15.27
N TYR D 196 11.32 -23.19 -15.03
CA TYR D 196 11.49 -22.40 -13.82
C TYR D 196 10.15 -22.22 -13.13
N SER D 197 10.18 -22.21 -11.80
CA SER D 197 8.98 -21.98 -11.00
C SER D 197 9.38 -21.33 -9.68
N ASN D 198 8.57 -20.36 -9.25
CA ASN D 198 8.69 -19.76 -7.93
C ASN D 198 7.81 -20.55 -6.97
N THR D 199 8.41 -21.07 -5.90
CA THR D 199 7.70 -21.93 -4.97
C THR D 199 7.87 -21.44 -3.54
N THR D 200 6.90 -21.80 -2.71
CA THR D 200 6.92 -21.47 -1.29
C THR D 200 5.91 -22.36 -0.57
N ILE D 201 6.26 -22.78 0.64
CA ILE D 201 5.35 -23.59 1.44
C ILE D 201 4.15 -22.79 1.93
N TYR D 202 4.20 -21.46 1.81
CA TYR D 202 3.08 -20.61 2.16
C TYR D 202 2.10 -20.40 1.01
N ASP D 203 2.31 -21.10 -0.11
CA ASP D 203 1.38 -21.09 -1.26
C ASP D 203 1.37 -22.51 -1.80
N LEU D 204 0.40 -23.31 -1.34
CA LEU D 204 0.38 -24.73 -1.69
C LEU D 204 0.26 -24.94 -3.19
N TRP D 205 -0.48 -24.06 -3.88
CA TRP D 205 -0.65 -24.23 -5.32
C TRP D 205 0.66 -24.06 -6.06
N SER D 206 1.56 -23.21 -5.56
CA SER D 206 2.86 -23.03 -6.22
C SER D 206 3.63 -24.34 -6.31
N ILE D 207 3.51 -25.19 -5.29
CA ILE D 207 4.24 -26.46 -5.27
C ILE D 207 3.46 -27.55 -6.01
N ILE D 208 2.14 -27.61 -5.81
CA ILE D 208 1.34 -28.64 -6.46
C ILE D 208 1.39 -28.48 -7.97
N SER D 209 1.19 -27.25 -8.47
CA SER D 209 1.10 -27.05 -9.92
C SER D 209 2.46 -27.27 -10.59
N SER D 210 3.54 -26.85 -9.94
CA SER D 210 4.87 -27.08 -10.50
C SER D 210 5.18 -28.57 -10.59
N PHE D 211 4.91 -29.31 -9.52
CA PHE D 211 5.15 -30.75 -9.53
C PHE D 211 4.22 -31.45 -10.52
N SER D 212 2.98 -30.97 -10.65
CA SER D 212 2.08 -31.52 -11.65
C SER D 212 2.58 -31.22 -13.05
N ASP D 213 2.98 -29.97 -13.31
CA ASP D 213 3.53 -29.60 -14.60
C ASP D 213 4.72 -30.48 -14.96
N LEU D 214 5.53 -30.81 -13.95
CA LEU D 214 6.72 -31.63 -14.17
C LEU D 214 6.33 -33.05 -14.58
N LEU D 215 5.37 -33.64 -13.88
CA LEU D 215 4.95 -35.01 -14.19
C LEU D 215 4.30 -35.09 -15.57
N LEU D 216 3.58 -34.04 -15.98
CA LEU D 216 2.91 -34.07 -17.27
C LEU D 216 3.89 -33.96 -18.44
N LYS D 217 5.12 -33.51 -18.19
CA LYS D 217 6.14 -33.53 -19.24
C LYS D 217 6.76 -34.91 -19.38
N ILE D 218 6.86 -35.66 -18.28
CA ILE D 218 7.27 -37.06 -18.39
C ILE D 218 6.22 -37.86 -19.13
N PHE D 219 4.94 -37.60 -18.86
CA PHE D 219 3.81 -38.30 -19.48
C PHE D 219 2.94 -37.27 -20.19
N PRO D 220 3.29 -36.91 -21.43
CA PRO D 220 2.51 -35.92 -22.16
C PRO D 220 1.06 -36.34 -22.32
N GLN D 221 0.16 -35.37 -22.25
CA GLN D 221 -1.27 -35.58 -22.41
C GLN D 221 -1.70 -35.25 -23.83
N SER D 222 -2.83 -35.82 -24.23
CA SER D 222 -3.43 -35.49 -25.51
C SER D 222 -3.98 -34.07 -25.49
N GLU D 223 -3.98 -33.43 -26.66
CA GLU D 223 -4.58 -32.10 -26.78
C GLU D 223 -6.08 -32.14 -26.59
N LEU D 224 -6.70 -33.32 -26.64
CA LEU D 224 -8.14 -33.42 -26.46
C LEU D 224 -8.56 -33.09 -25.03
N LEU D 225 -7.65 -33.27 -24.06
CA LEU D 225 -8.00 -33.02 -22.67
C LEU D 225 -8.28 -31.54 -22.43
N ASP D 226 -7.39 -30.67 -22.93
CA ASP D 226 -7.59 -29.23 -22.74
C ASP D 226 -8.79 -28.75 -23.55
N LYS D 227 -8.99 -29.29 -24.75
CA LYS D 227 -10.14 -28.90 -25.56
C LYS D 227 -11.45 -29.35 -24.94
N THR D 228 -11.49 -30.57 -24.40
CA THR D 228 -12.71 -31.08 -23.79
C THR D 228 -13.10 -30.26 -22.57
N ILE D 229 -12.12 -29.96 -21.70
CA ILE D 229 -12.40 -29.14 -20.52
C ILE D 229 -12.83 -27.75 -20.94
N GLN D 230 -12.22 -27.21 -22.00
CA GLN D 230 -12.62 -25.89 -22.49
C GLN D 230 -14.03 -25.90 -23.04
N GLU D 231 -14.38 -26.92 -23.83
CA GLU D 231 -15.71 -26.97 -24.43
C GLU D 231 -16.78 -27.16 -23.37
N PHE D 232 -16.52 -28.01 -22.37
CA PHE D 232 -17.50 -28.20 -21.30
C PHE D 232 -17.76 -26.91 -20.55
N ALA D 233 -16.69 -26.14 -20.27
CA ALA D 233 -16.87 -24.86 -19.61
C ALA D 233 -17.67 -23.88 -20.47
N GLU D 234 -17.59 -24.01 -21.79
CA GLU D 234 -18.38 -23.16 -22.66
C GLU D 234 -19.80 -23.66 -22.83
N SER D 235 -20.00 -24.98 -22.77
CA SER D 235 -21.36 -25.52 -22.82
C SER D 235 -22.19 -25.08 -21.61
N LEU D 236 -21.54 -24.74 -20.51
CA LEU D 236 -22.23 -24.18 -19.35
C LEU D 236 -22.53 -22.69 -19.52
N ASP D 237 -22.13 -22.11 -20.64
CA ASP D 237 -22.35 -20.68 -20.95
C ASP D 237 -21.60 -19.86 -19.88
N SER D 238 -22.18 -18.77 -19.37
CA SER D 238 -21.54 -17.96 -18.33
C SER D 238 -21.73 -18.56 -16.94
N ASN D 239 -21.73 -19.88 -16.83
CA ASN D 239 -21.95 -20.59 -15.57
C ASN D 239 -20.84 -21.61 -15.34
N CYS D 240 -19.59 -21.15 -15.42
CA CYS D 240 -18.44 -22.02 -15.14
C CYS D 240 -17.23 -21.12 -14.87
N ASN D 241 -16.88 -20.98 -13.60
CA ASN D 241 -15.76 -20.13 -13.20
C ASN D 241 -14.42 -20.86 -13.24
N ALA D 242 -14.38 -22.13 -12.83
CA ALA D 242 -13.12 -22.85 -12.77
C ALA D 242 -13.39 -24.34 -12.68
N ILE D 243 -12.43 -25.14 -13.15
CA ILE D 243 -12.49 -26.59 -13.14
C ILE D 243 -11.13 -27.13 -12.72
N LEU D 244 -11.14 -28.17 -11.89
CA LEU D 244 -9.92 -28.90 -11.54
C LEU D 244 -10.18 -30.39 -11.65
N VAL D 245 -9.24 -31.11 -12.25
CA VAL D 245 -9.24 -32.56 -12.30
C VAL D 245 -8.00 -33.03 -11.58
N LEU D 246 -8.18 -33.72 -10.45
CA LEU D 246 -7.08 -34.12 -9.58
C LEU D 246 -6.99 -35.63 -9.51
N ASP D 247 -5.78 -36.13 -9.28
CA ASP D 247 -5.58 -37.54 -9.03
C ASP D 247 -5.63 -37.79 -7.53
N SER D 248 -5.43 -39.05 -7.12
CA SER D 248 -5.51 -39.41 -5.71
C SER D 248 -4.34 -38.84 -4.90
N ASN D 249 -3.29 -38.35 -5.56
CA ASN D 249 -2.24 -37.59 -4.89
C ASN D 249 -2.60 -36.12 -4.73
N SER D 250 -3.79 -35.71 -5.17
CA SER D 250 -4.20 -34.31 -5.27
C SER D 250 -3.34 -33.51 -6.24
N LEU D 251 -2.71 -34.19 -7.19
CA LEU D 251 -1.98 -33.50 -8.25
C LEU D 251 -2.93 -33.16 -9.40
N VAL D 252 -2.58 -32.13 -10.14
CA VAL D 252 -3.48 -31.53 -11.12
C VAL D 252 -3.32 -32.26 -12.45
N ILE D 253 -4.40 -32.89 -12.91
CA ILE D 253 -4.41 -33.55 -14.21
C ILE D 253 -4.96 -32.62 -15.29
N GLY D 254 -5.94 -31.78 -14.93
CA GLY D 254 -6.48 -30.79 -15.84
C GLY D 254 -6.97 -29.60 -15.04
N GLN D 255 -7.10 -28.47 -15.73
CA GLN D 255 -7.48 -27.25 -15.04
C GLN D 255 -8.12 -26.27 -16.03
N PHE D 256 -9.03 -25.45 -15.49
CA PHE D 256 -9.66 -24.38 -16.24
C PHE D 256 -9.92 -23.24 -15.27
N PHE D 257 -9.61 -22.01 -15.71
CA PHE D 257 -9.84 -20.82 -14.90
C PHE D 257 -10.35 -19.72 -15.80
N GLU D 258 -11.57 -19.24 -15.53
CA GLU D 258 -12.14 -18.17 -16.35
C GLU D 258 -11.31 -16.90 -16.25
N ASN D 259 -10.83 -16.57 -15.06
CA ASN D 259 -9.98 -15.40 -14.85
C ASN D 259 -9.11 -15.65 -13.64
N GLU D 260 -8.31 -14.64 -13.27
CA GLU D 260 -7.38 -14.80 -12.15
C GLU D 260 -8.12 -14.89 -10.82
N GLU D 261 -9.25 -14.20 -10.68
CA GLU D 261 -9.97 -14.23 -9.41
C GLU D 261 -10.63 -15.59 -9.19
N SER D 262 -11.24 -16.17 -10.23
CA SER D 262 -11.81 -17.51 -10.10
C SER D 262 -10.72 -18.54 -9.81
N LYS D 263 -9.51 -18.30 -10.30
CA LYS D 263 -8.41 -19.22 -10.00
C LYS D 263 -8.05 -19.19 -8.51
N GLN D 264 -8.00 -18.00 -7.92
CA GLN D 264 -7.62 -17.90 -6.51
C GLN D 264 -8.68 -18.45 -5.57
N ILE D 265 -9.93 -18.51 -6.00
CA ILE D 265 -10.99 -18.98 -5.12
C ILE D 265 -11.01 -20.51 -5.07
N LEU D 266 -10.93 -21.16 -6.24
CA LEU D 266 -11.04 -22.61 -6.27
C LEU D 266 -9.78 -23.28 -5.72
N THR D 267 -8.60 -22.78 -6.12
CA THR D 267 -7.36 -23.42 -5.69
C THR D 267 -7.16 -23.30 -4.18
N LYS D 268 -7.54 -22.15 -3.59
CA LYS D 268 -7.40 -21.99 -2.16
C LYS D 268 -8.49 -22.70 -1.37
N SER D 269 -9.59 -23.09 -2.03
CA SER D 269 -10.68 -23.79 -1.36
C SER D 269 -10.61 -25.31 -1.54
N THR D 270 -10.08 -25.78 -2.66
CA THR D 270 -10.11 -27.20 -2.97
C THR D 270 -9.45 -28.09 -1.92
N PRO D 271 -8.28 -27.77 -1.35
CA PRO D 271 -7.71 -28.65 -0.31
C PRO D 271 -8.67 -28.95 0.84
N TYR D 272 -9.49 -27.97 1.22
CA TYR D 272 -10.48 -28.21 2.27
C TYR D 272 -11.70 -28.95 1.75
N PHE D 273 -12.04 -28.78 0.47
CA PHE D 273 -13.08 -29.61 -0.12
C PHE D 273 -12.63 -31.06 -0.21
N LEU D 274 -11.34 -31.29 -0.49
CA LEU D 274 -10.80 -32.64 -0.52
C LEU D 274 -10.77 -33.24 0.88
N THR D 275 -10.17 -32.52 1.84
CA THR D 275 -10.07 -33.01 3.21
C THR D 275 -11.45 -33.37 3.76
N LEU D 276 -12.46 -32.57 3.42
CA LEU D 276 -13.84 -32.93 3.77
C LEU D 276 -14.23 -34.26 3.14
N ASN D 277 -14.08 -34.36 1.81
CA ASN D 277 -14.49 -35.56 1.10
C ASN D 277 -13.70 -36.78 1.55
N ASP D 278 -12.39 -36.67 1.64
CA ASP D 278 -11.56 -37.79 2.04
C ASP D 278 -11.78 -38.25 3.46
N SER D 279 -11.84 -37.31 4.39
CA SER D 279 -12.11 -37.64 5.77
C SER D 279 -13.51 -38.16 5.90
N LEU D 280 -14.45 -37.64 5.10
CA LEU D 280 -15.75 -38.23 5.11
C LEU D 280 -15.57 -39.45 4.22
N SER D 289 -20.35 -37.95 -4.54
CA SER D 289 -20.75 -36.70 -5.16
C SER D 289 -21.25 -35.69 -4.13
N MET D 290 -21.18 -34.40 -4.45
CA MET D 290 -21.52 -33.39 -3.49
C MET D 290 -21.76 -32.05 -4.14
N ILE D 291 -22.63 -31.25 -3.56
CA ILE D 291 -22.85 -29.89 -4.03
C ILE D 291 -22.73 -28.97 -2.84
N ILE D 292 -21.98 -27.89 -2.99
CA ILE D 292 -21.69 -26.96 -1.91
C ILE D 292 -21.93 -25.54 -2.39
N GLU D 293 -22.60 -24.73 -1.57
CA GLU D 293 -22.86 -23.33 -1.86
C GLU D 293 -22.32 -22.47 -0.73
N ARG D 294 -21.35 -21.63 -1.03
CA ARG D 294 -20.77 -20.71 -0.05
C ARG D 294 -20.51 -19.37 -0.74
N GLY D 295 -21.08 -18.31 -0.18
CA GLY D 295 -20.94 -17.00 -0.79
C GLY D 295 -21.81 -16.87 -2.01
N ASN D 296 -21.24 -16.35 -3.10
CA ASN D 296 -21.92 -16.25 -4.38
C ASN D 296 -21.47 -17.33 -5.36
N LYS D 297 -21.08 -18.49 -4.85
CA LYS D 297 -20.55 -19.58 -5.66
C LYS D 297 -21.24 -20.89 -5.32
N ARG D 298 -21.20 -21.81 -6.28
CA ARG D 298 -21.68 -23.18 -6.10
C ARG D 298 -20.62 -24.14 -6.62
N PHE D 299 -20.41 -25.23 -5.88
CA PHE D 299 -19.34 -26.19 -6.18
C PHE D 299 -19.94 -27.57 -6.39
N PHE D 300 -19.40 -28.29 -7.36
CA PHE D 300 -19.78 -29.67 -7.64
C PHE D 300 -18.54 -30.55 -7.59
N THR D 301 -18.58 -31.59 -6.77
CA THR D 301 -17.46 -32.51 -6.62
C THR D 301 -17.90 -33.92 -7.04
N ASP D 302 -16.97 -34.64 -7.66
CA ASP D 302 -17.25 -35.99 -8.17
C ASP D 302 -15.97 -36.79 -8.19
N GLN D 303 -16.10 -38.10 -8.01
CA GLN D 303 -15.00 -39.04 -8.14
C GLN D 303 -15.29 -40.00 -9.28
N PHE D 304 -14.25 -40.33 -10.05
CA PHE D 304 -14.37 -41.29 -11.14
C PHE D 304 -13.05 -42.01 -11.30
N ARG D 305 -13.12 -43.24 -11.81
CA ARG D 305 -11.95 -44.07 -12.03
C ARG D 305 -11.62 -44.15 -13.51
N ILE D 306 -10.35 -44.39 -13.81
CA ILE D 306 -9.91 -44.70 -15.16
C ILE D 306 -9.31 -46.10 -15.13
N LYS D 307 -9.16 -46.69 -16.32
CA LYS D 307 -8.83 -48.10 -16.42
C LYS D 307 -7.44 -48.41 -15.89
N ARG D 308 -6.45 -47.57 -16.20
CA ARG D 308 -5.07 -47.89 -15.90
C ARG D 308 -4.60 -47.42 -14.52
N ALA D 309 -5.44 -46.68 -13.78
CA ALA D 309 -5.04 -46.15 -12.49
C ALA D 309 -5.74 -46.90 -11.36
N SER D 310 -5.07 -46.95 -10.21
CA SER D 310 -5.54 -47.77 -9.09
C SER D 310 -6.63 -47.05 -8.28
N GLU D 311 -6.50 -45.75 -8.09
CA GLU D 311 -7.37 -44.98 -7.22
C GLU D 311 -8.17 -43.97 -8.04
N PRO D 312 -9.32 -43.53 -7.53
CA PRO D 312 -10.16 -42.60 -8.30
C PRO D 312 -9.53 -41.24 -8.47
N LEU D 313 -9.99 -40.54 -9.50
CA LEU D 313 -9.64 -39.14 -9.72
C LEU D 313 -10.73 -38.26 -9.13
N PHE D 314 -10.43 -36.96 -9.04
CA PHE D 314 -11.32 -36.01 -8.39
C PHE D 314 -11.65 -34.87 -9.35
N LEU D 315 -12.92 -34.54 -9.47
CA LEU D 315 -13.40 -33.45 -10.31
C LEU D 315 -14.14 -32.44 -9.44
N ILE D 316 -13.86 -31.16 -9.65
CA ILE D 316 -14.52 -30.09 -8.91
C ILE D 316 -14.78 -28.92 -9.86
N ILE D 317 -16.01 -28.43 -9.86
CA ILE D 317 -16.45 -27.35 -10.75
C ILE D 317 -17.01 -26.23 -9.90
N MET D 318 -16.59 -25.00 -10.18
CA MET D 318 -17.08 -23.82 -9.49
C MET D 318 -17.90 -22.99 -10.48
N THR D 319 -19.13 -22.73 -10.12
CA THR D 319 -20.02 -21.94 -10.96
C THR D 319 -20.58 -20.81 -10.19
N PRO D 320 -21.13 -19.85 -10.92
CA PRO D 320 -21.82 -18.79 -10.20
C PRO D 320 -23.11 -19.36 -9.67
N LYS D 321 -23.62 -18.78 -8.60
CA LYS D 321 -24.88 -19.22 -8.03
C LYS D 321 -26.06 -18.52 -8.70
N LEU D 327 -26.78 -29.76 -13.69
CA LEU D 327 -27.42 -30.82 -14.43
C LEU D 327 -26.63 -32.11 -14.26
N ARG D 328 -27.28 -33.18 -13.80
CA ARG D 328 -26.48 -34.37 -13.52
C ARG D 328 -26.07 -35.10 -14.80
N GLU D 329 -26.88 -34.95 -15.86
CA GLU D 329 -26.56 -35.62 -17.12
C GLU D 329 -25.34 -35.00 -17.79
N LYS D 330 -25.12 -33.70 -17.62
CA LYS D 330 -23.99 -33.04 -18.26
C LYS D 330 -22.67 -33.42 -17.59
N ILE D 331 -22.69 -33.56 -16.26
CA ILE D 331 -21.46 -33.89 -15.54
C ILE D 331 -21.06 -35.34 -15.81
N ASP D 332 -22.04 -36.24 -15.92
CA ASP D 332 -21.74 -37.64 -16.21
C ASP D 332 -21.14 -37.80 -17.59
N SER D 333 -21.68 -37.08 -18.58
CA SER D 333 -21.15 -37.19 -19.94
C SER D 333 -19.74 -36.60 -20.03
N PHE D 334 -19.50 -35.50 -19.31
CA PHE D 334 -18.16 -34.92 -19.27
C PHE D 334 -17.18 -35.88 -18.61
N ILE D 335 -17.64 -36.60 -17.58
CA ILE D 335 -16.79 -37.60 -16.93
C ILE D 335 -16.48 -38.74 -17.90
N THR D 336 -17.50 -39.20 -18.64
CA THR D 336 -17.30 -40.27 -19.61
C THR D 336 -16.26 -39.88 -20.66
N LEU D 337 -16.27 -38.63 -21.09
CA LEU D 337 -15.25 -38.16 -22.03
C LEU D 337 -13.87 -38.21 -21.41
N LEU D 338 -13.74 -37.74 -20.15
CA LEU D 338 -12.44 -37.73 -19.50
C LEU D 338 -11.87 -39.13 -19.33
N GLN D 339 -12.74 -40.11 -19.09
CA GLN D 339 -12.30 -41.48 -18.89
C GLN D 339 -11.67 -42.09 -20.15
N GLY D 340 -11.98 -41.55 -21.32
CA GLY D 340 -11.40 -42.05 -22.56
C GLY D 340 -10.25 -41.22 -23.07
N ILE D 341 -10.01 -40.07 -22.45
CA ILE D 341 -8.96 -39.15 -22.88
C ILE D 341 -7.75 -39.22 -21.96
N ILE D 342 -7.97 -39.24 -20.65
CA ILE D 342 -6.87 -39.24 -19.68
C ILE D 342 -6.08 -40.53 -19.77
N SER E 42 -24.49 53.61 2.61
CA SER E 42 -23.34 53.20 1.81
C SER E 42 -23.30 53.95 0.48
N GLU E 43 -22.36 53.58 -0.38
CA GLU E 43 -22.20 54.21 -1.68
C GLU E 43 -22.22 53.15 -2.77
N LYS E 44 -22.71 53.54 -3.95
CA LYS E 44 -22.87 52.62 -5.07
C LYS E 44 -22.18 53.20 -6.30
N ILE E 45 -21.37 52.38 -6.95
CA ILE E 45 -20.71 52.75 -8.20
C ILE E 45 -21.14 51.76 -9.27
N LEU E 46 -21.65 52.28 -10.39
CA LEU E 46 -22.21 51.45 -11.45
C LEU E 46 -21.33 51.57 -12.69
N PHE E 47 -20.74 50.45 -13.11
CA PHE E 47 -20.04 50.35 -14.39
C PHE E 47 -21.04 49.89 -15.44
N THR E 48 -21.21 50.67 -16.51
CA THR E 48 -22.10 50.28 -17.59
C THR E 48 -21.50 50.72 -18.92
N GLY E 49 -22.17 50.34 -20.00
CA GLY E 49 -21.68 50.54 -21.34
C GLY E 49 -21.93 49.32 -22.21
N LEU E 50 -21.61 49.42 -23.50
CA LEU E 50 -21.83 48.28 -24.39
C LEU E 50 -20.90 47.13 -24.04
N ASP E 51 -21.28 45.93 -24.48
CA ASP E 51 -20.37 44.80 -24.39
C ASP E 51 -19.12 45.09 -25.21
N ASN E 52 -18.00 44.48 -24.80
CA ASN E 52 -16.68 44.64 -25.39
C ASN E 52 -16.08 46.02 -25.15
N SER E 53 -16.75 46.89 -24.38
CA SER E 53 -16.22 48.23 -24.16
C SER E 53 -15.01 48.21 -23.23
N GLY E 54 -14.91 47.21 -22.37
CA GLY E 54 -13.77 47.05 -21.49
C GLY E 54 -14.03 47.25 -20.00
N LYS E 55 -15.28 47.15 -19.55
CA LYS E 55 -15.60 47.46 -18.16
C LYS E 55 -14.91 46.52 -17.19
N THR E 56 -15.05 45.21 -17.41
CA THR E 56 -14.48 44.24 -16.48
C THR E 56 -12.96 44.31 -16.50
N SER E 57 -12.36 44.57 -17.65
CA SER E 57 -10.91 44.76 -17.71
C SER E 57 -10.48 45.94 -16.85
N ILE E 58 -11.28 47.02 -16.84
CA ILE E 58 -10.98 48.17 -15.99
C ILE E 58 -11.01 47.75 -14.52
N ILE E 59 -12.04 47.00 -14.14
CA ILE E 59 -12.18 46.55 -12.76
C ILE E 59 -11.01 45.62 -12.39
N LYS E 60 -10.57 44.78 -13.33
CA LYS E 60 -9.45 43.90 -13.05
C LYS E 60 -8.18 44.67 -12.78
N VAL E 61 -7.96 45.77 -13.51
CA VAL E 61 -6.81 46.63 -13.24
C VAL E 61 -6.93 47.24 -11.84
N LEU E 62 -8.14 47.65 -11.44
CA LEU E 62 -8.32 48.24 -10.13
C LEU E 62 -8.07 47.25 -9.01
N GLN E 63 -8.36 45.97 -9.24
CA GLN E 63 -8.15 44.91 -8.26
C GLN E 63 -6.73 44.35 -8.29
N LYS E 64 -5.82 44.96 -9.06
CA LYS E 64 -4.46 44.46 -9.24
C LYS E 64 -4.42 43.06 -9.84
N GLU E 65 -5.50 42.64 -10.48
CA GLU E 65 -5.60 41.31 -11.09
C GLU E 65 -5.46 41.40 -12.61
N ILE E 66 -4.37 42.01 -13.07
CA ILE E 66 -4.16 42.19 -14.50
C ILE E 66 -3.98 40.84 -15.20
N SER E 67 -3.45 39.84 -14.50
CA SER E 67 -3.17 38.55 -15.11
C SER E 67 -4.43 37.83 -15.59
N GLN E 68 -5.60 38.22 -15.07
CA GLN E 68 -6.86 37.56 -15.40
C GLN E 68 -7.59 38.21 -16.57
N ILE E 69 -6.97 39.19 -17.22
CA ILE E 69 -7.65 39.88 -18.33
C ILE E 69 -7.72 38.96 -19.55
N ALA E 70 -6.68 38.14 -19.77
CA ALA E 70 -6.71 37.21 -20.89
C ALA E 70 -7.77 36.13 -20.72
N MET E 71 -8.20 35.85 -19.49
CA MET E 71 -9.20 34.83 -19.21
C MET E 71 -10.60 35.41 -19.05
N LEU E 72 -10.84 36.59 -19.60
CA LEU E 72 -12.13 37.27 -19.40
C LEU E 72 -13.17 36.76 -20.37
N LYS E 73 -14.30 36.35 -19.85
CA LYS E 73 -15.50 36.01 -20.61
C LYS E 73 -16.52 37.13 -20.46
N PRO E 74 -17.49 37.22 -21.38
CA PRO E 74 -18.55 38.22 -21.22
C PRO E 74 -19.24 38.11 -19.87
N THR E 75 -19.47 39.26 -19.25
CA THR E 75 -20.03 39.30 -17.91
C THR E 75 -21.53 39.00 -17.95
N ARG E 76 -21.97 38.07 -17.10
CA ARG E 76 -23.35 37.61 -17.08
C ARG E 76 -24.15 38.46 -16.09
N GLN E 77 -24.94 39.39 -16.64
CA GLN E 77 -25.79 40.28 -15.81
C GLN E 77 -24.93 41.18 -14.91
N ALA E 78 -25.20 41.19 -13.60
CA ALA E 78 -24.50 42.09 -12.69
C ALA E 78 -23.58 41.31 -11.77
N GLN E 79 -22.31 41.70 -11.73
CA GLN E 79 -21.34 41.19 -10.77
C GLN E 79 -20.99 42.30 -9.79
N ARG E 80 -21.10 41.97 -8.50
CA ARG E 80 -21.03 42.98 -7.45
C ARG E 80 -19.98 42.60 -6.40
N LYS E 81 -19.23 43.61 -5.94
CA LYS E 81 -18.28 43.45 -4.86
C LYS E 81 -18.37 44.65 -3.93
N ILE E 82 -17.76 44.52 -2.75
CA ILE E 82 -17.73 45.58 -1.75
C ILE E 82 -16.28 45.83 -1.36
N PHE E 83 -15.88 47.10 -1.35
CA PHE E 83 -14.55 47.48 -0.88
C PHE E 83 -14.66 48.71 0.00
N GLU E 84 -13.57 49.00 0.70
CA GLU E 84 -13.52 50.12 1.63
C GLU E 84 -12.59 51.20 1.09
N PHE E 85 -13.06 52.44 1.12
CA PHE E 85 -12.25 53.61 0.79
C PHE E 85 -12.23 54.52 2.01
N LEU E 86 -11.13 54.48 2.76
CA LEU E 86 -10.93 55.34 3.92
C LEU E 86 -12.09 55.23 4.91
N GLY E 87 -12.42 54.00 5.27
CA GLY E 87 -13.45 53.74 6.26
C GLY E 87 -14.88 53.76 5.75
N ASN E 88 -15.09 53.90 4.45
CA ASN E 88 -16.43 53.91 3.87
C ASN E 88 -16.60 52.71 2.95
N ASP E 89 -17.69 51.96 3.16
CA ASP E 89 -18.01 50.82 2.31
C ASP E 89 -18.63 51.29 1.01
N ILE E 90 -18.22 50.67 -0.09
CA ILE E 90 -18.67 51.03 -1.43
C ILE E 90 -19.04 49.76 -2.18
N SER E 91 -20.23 49.73 -2.76
CA SER E 91 -20.65 48.63 -3.61
C SER E 91 -20.31 48.95 -5.06
N GLU E 92 -19.75 47.97 -5.76
CA GLU E 92 -19.31 48.13 -7.14
C GLU E 92 -20.10 47.17 -8.01
N TRP E 93 -20.79 47.71 -9.01
CA TRP E 93 -21.67 46.92 -9.89
C TRP E 93 -21.08 46.90 -11.29
N ASP E 94 -20.78 45.70 -11.79
CA ASP E 94 -20.35 45.50 -13.17
C ASP E 94 -21.53 44.93 -13.95
N LEU E 95 -22.11 45.74 -14.82
CA LEU E 95 -23.26 45.34 -15.62
C LEU E 95 -22.77 44.83 -16.98
N GLY E 96 -22.96 43.54 -17.23
CA GLY E 96 -22.67 42.97 -18.53
C GLY E 96 -23.35 43.73 -19.65
N GLY E 97 -22.62 44.01 -20.72
CA GLY E 97 -23.09 44.90 -21.77
C GLY E 97 -23.77 44.25 -22.95
N GLN E 98 -23.98 42.93 -22.94
CA GLN E 98 -24.69 42.29 -24.03
C GLN E 98 -26.15 42.76 -24.06
N GLU E 99 -26.71 42.81 -25.27
CA GLU E 99 -28.02 43.43 -25.46
C GLU E 99 -29.09 42.74 -24.62
N LYS E 100 -29.03 41.41 -24.51
CA LYS E 100 -30.02 40.69 -23.72
C LYS E 100 -29.97 41.09 -22.25
N TYR E 101 -28.81 41.52 -21.76
CA TYR E 101 -28.71 42.01 -20.40
C TYR E 101 -29.14 43.46 -20.29
N ARG E 102 -28.83 44.27 -21.30
CA ARG E 102 -29.23 45.68 -21.28
C ARG E 102 -30.75 45.82 -21.31
N ILE E 103 -31.41 44.96 -22.07
CA ILE E 103 -32.88 44.96 -22.10
C ILE E 103 -33.42 44.60 -20.71
N ALA E 104 -32.76 43.67 -20.02
CA ALA E 104 -33.19 43.30 -18.68
C ALA E 104 -33.00 44.46 -17.71
N TYR E 105 -31.92 45.22 -17.86
CA TYR E 105 -31.71 46.38 -17.01
C TYR E 105 -32.79 47.43 -17.23
N LEU E 106 -33.20 47.62 -18.49
CA LEU E 106 -34.24 48.61 -18.80
C LEU E 106 -35.64 48.11 -18.47
N LYS E 107 -35.81 46.80 -18.31
CA LYS E 107 -37.12 46.28 -17.91
C LYS E 107 -37.35 46.47 -16.42
N GLU E 108 -36.31 46.33 -15.60
CA GLU E 108 -36.39 46.47 -14.15
C GLU E 108 -35.38 47.52 -13.70
N PRO E 109 -35.63 48.80 -14.00
CA PRO E 109 -34.63 49.83 -13.70
C PRO E 109 -34.37 50.01 -12.21
N THR E 110 -35.36 49.78 -11.35
CA THR E 110 -35.18 49.95 -9.92
C THR E 110 -34.18 48.94 -9.36
N LYS E 111 -34.09 47.76 -9.97
CA LYS E 111 -33.20 46.72 -9.47
C LYS E 111 -31.73 46.98 -9.78
N TYR E 112 -31.43 47.82 -10.76
CA TYR E 112 -30.06 47.99 -11.22
C TYR E 112 -29.55 49.42 -11.07
N PHE E 113 -30.31 50.41 -11.52
CA PHE E 113 -29.83 51.79 -11.58
C PHE E 113 -30.15 52.61 -10.34
N ASP E 114 -31.04 52.14 -9.48
CA ASP E 114 -31.47 52.95 -8.35
C ASP E 114 -30.35 53.14 -7.34
N ARG E 115 -30.39 54.30 -6.67
CA ARG E 115 -29.48 54.64 -5.57
C ARG E 115 -28.02 54.68 -6.00
N SER E 116 -27.76 54.79 -7.29
CA SER E 116 -26.39 54.90 -7.77
C SER E 116 -25.83 56.29 -7.45
N ASN E 117 -24.66 56.32 -6.83
CA ASN E 117 -23.97 57.58 -6.55
C ASN E 117 -23.11 58.04 -7.71
N VAL E 118 -22.46 57.10 -8.40
CA VAL E 118 -21.69 57.41 -9.60
C VAL E 118 -22.01 56.37 -10.65
N CYS E 119 -22.17 56.82 -11.89
CA CYS E 119 -22.27 55.94 -13.04
C CYS E 119 -21.03 56.13 -13.91
N ILE E 120 -20.29 55.06 -14.13
CA ILE E 120 -19.15 55.06 -15.04
C ILE E 120 -19.63 54.49 -16.36
N TYR E 121 -19.63 55.31 -17.41
CA TYR E 121 -20.03 54.87 -18.74
C TYR E 121 -18.78 54.70 -19.59
N VAL E 122 -18.51 53.46 -20.00
CA VAL E 122 -17.29 53.09 -20.69
C VAL E 122 -17.57 53.04 -22.19
N ILE E 123 -16.76 53.74 -22.97
CA ILE E 123 -16.89 53.80 -24.42
C ILE E 123 -15.59 53.34 -25.04
N ASP E 124 -15.67 52.31 -25.89
CA ASP E 124 -14.54 51.87 -26.72
C ASP E 124 -14.32 52.91 -27.81
N ILE E 125 -13.31 53.77 -27.64
CA ILE E 125 -13.09 54.84 -28.62
C ILE E 125 -12.32 54.37 -29.84
N GLN E 126 -11.97 53.08 -29.90
CA GLN E 126 -11.42 52.49 -31.11
C GLN E 126 -12.50 51.96 -32.05
N ASP E 127 -13.73 51.79 -31.56
CA ASP E 127 -14.81 51.16 -32.31
C ASP E 127 -15.80 52.25 -32.73
N ARG E 128 -15.48 52.92 -33.84
CA ARG E 128 -16.35 53.98 -34.35
C ARG E 128 -17.70 53.41 -34.77
N GLY E 129 -17.71 52.20 -35.35
CA GLY E 129 -18.93 51.61 -35.85
C GLY E 129 -19.99 51.36 -34.80
N ARG E 130 -19.63 51.36 -33.52
CA ARG E 130 -20.60 51.14 -32.46
C ARG E 130 -20.80 52.36 -31.57
N MET E 131 -20.27 53.52 -31.97
CA MET E 131 -20.40 54.71 -31.13
C MET E 131 -21.83 55.23 -31.12
N GLU E 132 -22.52 55.18 -32.26
CA GLU E 132 -23.92 55.58 -32.30
C GLU E 132 -24.77 54.70 -31.40
N GLU E 133 -24.53 53.38 -31.44
CA GLU E 133 -25.21 52.47 -30.53
C GLU E 133 -24.87 52.77 -29.08
N SER E 134 -23.62 53.17 -28.82
CA SER E 134 -23.19 53.44 -27.45
C SER E 134 -23.83 54.71 -26.92
N ILE E 135 -23.92 55.75 -27.74
CA ILE E 135 -24.58 56.98 -27.32
C ILE E 135 -26.06 56.73 -27.08
N SER E 136 -26.67 55.87 -27.90
CA SER E 136 -28.09 55.54 -27.71
C SER E 136 -28.33 54.88 -26.37
N TYR E 137 -27.46 53.93 -25.99
CA TYR E 137 -27.63 53.26 -24.70
C TYR E 137 -27.33 54.19 -23.54
N PHE E 138 -26.36 55.10 -23.71
CA PHE E 138 -26.12 56.11 -22.69
C PHE E 138 -27.34 57.00 -22.48
N SER E 139 -28.03 57.33 -23.58
CA SER E 139 -29.24 58.14 -23.47
C SER E 139 -30.34 57.38 -22.72
N ASP E 140 -30.40 56.06 -22.89
CA ASP E 140 -31.38 55.26 -22.16
C ASP E 140 -31.06 55.24 -20.67
N VAL E 141 -29.78 55.08 -20.31
CA VAL E 141 -29.39 55.04 -18.90
C VAL E 141 -29.70 56.37 -18.23
N ILE E 142 -29.39 57.48 -18.90
CA ILE E 142 -29.69 58.80 -18.34
C ILE E 142 -31.19 58.98 -18.18
N LYS E 143 -31.97 58.43 -19.13
CA LYS E 143 -33.42 58.53 -19.02
C LYS E 143 -33.93 57.78 -17.79
N GLU E 144 -33.30 56.66 -17.45
CA GLU E 144 -33.71 55.92 -16.26
C GLU E 144 -33.36 56.69 -14.98
N PHE E 145 -32.23 57.40 -14.99
CA PHE E 145 -31.89 58.24 -13.84
C PHE E 145 -32.91 59.37 -13.66
N ARG E 146 -33.47 59.87 -14.76
CA ARG E 146 -34.49 60.92 -14.65
C ARG E 146 -35.80 60.37 -14.11
N LYS E 147 -36.19 59.16 -14.55
CA LYS E 147 -37.41 58.55 -14.04
C LYS E 147 -37.27 58.18 -12.57
N LEU E 148 -36.06 57.81 -12.13
CA LEU E 148 -35.80 57.57 -10.72
C LEU E 148 -35.59 58.86 -9.93
N GLU E 149 -35.41 59.99 -10.62
CA GLU E 149 -35.21 61.29 -10.00
C GLU E 149 -33.94 61.35 -9.15
N ILE E 150 -32.95 60.52 -9.48
CA ILE E 150 -31.64 60.57 -8.84
C ILE E 150 -30.66 61.20 -9.82
N SER E 151 -29.63 61.87 -9.27
CA SER E 151 -28.64 62.59 -10.06
C SER E 151 -27.25 62.12 -9.69
N PRO E 152 -26.86 60.91 -10.09
CA PRO E 152 -25.50 60.45 -9.81
C PRO E 152 -24.48 61.23 -10.62
N LEU E 153 -23.27 61.33 -10.08
CA LEU E 153 -22.16 61.83 -10.88
C LEU E 153 -21.95 60.91 -12.08
N ILE E 154 -21.78 61.50 -13.25
CA ILE E 154 -21.55 60.77 -14.48
C ILE E 154 -20.08 60.89 -14.85
N TYR E 155 -19.39 59.76 -14.94
CA TYR E 155 -17.98 59.71 -15.29
C TYR E 155 -17.85 58.91 -16.59
N ILE E 156 -17.43 59.58 -17.65
CA ILE E 156 -17.29 58.95 -18.97
C ILE E 156 -15.85 58.49 -19.13
N PHE E 157 -15.66 57.20 -19.38
CA PHE E 157 -14.35 56.64 -19.67
C PHE E 157 -14.25 56.43 -21.18
N PHE E 158 -13.53 57.33 -21.85
CA PHE E 158 -13.13 57.06 -23.23
C PHE E 158 -12.02 56.02 -23.20
N HIS E 159 -12.40 54.75 -23.28
CA HIS E 159 -11.53 53.62 -22.96
C HIS E 159 -10.86 53.06 -24.20
N LYS E 160 -9.79 52.31 -23.98
CA LYS E 160 -8.91 51.80 -25.03
C LYS E 160 -8.17 52.93 -25.74
N PHE E 161 -7.91 54.01 -25.00
CA PHE E 161 -7.06 55.11 -25.47
C PHE E 161 -5.59 54.71 -25.35
N ASP E 162 -5.23 53.65 -26.07
CA ASP E 162 -3.91 53.06 -25.95
C ASP E 162 -2.83 54.04 -26.43
N PRO E 163 -1.65 53.99 -25.83
CA PRO E 163 -0.53 54.82 -26.33
C PRO E 163 -0.30 54.69 -27.83
N THR E 164 -0.28 53.46 -28.35
CA THR E 164 -0.04 53.27 -29.78
C THR E 164 -1.20 53.78 -30.61
N TYR E 165 -2.43 53.45 -30.22
CA TYR E 165 -3.61 53.90 -30.96
C TYR E 165 -3.71 55.42 -30.95
N ALA E 166 -3.45 56.04 -29.80
CA ALA E 166 -3.56 57.50 -29.70
C ALA E 166 -2.49 58.20 -30.53
N LYS E 167 -1.27 57.66 -30.54
CA LYS E 167 -0.21 58.27 -31.32
C LYS E 167 -0.49 58.18 -32.81
N ASN E 168 -1.05 57.05 -33.26
CA ASN E 168 -1.30 56.87 -34.69
C ASN E 168 -2.50 57.66 -35.16
N GLU E 169 -3.55 57.75 -34.35
CA GLU E 169 -4.75 58.47 -34.76
C GLU E 169 -4.63 59.97 -34.56
N GLY E 170 -3.93 60.40 -33.51
CA GLY E 170 -3.60 61.80 -33.37
C GLY E 170 -4.82 62.71 -33.24
N ILE E 171 -4.86 63.74 -34.08
CA ILE E 171 -5.92 64.74 -33.97
C ILE E 171 -7.26 64.19 -34.42
N HIS E 172 -7.26 63.19 -35.32
CA HIS E 172 -8.51 62.58 -35.76
C HIS E 172 -9.27 61.97 -34.59
N LEU E 173 -8.56 61.29 -33.70
CA LEU E 173 -9.19 60.75 -32.50
C LEU E 173 -9.63 61.86 -31.55
N GLU E 174 -8.82 62.93 -31.44
CA GLU E 174 -9.20 64.05 -30.59
C GLU E 174 -10.48 64.71 -31.08
N GLY E 175 -10.65 64.82 -32.40
CA GLY E 175 -11.88 65.39 -32.93
C GLY E 175 -13.08 64.51 -32.70
N LEU E 176 -12.91 63.19 -32.79
CA LEU E 176 -14.02 62.28 -32.56
C LEU E 176 -14.46 62.29 -31.10
N ILE E 177 -13.51 62.44 -30.18
CA ILE E 177 -13.87 62.55 -28.77
C ILE E 177 -14.61 63.85 -28.50
N SER E 178 -14.21 64.93 -29.19
CA SER E 178 -14.92 66.20 -29.06
C SER E 178 -16.37 66.07 -29.55
N GLN E 179 -16.59 65.28 -30.61
CA GLN E 179 -17.95 65.02 -31.06
C GLN E 179 -18.73 64.23 -30.03
N LEU E 180 -18.08 63.27 -29.37
CA LEU E 180 -18.75 62.47 -28.36
C LEU E 180 -19.13 63.33 -27.15
N LYS E 181 -18.28 64.27 -26.76
CA LYS E 181 -18.62 65.18 -25.67
C LYS E 181 -19.82 66.04 -26.04
N ASP E 182 -19.90 66.47 -27.30
CA ASP E 182 -21.06 67.25 -27.75
C ASP E 182 -22.34 66.45 -27.63
N GLU E 183 -22.30 65.17 -28.01
CA GLU E 183 -23.49 64.33 -27.89
C GLU E 183 -23.85 64.09 -26.43
N ILE E 184 -22.84 63.97 -25.57
CA ILE E 184 -23.09 63.72 -24.15
C ILE E 184 -23.69 64.95 -23.49
N ARG E 185 -23.20 66.14 -23.85
CA ARG E 185 -23.74 67.36 -23.27
C ARG E 185 -25.20 67.57 -23.64
N ASN E 186 -25.57 67.22 -24.88
CA ASN E 186 -26.96 67.35 -25.29
C ASN E 186 -27.87 66.39 -24.55
N ILE E 187 -27.35 65.23 -24.14
CA ILE E 187 -28.14 64.28 -23.38
C ILE E 187 -28.27 64.71 -21.93
N ILE E 188 -27.18 65.21 -21.34
CA ILE E 188 -27.19 65.59 -19.93
C ILE E 188 -28.05 66.82 -19.70
N GLU E 189 -27.91 67.83 -20.57
CA GLU E 189 -28.63 69.09 -20.46
C GLU E 189 -28.38 69.79 -19.13
N GLU E 190 -27.15 69.68 -18.62
CA GLU E 190 -26.72 70.32 -17.39
C GLU E 190 -27.55 69.90 -16.18
N GLU E 191 -28.22 68.75 -16.27
CA GLU E 191 -28.91 68.18 -15.12
C GLU E 191 -28.03 67.25 -14.30
N PHE E 192 -26.87 66.84 -14.85
CA PHE E 192 -25.93 65.98 -14.16
C PHE E 192 -24.55 66.60 -14.23
N ASN E 193 -23.73 66.31 -13.22
N ASN E 193 -23.73 66.30 -13.22
CA ASN E 193 -22.32 66.65 -13.27
CA ASN E 193 -22.32 66.65 -13.27
C ASN E 193 -21.57 65.58 -14.05
C ASN E 193 -21.56 65.58 -14.04
N VAL E 194 -20.80 66.00 -15.04
CA VAL E 194 -20.11 65.08 -15.95
C VAL E 194 -18.61 65.30 -15.86
N SER E 195 -17.86 64.20 -15.75
CA SER E 195 -16.41 64.21 -15.84
C SER E 195 -15.99 63.29 -16.98
N TYR E 196 -14.84 63.59 -17.57
CA TYR E 196 -14.32 62.86 -18.72
C TYR E 196 -12.90 62.40 -18.44
N SER E 197 -12.59 61.18 -18.87
CA SER E 197 -11.25 60.63 -18.73
C SER E 197 -10.94 59.72 -19.91
N ASN E 198 -9.71 59.81 -20.41
CA ASN E 198 -9.20 58.86 -21.39
C ASN E 198 -8.49 57.76 -20.63
N THR E 199 -8.90 56.51 -20.87
CA THR E 199 -8.38 55.38 -20.10
C THR E 199 -7.93 54.27 -21.04
N THR E 200 -7.03 53.44 -20.53
CA THR E 200 -6.51 52.29 -21.26
C THR E 200 -5.81 51.36 -20.28
N ILE E 201 -5.98 50.06 -20.47
CA ILE E 201 -5.30 49.10 -19.61
C ILE E 201 -3.80 49.07 -19.84
N TYR E 202 -3.31 49.72 -20.90
CA TYR E 202 -1.87 49.84 -21.14
C TYR E 202 -1.29 51.08 -20.50
N ASP E 203 -2.04 51.75 -19.63
CA ASP E 203 -1.56 52.89 -18.85
C ASP E 203 -2.33 52.83 -17.52
N LEU E 204 -1.77 52.08 -16.57
CA LEU E 204 -2.47 51.83 -15.30
C LEU E 204 -2.82 53.12 -14.58
N TRP E 205 -1.98 54.15 -14.71
CA TRP E 205 -2.26 55.41 -14.03
C TRP E 205 -3.56 56.03 -14.55
N SER E 206 -3.82 55.91 -15.84
CA SER E 206 -5.04 56.50 -16.40
C SER E 206 -6.29 55.96 -15.72
N ILE E 207 -6.26 54.67 -15.34
CA ILE E 207 -7.41 54.08 -14.68
C ILE E 207 -7.38 54.38 -13.17
N ILE E 208 -6.20 54.29 -12.56
CA ILE E 208 -6.11 54.50 -11.11
C ILE E 208 -6.47 55.93 -10.74
N SER E 209 -5.90 56.91 -11.45
CA SER E 209 -6.17 58.30 -11.11
C SER E 209 -7.61 58.70 -11.43
N SER E 210 -8.19 58.14 -12.48
CA SER E 210 -9.58 58.45 -12.79
C SER E 210 -10.53 57.90 -11.75
N PHE E 211 -10.32 56.64 -11.34
CA PHE E 211 -11.14 56.06 -10.28
C PHE E 211 -10.89 56.76 -8.95
N SER E 212 -9.67 57.20 -8.70
CA SER E 212 -9.37 57.96 -7.49
C SER E 212 -10.05 59.32 -7.52
N ASP E 213 -9.96 60.02 -8.65
CA ASP E 213 -10.66 61.29 -8.82
C ASP E 213 -12.16 61.12 -8.57
N LEU E 214 -12.71 59.99 -9.01
CA LEU E 214 -14.13 59.72 -8.84
C LEU E 214 -14.50 59.59 -7.36
N LEU E 215 -13.69 58.85 -6.60
CA LEU E 215 -14.00 58.62 -5.20
C LEU E 215 -13.85 59.88 -4.36
N LEU E 216 -12.85 60.72 -4.69
CA LEU E 216 -12.66 61.95 -3.94
C LEU E 216 -13.74 62.99 -4.24
N LYS E 217 -14.54 62.79 -5.29
CA LYS E 217 -15.72 63.63 -5.47
C LYS E 217 -16.85 63.18 -4.56
N ILE E 218 -16.99 61.87 -4.36
CA ILE E 218 -17.94 61.36 -3.38
C ILE E 218 -17.53 61.78 -1.98
N PHE E 219 -16.25 61.65 -1.66
CA PHE E 219 -15.71 61.98 -0.34
C PHE E 219 -14.71 63.13 -0.50
N PRO E 220 -15.18 64.37 -0.48
CA PRO E 220 -14.28 65.50 -0.72
C PRO E 220 -13.17 65.57 0.31
N GLN E 221 -12.03 66.09 -0.12
CA GLN E 221 -10.86 66.27 0.73
C GLN E 221 -10.75 67.71 1.19
N SER E 222 -10.13 67.90 2.33
CA SER E 222 -9.76 69.24 2.79
C SER E 222 -8.73 69.85 1.85
N GLU E 223 -8.83 71.16 1.63
CA GLU E 223 -7.80 71.85 0.87
C GLU E 223 -6.46 71.84 1.61
N LEU E 224 -6.46 71.58 2.92
CA LEU E 224 -5.22 71.48 3.68
C LEU E 224 -4.33 70.38 3.15
N LEU E 225 -4.92 69.30 2.63
CA LEU E 225 -4.11 68.17 2.17
C LEU E 225 -3.23 68.56 0.99
N ASP E 226 -3.82 69.17 -0.04
CA ASP E 226 -3.04 69.61 -1.19
C ASP E 226 -1.97 70.62 -0.77
N LYS E 227 -2.35 71.57 0.09
CA LYS E 227 -1.39 72.61 0.50
C LYS E 227 -0.28 72.02 1.35
N THR E 228 -0.60 71.05 2.21
CA THR E 228 0.43 70.42 3.03
C THR E 228 1.44 69.65 2.19
N ILE E 229 0.97 68.89 1.20
CA ILE E 229 1.87 68.17 0.31
C ILE E 229 2.70 69.16 -0.50
N GLN E 230 2.07 70.21 -1.01
CA GLN E 230 2.79 71.22 -1.79
C GLN E 230 3.86 71.92 -0.95
N GLU E 231 3.51 72.29 0.29
CA GLU E 231 4.48 72.96 1.15
C GLU E 231 5.62 72.03 1.54
N PHE E 232 5.32 70.76 1.79
CA PHE E 232 6.37 69.81 2.12
C PHE E 232 7.35 69.65 0.97
N ALA E 233 6.83 69.59 -0.27
CA ALA E 233 7.70 69.49 -1.43
C ALA E 233 8.59 70.71 -1.58
N GLU E 234 8.08 71.89 -1.22
CA GLU E 234 8.91 73.09 -1.28
C GLU E 234 9.91 73.14 -0.15
N SER E 235 9.54 72.63 1.04
CA SER E 235 10.45 72.67 2.18
C SER E 235 11.70 71.83 1.96
N LEU E 236 11.67 70.91 1.00
CA LEU E 236 12.85 70.13 0.63
C LEU E 236 13.75 70.87 -0.36
N ASP E 237 13.51 72.16 -0.59
CA ASP E 237 14.19 72.94 -1.65
C ASP E 237 13.81 72.30 -2.98
N SER E 238 14.69 72.42 -3.99
CA SER E 238 14.47 71.79 -5.28
C SER E 238 14.83 70.31 -5.28
N ASN E 239 14.54 69.62 -4.19
CA ASN E 239 14.92 68.21 -4.03
C ASN E 239 13.69 67.34 -3.85
N CYS E 240 12.69 67.51 -4.72
CA CYS E 240 11.47 66.70 -4.65
C CYS E 240 10.84 66.67 -6.04
N ASN E 241 10.99 65.54 -6.73
CA ASN E 241 10.42 65.41 -8.06
C ASN E 241 8.93 65.06 -8.00
N ALA E 242 8.54 64.16 -7.10
CA ALA E 242 7.15 63.73 -7.06
C ALA E 242 6.85 63.08 -5.72
N ILE E 243 5.56 63.12 -5.35
CA ILE E 243 5.06 62.50 -4.14
C ILE E 243 3.74 61.81 -4.46
N LEU E 244 3.55 60.62 -3.88
CA LEU E 244 2.26 59.93 -3.94
C LEU E 244 1.90 59.45 -2.55
N VAL E 245 0.63 59.63 -2.18
CA VAL E 245 0.05 59.03 -1.00
C VAL E 245 -1.07 58.10 -1.47
N LEU E 246 -0.95 56.82 -1.15
CA LEU E 246 -1.90 55.81 -1.60
C LEU E 246 -2.52 55.10 -0.40
N ASP E 247 -3.70 54.51 -0.63
CA ASP E 247 -4.35 53.70 0.39
C ASP E 247 -4.01 52.23 0.16
N SER E 248 -4.68 51.34 0.90
CA SER E 248 -4.43 49.91 0.76
C SER E 248 -4.91 49.38 -0.58
N ASN E 249 -5.81 50.09 -1.26
CA ASN E 249 -6.25 49.73 -2.59
C ASN E 249 -5.33 50.23 -3.69
N SER E 250 -4.23 50.91 -3.32
CA SER E 250 -3.33 51.58 -4.25
C SER E 250 -4.01 52.72 -4.99
N LEU E 251 -5.12 53.22 -4.47
CA LEU E 251 -5.76 54.41 -4.99
C LEU E 251 -5.07 55.66 -4.46
N VAL E 252 -5.23 56.76 -5.18
CA VAL E 252 -4.43 57.95 -4.94
C VAL E 252 -5.20 58.89 -4.00
N ILE E 253 -4.64 59.11 -2.81
CA ILE E 253 -5.22 60.06 -1.87
C ILE E 253 -4.63 61.46 -2.06
N GLY E 254 -3.36 61.55 -2.41
CA GLY E 254 -2.72 62.83 -2.66
C GLY E 254 -1.53 62.65 -3.58
N GLN E 255 -1.18 63.73 -4.28
CA GLN E 255 -0.13 63.66 -5.29
C GLN E 255 0.55 65.00 -5.47
N PHE E 256 1.83 64.94 -5.84
CA PHE E 256 2.58 66.09 -6.29
C PHE E 256 3.50 65.65 -7.41
N PHE E 257 3.57 66.42 -8.48
CA PHE E 257 4.47 66.14 -9.60
C PHE E 257 5.15 67.43 -10.01
N GLU E 258 6.48 67.45 -9.98
CA GLU E 258 7.23 68.64 -10.34
C GLU E 258 7.11 68.94 -11.83
N ASN E 259 7.01 67.91 -12.66
CA ASN E 259 6.88 68.10 -14.10
C ASN E 259 6.35 66.80 -14.69
N GLU E 260 6.14 66.81 -16.02
CA GLU E 260 5.58 65.64 -16.69
C GLU E 260 6.54 64.45 -16.65
N GLU E 261 7.85 64.70 -16.72
CA GLU E 261 8.80 63.59 -16.66
C GLU E 261 8.81 62.93 -15.28
N SER E 262 8.81 63.74 -14.22
CA SER E 262 8.75 63.18 -12.87
C SER E 262 7.47 62.39 -12.66
N LYS E 263 6.35 62.88 -13.20
CA LYS E 263 5.09 62.16 -13.09
C LYS E 263 5.18 60.78 -13.73
N GLN E 264 5.74 60.72 -14.94
CA GLN E 264 5.82 59.43 -15.64
C GLN E 264 6.75 58.46 -14.92
N ILE E 265 7.88 58.96 -14.39
CA ILE E 265 8.83 58.07 -13.72
C ILE E 265 8.21 57.46 -12.47
N LEU E 266 7.58 58.28 -11.62
CA LEU E 266 7.06 57.76 -10.36
C LEU E 266 5.82 56.91 -10.57
N THR E 267 4.88 57.38 -11.39
CA THR E 267 3.63 56.64 -11.56
C THR E 267 3.86 55.29 -12.22
N LYS E 268 4.88 55.17 -13.08
CA LYS E 268 5.19 53.89 -13.70
C LYS E 268 6.06 53.01 -12.80
N SER E 269 6.82 53.60 -11.88
CA SER E 269 7.66 52.82 -10.98
C SER E 269 6.93 52.38 -9.72
N THR E 270 5.94 53.15 -9.28
CA THR E 270 5.29 52.87 -7.99
C THR E 270 4.65 51.49 -7.92
N PRO E 271 3.91 51.00 -8.92
CA PRO E 271 3.36 49.64 -8.81
C PRO E 271 4.39 48.58 -8.47
N TYR E 272 5.62 48.74 -8.96
CA TYR E 272 6.65 47.75 -8.66
C TYR E 272 7.28 47.98 -7.29
N PHE E 273 7.30 49.22 -6.80
CA PHE E 273 7.70 49.47 -5.43
C PHE E 273 6.64 48.99 -4.45
N LEU E 274 5.35 49.14 -4.83
CA LEU E 274 4.27 48.61 -4.00
C LEU E 274 4.36 47.10 -3.88
N THR E 275 4.62 46.41 -5.00
CA THR E 275 4.73 44.96 -4.97
C THR E 275 5.90 44.51 -4.09
N LEU E 276 7.02 45.24 -4.15
CA LEU E 276 8.16 44.91 -3.30
C LEU E 276 7.80 45.04 -1.82
N ASN E 277 7.20 46.18 -1.45
CA ASN E 277 6.84 46.40 -0.05
C ASN E 277 5.78 45.42 0.42
N ASP E 278 4.85 45.03 -0.41
CA ASP E 278 3.80 44.16 0.05
C ASP E 278 4.24 42.70 0.11
N SER E 279 5.17 42.31 -0.74
CA SER E 279 5.61 40.94 -0.78
C SER E 279 6.65 40.65 0.28
N LEU E 280 7.38 41.66 0.70
CA LEU E 280 8.32 41.45 1.76
C LEU E 280 7.56 41.58 3.08
N SER E 289 9.65 51.18 6.46
CA SER E 289 10.40 52.21 5.75
C SER E 289 11.50 51.69 4.85
N MET E 290 11.56 52.23 3.64
CA MET E 290 12.60 51.86 2.73
C MET E 290 13.23 53.01 1.97
N ILE E 291 14.47 52.84 1.57
CA ILE E 291 15.15 53.81 0.71
C ILE E 291 15.72 53.04 -0.47
N ILE E 292 15.31 53.41 -1.68
CA ILE E 292 15.71 52.70 -2.89
C ILE E 292 16.35 53.70 -3.85
N GLU E 293 17.59 53.43 -4.24
CA GLU E 293 18.26 54.18 -5.29
C GLU E 293 18.25 53.36 -6.57
N ARG E 294 17.65 53.93 -7.62
CA ARG E 294 17.50 53.23 -8.90
C ARG E 294 17.74 54.23 -10.01
N GLY E 295 18.84 54.08 -10.73
CA GLY E 295 19.15 55.00 -11.81
C GLY E 295 19.57 56.35 -11.25
N ASN E 296 19.01 57.42 -11.81
CA ASN E 296 19.28 58.77 -11.34
C ASN E 296 18.24 59.25 -10.33
N LYS E 297 17.53 58.32 -9.66
CA LYS E 297 16.49 58.66 -8.72
C LYS E 297 16.72 57.96 -7.39
N ARG E 298 16.20 58.57 -6.33
CA ARG E 298 16.15 57.97 -5.01
C ARG E 298 14.70 58.02 -4.53
N PHE E 299 14.23 56.92 -3.92
CA PHE E 299 12.86 56.79 -3.46
C PHE E 299 12.82 56.53 -1.97
N PHE E 300 11.86 57.17 -1.30
CA PHE E 300 11.60 56.97 0.12
C PHE E 300 10.17 56.46 0.27
N THR E 301 10.02 55.28 0.87
CA THR E 301 8.71 54.68 1.06
C THR E 301 8.42 54.53 2.55
N ASP E 302 7.15 54.70 2.92
CA ASP E 302 6.74 54.66 4.30
C ASP E 302 5.28 54.22 4.39
N GLN E 303 4.98 53.45 5.43
CA GLN E 303 3.61 53.04 5.74
C GLN E 303 3.16 53.77 7.00
N PHE E 304 1.90 54.21 7.01
CA PHE E 304 1.34 54.86 8.19
C PHE E 304 -0.17 54.64 8.21
N ARG E 305 -0.73 54.72 9.41
CA ARG E 305 -2.15 54.49 9.62
C ARG E 305 -2.86 55.79 9.97
N ILE E 306 -4.15 55.83 9.66
CA ILE E 306 -5.04 56.88 10.12
C ILE E 306 -6.13 56.23 10.98
N LYS E 307 -6.79 57.05 11.80
CA LYS E 307 -7.66 56.51 12.83
C LYS E 307 -8.85 55.76 12.25
N ARG E 308 -9.48 56.31 11.21
CA ARG E 308 -10.76 55.79 10.75
C ARG E 308 -10.64 54.69 9.70
N ALA E 309 -9.43 54.36 9.25
CA ALA E 309 -9.25 53.38 8.19
C ALA E 309 -8.67 52.08 8.73
N SER E 310 -9.05 50.97 8.07
CA SER E 310 -8.65 49.65 8.56
C SER E 310 -7.16 49.39 8.31
N GLU E 311 -6.72 49.55 7.07
CA GLU E 311 -5.38 49.19 6.66
C GLU E 311 -4.49 50.42 6.49
N PRO E 312 -3.17 50.25 6.54
CA PRO E 312 -2.27 51.40 6.44
C PRO E 312 -2.30 52.04 5.07
N LEU E 313 -1.86 53.29 5.03
CA LEU E 313 -1.64 54.03 3.80
C LEU E 313 -0.16 53.95 3.42
N PHE E 314 0.15 54.39 2.20
CA PHE E 314 1.47 54.25 1.63
C PHE E 314 1.95 55.60 1.14
N LEU E 315 3.16 55.98 1.55
CA LEU E 315 3.78 57.23 1.14
C LEU E 315 5.06 56.89 0.38
N ILE E 316 5.24 57.51 -0.79
CA ILE E 316 6.48 57.37 -1.55
C ILE E 316 6.90 58.75 -2.04
N ILE E 317 8.20 59.05 -1.89
CA ILE E 317 8.77 60.34 -2.26
C ILE E 317 9.94 60.08 -3.20
N MET E 318 9.97 60.78 -4.34
CA MET E 318 11.02 60.62 -5.33
C MET E 318 11.84 61.91 -5.43
N THR E 319 13.16 61.76 -5.31
CA THR E 319 14.11 62.85 -5.46
C THR E 319 15.17 62.43 -6.47
N PRO E 320 15.93 63.37 -7.02
CA PRO E 320 17.09 63.00 -7.82
C PRO E 320 18.11 62.28 -6.95
N LYS E 321 18.82 61.32 -7.56
CA LYS E 321 19.89 60.62 -6.84
C LYS E 321 20.97 61.59 -6.38
N ARG E 322 21.24 62.64 -7.16
CA ARG E 322 22.24 63.64 -6.79
C ARG E 322 21.80 64.51 -5.63
N GLY E 323 20.53 64.45 -5.23
CA GLY E 323 20.06 65.31 -4.16
C GLY E 323 20.51 64.85 -2.79
N GLU E 324 20.38 65.76 -1.83
CA GLU E 324 20.66 65.41 -0.44
C GLU E 324 19.66 64.37 0.05
N HIS E 325 20.08 63.58 1.04
CA HIS E 325 19.18 62.65 1.68
C HIS E 325 18.15 63.42 2.50
N LEU E 326 16.89 62.98 2.44
CA LEU E 326 15.85 63.62 3.21
C LEU E 326 16.03 63.32 4.69
N LEU E 327 15.96 64.38 5.51
CA LEU E 327 16.05 64.19 6.96
C LEU E 327 14.81 63.44 7.45
N ARG E 328 15.04 62.38 8.24
CA ARG E 328 13.94 61.55 8.71
C ARG E 328 12.92 62.35 9.50
N GLU E 329 13.36 63.39 10.21
CA GLU E 329 12.44 64.16 11.03
C GLU E 329 11.48 64.98 10.18
N LYS E 330 11.90 65.39 8.99
CA LYS E 330 10.97 66.08 8.09
C LYS E 330 9.90 65.12 7.55
N ILE E 331 10.29 63.86 7.31
CA ILE E 331 9.30 62.88 6.87
C ILE E 331 8.32 62.58 7.99
N ASP E 332 8.82 62.49 9.23
CA ASP E 332 7.95 62.15 10.36
C ASP E 332 6.95 63.27 10.63
N SER E 333 7.38 64.53 10.56
CA SER E 333 6.43 65.62 10.75
C SER E 333 5.42 65.69 9.61
N PHE E 334 5.86 65.35 8.39
CA PHE E 334 4.94 65.31 7.26
C PHE E 334 3.89 64.23 7.44
N ILE E 335 4.30 63.06 7.91
CA ILE E 335 3.36 61.96 8.15
C ILE E 335 2.39 62.32 9.27
N THR E 336 2.91 62.95 10.34
CA THR E 336 2.04 63.36 11.44
C THR E 336 0.94 64.29 10.96
N LEU E 337 1.29 65.27 10.12
CA LEU E 337 0.28 66.17 9.57
C LEU E 337 -0.72 65.41 8.69
N LEU E 338 -0.24 64.47 7.88
CA LEU E 338 -1.16 63.70 7.04
C LEU E 338 -2.17 62.91 7.87
N GLN E 339 -1.71 62.35 9.00
CA GLN E 339 -2.59 61.55 9.84
C GLN E 339 -3.70 62.38 10.46
N GLY E 340 -3.52 63.69 10.60
CA GLY E 340 -4.54 64.54 11.16
C GLY E 340 -5.36 65.28 10.13
N ILE E 341 -5.02 65.15 8.86
CA ILE E 341 -5.73 65.84 7.78
C ILE E 341 -6.59 64.87 6.98
N ILE E 342 -6.02 63.75 6.56
CA ILE E 342 -6.75 62.76 5.76
C ILE E 342 -7.97 62.23 6.51
N SER F 42 25.41 19.69 -27.58
CA SER F 42 24.53 20.24 -26.55
C SER F 42 24.33 19.26 -25.41
N GLU F 43 23.87 19.78 -24.26
CA GLU F 43 23.59 18.97 -23.09
C GLU F 43 22.11 18.64 -23.04
N LYS F 44 21.80 17.46 -22.51
CA LYS F 44 20.43 16.98 -22.40
C LYS F 44 20.11 16.68 -20.94
N ILE F 45 19.04 17.26 -20.43
CA ILE F 45 18.55 17.02 -19.08
C ILE F 45 17.17 16.39 -19.17
N LEU F 46 16.98 15.29 -18.44
CA LEU F 46 15.75 14.51 -18.51
C LEU F 46 14.99 14.64 -17.20
N PHE F 47 13.78 15.20 -17.26
CA PHE F 47 12.85 15.17 -16.14
C PHE F 47 11.94 13.95 -16.31
N THR F 48 11.99 13.04 -15.35
CA THR F 48 11.16 11.84 -15.42
C THR F 48 10.73 11.45 -14.00
N GLY F 49 9.78 10.52 -13.94
CA GLY F 49 9.13 10.14 -12.71
C GLY F 49 7.66 9.88 -12.93
N LEU F 50 6.97 9.35 -11.93
CA LEU F 50 5.55 9.05 -12.08
C LEU F 50 4.74 10.31 -12.34
N ASP F 51 3.57 10.12 -12.93
CA ASP F 51 2.60 11.21 -12.99
C ASP F 51 2.23 11.66 -11.58
N ASN F 52 1.92 12.94 -11.44
CA ASN F 52 1.55 13.61 -10.19
C ASN F 52 2.75 13.83 -9.27
N SER F 53 3.97 13.48 -9.69
CA SER F 53 5.12 13.65 -8.82
C SER F 53 5.55 15.11 -8.69
N GLY F 54 5.22 15.95 -9.67
CA GLY F 54 5.50 17.36 -9.61
C GLY F 54 6.56 17.88 -10.57
N LYS F 55 6.87 17.13 -11.65
CA LYS F 55 7.94 17.53 -12.56
C LYS F 55 7.65 18.87 -13.22
N THR F 56 6.49 18.99 -13.88
CA THR F 56 6.18 20.23 -14.58
C THR F 56 6.08 21.40 -13.61
N SER F 57 5.61 21.17 -12.39
CA SER F 57 5.54 22.24 -11.40
C SER F 57 6.93 22.75 -11.04
N ILE F 58 7.91 21.85 -10.97
CA ILE F 58 9.28 22.25 -10.69
C ILE F 58 9.82 23.10 -11.83
N ILE F 59 9.51 22.72 -13.07
CA ILE F 59 9.97 23.47 -14.24
C ILE F 59 9.35 24.86 -14.26
N LYS F 60 8.07 24.97 -13.92
CA LYS F 60 7.43 26.28 -13.87
C LYS F 60 8.07 27.19 -12.85
N VAL F 61 8.55 26.63 -11.72
CA VAL F 61 9.28 27.43 -10.75
C VAL F 61 10.58 27.94 -11.36
N LEU F 62 11.29 27.08 -12.08
CA LEU F 62 12.56 27.47 -12.69
C LEU F 62 12.34 28.51 -13.79
N GLN F 63 11.18 28.51 -14.43
CA GLN F 63 10.87 29.45 -15.50
C GLN F 63 10.25 30.75 -15.00
N LYS F 64 10.18 30.94 -13.68
CA LYS F 64 9.57 32.13 -13.08
C LYS F 64 8.10 32.24 -13.47
N GLU F 65 7.43 31.10 -13.60
CA GLU F 65 6.03 31.08 -14.03
C GLU F 65 5.18 30.35 -13.00
N ILE F 66 5.36 30.71 -11.73
CA ILE F 66 4.63 30.04 -10.64
C ILE F 66 3.13 30.22 -10.80
N SER F 67 2.70 31.33 -11.41
CA SER F 67 1.27 31.60 -11.57
C SER F 67 0.57 30.57 -12.44
N GLN F 68 1.32 29.81 -13.25
CA GLN F 68 0.75 28.81 -14.14
C GLN F 68 0.58 27.45 -13.47
N ILE F 69 1.00 27.31 -12.22
CA ILE F 69 0.97 26.00 -11.56
C ILE F 69 -0.47 25.54 -11.37
N ALA F 70 -1.39 26.46 -11.10
CA ALA F 70 -2.79 26.09 -10.92
C ALA F 70 -3.44 25.63 -12.22
N MET F 71 -2.86 25.97 -13.37
CA MET F 71 -3.41 25.59 -14.67
C MET F 71 -2.73 24.35 -15.25
N LEU F 72 -1.98 23.61 -14.46
CA LEU F 72 -1.23 22.48 -14.96
C LEU F 72 -2.14 21.27 -15.18
N LYS F 73 -2.03 20.68 -16.37
CA LYS F 73 -2.67 19.43 -16.73
C LYS F 73 -1.62 18.34 -16.85
N PRO F 74 -2.02 17.07 -16.90
CA PRO F 74 -1.04 16.00 -17.18
C PRO F 74 -0.30 16.26 -18.48
N THR F 75 1.02 16.20 -18.41
CA THR F 75 1.86 16.45 -19.58
C THR F 75 1.76 15.27 -20.54
N ARG F 76 1.51 15.57 -21.81
CA ARG F 76 1.32 14.54 -22.84
C ARG F 76 2.66 14.22 -23.49
N GLN F 77 3.20 13.04 -23.20
CA GLN F 77 4.48 12.55 -23.73
C GLN F 77 5.56 13.55 -23.34
N ALA F 78 6.50 13.87 -24.23
CA ALA F 78 7.66 14.69 -23.90
C ALA F 78 7.47 16.11 -24.39
N GLN F 79 7.70 17.07 -23.49
CA GLN F 79 7.77 18.49 -23.85
C GLN F 79 9.21 18.95 -23.70
N ARG F 80 9.70 19.69 -24.70
CA ARG F 80 11.12 20.01 -24.80
C ARG F 80 11.32 21.50 -24.99
N LYS F 81 12.24 22.07 -24.21
CA LYS F 81 12.65 23.45 -24.35
C LYS F 81 14.18 23.52 -24.37
N ILE F 82 14.70 24.65 -24.84
CA ILE F 82 16.13 24.89 -24.91
C ILE F 82 16.44 26.17 -24.14
N PHE F 83 17.42 26.11 -23.24
CA PHE F 83 17.85 27.29 -22.50
C PHE F 83 19.36 27.32 -22.43
N GLU F 84 19.91 28.51 -22.24
CA GLU F 84 21.35 28.72 -22.17
C GLU F 84 21.82 28.84 -20.74
N PHE F 85 22.93 28.17 -20.43
CA PHE F 85 23.59 28.30 -19.14
C PHE F 85 25.06 28.63 -19.37
N LEU F 86 25.44 29.86 -19.06
CA LEU F 86 26.83 30.32 -19.15
C LEU F 86 27.44 29.97 -20.50
N GLY F 87 26.72 30.29 -21.57
CA GLY F 87 27.19 30.09 -22.92
C GLY F 87 26.95 28.72 -23.52
N ASN F 88 26.36 27.80 -22.76
CA ASN F 88 26.12 26.44 -23.25
C ASN F 88 24.62 26.22 -23.42
N ASP F 89 24.23 25.71 -24.59
CA ASP F 89 22.85 25.35 -24.85
C ASP F 89 22.51 24.02 -24.18
N ILE F 90 21.33 23.95 -23.58
CA ILE F 90 20.89 22.79 -22.84
C ILE F 90 19.46 22.46 -23.24
N SER F 91 19.22 21.24 -23.70
CA SER F 91 17.88 20.77 -24.00
C SER F 91 17.26 20.14 -22.77
N GLU F 92 16.00 20.48 -22.50
CA GLU F 92 15.31 20.07 -21.29
C GLU F 92 14.05 19.29 -21.68
N TRP F 93 13.98 18.03 -21.25
CA TRP F 93 12.89 17.13 -21.60
C TRP F 93 11.99 16.91 -20.39
N ASP F 94 10.72 17.23 -20.53
CA ASP F 94 9.71 16.96 -19.49
C ASP F 94 8.89 15.77 -19.96
N LEU F 95 9.14 14.61 -19.37
CA LEU F 95 8.47 13.37 -19.77
C LEU F 95 7.19 13.19 -18.97
N GLY F 96 6.06 13.21 -19.66
CA GLY F 96 4.78 12.90 -19.03
C GLY F 96 4.81 11.55 -18.36
N GLY F 97 4.35 11.47 -17.11
CA GLY F 97 4.50 10.31 -16.29
C GLY F 97 3.36 9.32 -16.24
N GLN F 98 2.27 9.57 -16.98
CA GLN F 98 1.19 8.60 -17.02
C GLN F 98 1.68 7.29 -17.63
N GLU F 99 1.08 6.18 -17.18
CA GLU F 99 1.60 4.86 -17.52
C GLU F 99 1.68 4.63 -19.01
N LYS F 100 0.68 5.11 -19.77
CA LYS F 100 0.69 4.92 -21.21
C LYS F 100 1.88 5.63 -21.86
N TYR F 101 2.34 6.73 -21.28
CA TYR F 101 3.53 7.39 -21.79
C TYR F 101 4.79 6.66 -21.37
N ARG F 102 4.84 6.16 -20.13
CA ARG F 102 6.00 5.41 -19.67
C ARG F 102 6.22 4.17 -20.51
N ILE F 103 5.13 3.47 -20.87
CA ILE F 103 5.24 2.30 -21.74
C ILE F 103 5.79 2.70 -23.10
N ALA F 104 5.38 3.88 -23.60
CA ALA F 104 5.91 4.35 -24.88
C ALA F 104 7.39 4.67 -24.79
N TYR F 105 7.84 5.20 -23.64
CA TYR F 105 9.27 5.47 -23.46
C TYR F 105 10.08 4.18 -23.51
N LEU F 106 9.62 3.16 -22.79
CA LEU F 106 10.36 1.90 -22.71
C LEU F 106 10.26 1.08 -23.99
N LYS F 107 9.29 1.39 -24.86
CA LYS F 107 9.23 0.71 -26.15
C LYS F 107 10.26 1.25 -27.12
N GLU F 108 10.51 2.55 -27.10
CA GLU F 108 11.49 3.20 -27.97
C GLU F 108 12.48 3.96 -27.10
N PRO F 109 13.38 3.24 -26.41
CA PRO F 109 14.26 3.91 -25.44
C PRO F 109 15.29 4.83 -26.08
N THR F 110 15.71 4.54 -27.31
CA THR F 110 16.70 5.39 -27.95
C THR F 110 16.14 6.77 -28.27
N LYS F 111 14.83 6.89 -28.47
CA LYS F 111 14.24 8.18 -28.81
C LYS F 111 14.19 9.11 -27.61
N TYR F 112 14.08 8.58 -26.39
CA TYR F 112 13.85 9.39 -25.20
C TYR F 112 15.03 9.44 -24.25
N PHE F 113 15.68 8.30 -23.97
CA PHE F 113 16.70 8.24 -22.95
C PHE F 113 18.12 8.40 -23.48
N ASP F 114 18.35 8.18 -24.77
CA ASP F 114 19.71 8.24 -25.29
C ASP F 114 20.27 9.66 -25.21
N ARG F 115 21.58 9.74 -25.01
CA ARG F 115 22.35 10.98 -24.97
C ARG F 115 21.95 11.89 -23.81
N SER F 116 21.43 11.33 -22.72
CA SER F 116 21.09 12.14 -21.55
C SER F 116 22.35 12.40 -20.73
N ASN F 117 22.57 13.66 -20.36
CA ASN F 117 23.67 14.01 -19.48
C ASN F 117 23.27 13.99 -18.01
N VAL F 118 22.03 14.37 -17.71
CA VAL F 118 21.47 14.30 -16.37
C VAL F 118 20.05 13.76 -16.46
N CYS F 119 19.72 12.81 -15.60
CA CYS F 119 18.35 12.33 -15.43
C CYS F 119 17.85 12.77 -14.07
N ILE F 120 16.89 13.69 -14.05
CA ILE F 120 16.24 14.12 -12.82
C ILE F 120 15.04 13.23 -12.57
N TYR F 121 15.07 12.45 -11.49
CA TYR F 121 13.95 11.60 -11.12
C TYR F 121 13.23 12.23 -9.95
N VAL F 122 11.93 12.51 -10.13
CA VAL F 122 11.12 13.19 -9.15
C VAL F 122 10.23 12.17 -8.44
N ILE F 123 10.22 12.21 -7.11
CA ILE F 123 9.41 11.32 -6.30
C ILE F 123 8.54 12.16 -5.37
N ASP F 124 7.24 11.91 -5.40
CA ASP F 124 6.31 12.51 -4.45
C ASP F 124 6.43 11.74 -3.13
N ILE F 125 7.15 12.33 -2.16
CA ILE F 125 7.37 11.63 -0.90
C ILE F 125 6.17 11.74 0.04
N GLN F 126 5.10 12.41 -0.38
CA GLN F 126 3.85 12.37 0.37
C GLN F 126 2.98 11.17 0.00
N ASP F 127 3.26 10.52 -1.13
CA ASP F 127 2.42 9.45 -1.66
C ASP F 127 3.14 8.13 -1.46
N ARG F 128 3.02 7.57 -0.25
CA ARG F 128 3.65 6.30 0.06
C ARG F 128 3.05 5.17 -0.78
N GLY F 129 1.76 5.24 -1.09
CA GLY F 129 1.08 4.19 -1.82
C GLY F 129 1.52 4.01 -3.26
N ARG F 130 2.30 4.95 -3.80
CA ARG F 130 2.83 4.83 -5.15
C ARG F 130 4.35 4.78 -5.19
N MET F 131 5.00 4.57 -4.05
CA MET F 131 6.46 4.56 -4.04
C MET F 131 7.03 3.29 -4.64
N GLU F 132 6.35 2.15 -4.44
CA GLU F 132 6.79 0.93 -5.10
C GLU F 132 6.70 1.08 -6.61
N GLU F 133 5.60 1.63 -7.10
CA GLU F 133 5.48 1.92 -8.53
C GLU F 133 6.55 2.90 -8.98
N SER F 134 6.91 3.86 -8.14
CA SER F 134 7.92 4.84 -8.51
C SER F 134 9.31 4.21 -8.56
N ILE F 135 9.67 3.45 -7.52
CA ILE F 135 10.98 2.79 -7.51
C ILE F 135 11.08 1.79 -8.66
N SER F 136 9.98 1.10 -8.95
CA SER F 136 9.98 0.13 -10.05
C SER F 136 10.22 0.82 -11.39
N TYR F 137 9.59 1.99 -11.60
CA TYR F 137 9.82 2.71 -12.84
C TYR F 137 11.23 3.29 -12.91
N PHE F 138 11.75 3.72 -11.76
CA PHE F 138 13.14 4.19 -11.71
C PHE F 138 14.10 3.08 -12.11
N SER F 139 13.84 1.86 -11.64
CA SER F 139 14.66 0.71 -12.03
C SER F 139 14.63 0.49 -13.54
N ASP F 140 13.45 0.68 -14.16
CA ASP F 140 13.35 0.54 -15.61
C ASP F 140 14.20 1.57 -16.33
N VAL F 141 14.17 2.82 -15.87
CA VAL F 141 14.92 3.89 -16.53
C VAL F 141 16.42 3.62 -16.43
N ILE F 142 16.89 3.20 -15.26
CA ILE F 142 18.31 2.88 -15.09
C ILE F 142 18.69 1.71 -15.99
N LYS F 143 17.78 0.74 -16.14
CA LYS F 143 18.04 -0.39 -17.04
C LYS F 143 18.20 0.08 -18.48
N GLU F 144 17.50 1.14 -18.87
CA GLU F 144 17.65 1.66 -20.23
C GLU F 144 18.98 2.39 -20.40
N PHE F 145 19.44 3.07 -19.35
CA PHE F 145 20.77 3.70 -19.41
C PHE F 145 21.87 2.65 -19.51
N ARG F 146 21.70 1.51 -18.84
CA ARG F 146 22.69 0.45 -18.91
C ARG F 146 22.76 -0.14 -20.32
N LYS F 147 21.60 -0.39 -20.93
CA LYS F 147 21.58 -0.97 -22.27
C LYS F 147 22.14 0.01 -23.30
N LEU F 148 21.90 1.31 -23.12
CA LEU F 148 22.50 2.33 -23.96
C LEU F 148 23.97 2.58 -23.64
N GLU F 149 24.50 1.95 -22.59
CA GLU F 149 25.90 2.06 -22.18
C GLU F 149 26.30 3.51 -21.92
N ILE F 150 25.37 4.30 -21.40
CA ILE F 150 25.65 5.68 -21.01
C ILE F 150 25.45 5.82 -19.51
N SER F 151 26.13 6.80 -18.93
CA SER F 151 26.13 7.03 -17.49
C SER F 151 25.84 8.49 -17.20
N PRO F 152 24.59 8.93 -17.35
CA PRO F 152 24.24 10.30 -16.96
C PRO F 152 24.30 10.48 -15.46
N LEU F 153 24.44 11.73 -15.05
CA LEU F 153 24.26 12.07 -13.65
C LEU F 153 22.82 11.81 -13.24
N ILE F 154 22.64 11.18 -12.10
CA ILE F 154 21.31 10.91 -11.56
C ILE F 154 21.07 11.88 -10.42
N TYR F 155 19.99 12.65 -10.51
CA TYR F 155 19.63 13.60 -9.47
C TYR F 155 18.21 13.29 -9.00
N ILE F 156 18.10 12.85 -7.75
CA ILE F 156 16.81 12.48 -7.16
C ILE F 156 16.23 13.70 -6.47
N PHE F 157 15.01 14.08 -6.87
CA PHE F 157 14.25 15.12 -6.18
C PHE F 157 13.21 14.42 -5.30
N PHE F 158 13.42 14.45 -3.99
CA PHE F 158 12.39 14.02 -3.04
C PHE F 158 11.44 15.20 -2.88
N HIS F 159 10.39 15.21 -3.69
CA HIS F 159 9.60 16.40 -3.95
C HIS F 159 8.34 16.43 -3.10
N LYS F 160 7.75 17.63 -3.02
CA LYS F 160 6.61 17.94 -2.14
C LYS F 160 7.01 17.83 -0.68
N PHE F 161 8.29 18.13 -0.39
CA PHE F 161 8.80 18.21 0.98
C PHE F 161 8.38 19.54 1.61
N ASP F 162 7.07 19.76 1.66
CA ASP F 162 6.53 21.04 2.10
C ASP F 162 6.88 21.27 3.57
N PRO F 163 7.02 22.54 3.97
CA PRO F 163 7.29 22.82 5.39
C PRO F 163 6.25 22.25 6.33
N THR F 164 4.96 22.39 6.01
CA THR F 164 3.92 21.86 6.87
C THR F 164 3.96 20.33 6.92
N TYR F 165 4.10 19.70 5.75
CA TYR F 165 4.12 18.24 5.71
C TYR F 165 5.34 17.67 6.44
N ALA F 166 6.51 18.28 6.23
CA ALA F 166 7.71 17.79 6.91
C ALA F 166 7.64 17.98 8.42
N LYS F 167 7.06 19.10 8.86
CA LYS F 167 6.96 19.35 10.29
C LYS F 167 6.04 18.33 10.96
N ASN F 168 4.95 17.97 10.29
CA ASN F 168 3.98 17.05 10.89
C ASN F 168 4.43 15.61 10.81
N GLU F 169 5.17 15.23 9.77
CA GLU F 169 5.60 13.84 9.62
C GLU F 169 6.86 13.54 10.43
N GLY F 170 7.71 14.53 10.68
CA GLY F 170 8.84 14.36 11.56
C GLY F 170 9.79 13.28 11.06
N ILE F 171 10.38 12.55 12.01
CA ILE F 171 11.38 11.53 11.65
C ILE F 171 10.77 10.34 10.94
N HIS F 172 9.44 10.22 10.92
CA HIS F 172 8.80 9.16 10.15
C HIS F 172 9.04 9.37 8.65
N LEU F 173 8.93 10.61 8.19
CA LEU F 173 9.26 10.90 6.80
C LEU F 173 10.76 10.71 6.54
N GLU F 174 11.59 11.07 7.52
CA GLU F 174 13.04 10.92 7.35
C GLU F 174 13.43 9.46 7.17
N GLY F 175 12.82 8.56 7.94
CA GLY F 175 13.10 7.14 7.75
C GLY F 175 12.65 6.65 6.38
N LEU F 176 11.50 7.13 5.92
CA LEU F 176 11.00 6.73 4.61
C LEU F 176 11.95 7.18 3.50
N ILE F 177 12.46 8.40 3.59
CA ILE F 177 13.43 8.88 2.60
C ILE F 177 14.71 8.06 2.68
N SER F 178 15.15 7.73 3.90
CA SER F 178 16.33 6.90 4.05
C SER F 178 16.10 5.52 3.45
N GLN F 179 14.89 4.97 3.60
CA GLN F 179 14.56 3.70 2.96
C GLN F 179 14.63 3.85 1.43
N LEU F 180 14.08 4.93 0.89
CA LEU F 180 14.13 5.14 -0.55
C LEU F 180 15.56 5.31 -1.04
N LYS F 181 16.41 5.96 -0.25
CA LYS F 181 17.81 6.12 -0.62
C LYS F 181 18.50 4.77 -0.75
N ASP F 182 18.18 3.83 0.15
CA ASP F 182 18.80 2.50 0.07
C ASP F 182 18.36 1.76 -1.18
N GLU F 183 17.07 1.84 -1.52
CA GLU F 183 16.58 1.20 -2.74
C GLU F 183 17.28 1.76 -3.97
N ILE F 184 17.49 3.07 -4.01
CA ILE F 184 18.17 3.68 -5.15
C ILE F 184 19.62 3.20 -5.22
N ARG F 185 20.29 3.09 -4.06
CA ARG F 185 21.67 2.61 -4.06
C ARG F 185 21.77 1.18 -4.58
N ASN F 186 20.83 0.31 -4.15
CA ASN F 186 20.85 -1.07 -4.62
C ASN F 186 20.60 -1.15 -6.13
N ILE F 187 19.77 -0.25 -6.67
CA ILE F 187 19.51 -0.24 -8.10
C ILE F 187 20.72 0.28 -8.86
N ILE F 188 21.39 1.30 -8.32
CA ILE F 188 22.48 1.95 -9.03
C ILE F 188 23.72 1.05 -9.06
N GLU F 189 24.03 0.42 -7.94
CA GLU F 189 25.22 -0.44 -7.81
C GLU F 189 26.51 0.33 -8.13
N GLU F 190 26.57 1.58 -7.71
CA GLU F 190 27.74 2.44 -7.87
C GLU F 190 28.20 2.56 -9.32
N GLU F 191 27.31 2.33 -10.28
CA GLU F 191 27.61 2.54 -11.68
C GLU F 191 27.25 3.93 -12.17
N PHE F 192 26.62 4.74 -11.31
CA PHE F 192 26.20 6.09 -11.66
C PHE F 192 26.51 7.03 -10.50
N ASN F 193 26.78 8.29 -10.85
N ASN F 193 26.73 8.29 -10.84
CA ASN F 193 26.82 9.34 -9.84
CA ASN F 193 26.84 9.34 -9.84
C ASN F 193 25.40 9.76 -9.52
C ASN F 193 25.44 9.84 -9.50
N VAL F 194 25.06 9.73 -8.23
CA VAL F 194 23.71 10.06 -7.77
C VAL F 194 23.79 11.20 -6.77
N SER F 195 22.94 12.21 -6.97
CA SER F 195 22.75 13.30 -6.01
C SER F 195 21.31 13.30 -5.55
N TYR F 196 21.09 13.86 -4.36
CA TYR F 196 19.77 13.91 -3.73
C TYR F 196 19.45 15.33 -3.32
N SER F 197 18.16 15.65 -3.28
CA SER F 197 17.68 16.91 -2.73
C SER F 197 16.22 16.75 -2.32
N ASN F 198 15.86 17.43 -1.23
CA ASN F 198 14.47 17.57 -0.83
C ASN F 198 13.95 18.88 -1.43
N THR F 199 12.86 18.79 -2.18
CA THR F 199 12.36 19.95 -2.91
C THR F 199 10.86 20.13 -2.63
N THR F 200 10.40 21.36 -2.86
CA THR F 200 8.99 21.72 -2.70
C THR F 200 8.76 23.08 -3.33
N ILE F 201 7.61 23.24 -3.99
CA ILE F 201 7.26 24.52 -4.59
C ILE F 201 6.99 25.60 -3.55
N TYR F 202 6.86 25.22 -2.27
CA TYR F 202 6.67 26.18 -1.20
C TYR F 202 7.99 26.69 -0.63
N ASP F 203 9.11 26.36 -1.28
CA ASP F 203 10.43 26.87 -0.90
C ASP F 203 11.23 27.01 -2.19
N LEU F 204 11.18 28.21 -2.78
CA LEU F 204 11.82 28.42 -4.08
C LEU F 204 13.31 28.09 -4.02
N TRP F 205 13.96 28.37 -2.89
CA TRP F 205 15.40 28.13 -2.78
C TRP F 205 15.72 26.65 -2.94
N SER F 206 14.84 25.77 -2.42
CA SER F 206 15.11 24.34 -2.51
C SER F 206 15.18 23.88 -3.97
N ILE F 207 14.34 24.46 -4.83
CA ILE F 207 14.36 24.08 -6.24
C ILE F 207 15.47 24.81 -6.99
N ILE F 208 15.69 26.09 -6.69
CA ILE F 208 16.69 26.87 -7.40
C ILE F 208 18.09 26.32 -7.12
N SER F 209 18.43 26.11 -5.84
CA SER F 209 19.78 25.69 -5.51
C SER F 209 20.06 24.26 -5.96
N SER F 210 19.04 23.40 -5.97
CA SER F 210 19.25 22.03 -6.44
C SER F 210 19.50 21.99 -7.95
N PHE F 211 18.73 22.77 -8.71
CA PHE F 211 18.96 22.82 -10.16
C PHE F 211 20.28 23.50 -10.50
N SER F 212 20.64 24.53 -9.73
CA SER F 212 21.94 25.18 -9.93
C SER F 212 23.08 24.21 -9.65
N ASP F 213 23.02 23.52 -8.51
CA ASP F 213 24.03 22.53 -8.17
C ASP F 213 24.12 21.46 -9.24
N LEU F 214 22.99 21.10 -9.85
CA LEU F 214 22.98 20.13 -10.93
C LEU F 214 23.78 20.63 -12.13
N LEU F 215 23.54 21.87 -12.55
CA LEU F 215 24.23 22.41 -13.71
C LEU F 215 25.71 22.62 -13.45
N LEU F 216 26.08 22.99 -12.23
CA LEU F 216 27.49 23.16 -11.92
C LEU F 216 28.24 21.84 -11.87
N LYS F 217 27.53 20.72 -11.72
CA LYS F 217 28.19 19.42 -11.83
C LYS F 217 28.48 19.07 -13.29
N ILE F 218 27.64 19.54 -14.22
CA ILE F 218 27.95 19.39 -15.64
C ILE F 218 29.12 20.30 -16.03
N PHE F 219 29.10 21.54 -15.53
CA PHE F 219 30.12 22.55 -15.86
C PHE F 219 30.79 22.97 -14.56
N PRO F 220 31.76 22.21 -14.08
CA PRO F 220 32.44 22.56 -12.83
C PRO F 220 33.10 23.93 -12.90
N GLN F 221 33.10 24.63 -11.77
CA GLN F 221 33.68 25.95 -11.66
C GLN F 221 35.12 25.86 -11.16
N SER F 222 35.88 26.93 -11.42
CA SER F 222 37.22 27.04 -10.86
C SER F 222 37.15 27.26 -9.36
N GLU F 223 38.10 26.67 -8.64
CA GLU F 223 38.16 26.87 -7.18
C GLU F 223 38.43 28.33 -6.82
N LEU F 224 38.99 29.10 -7.74
CA LEU F 224 39.24 30.52 -7.49
C LEU F 224 37.95 31.31 -7.31
N LEU F 225 36.81 30.79 -7.76
CA LEU F 225 35.56 31.52 -7.62
C LEU F 225 35.14 31.62 -6.16
N ASP F 226 35.05 30.48 -5.47
CA ASP F 226 34.68 30.51 -4.06
C ASP F 226 35.70 31.27 -3.22
N LYS F 227 36.98 31.15 -3.57
CA LYS F 227 38.02 31.88 -2.86
C LYS F 227 37.92 33.38 -3.11
N THR F 228 37.50 33.78 -4.32
CA THR F 228 37.34 35.19 -4.62
C THR F 228 36.14 35.78 -3.88
N ILE F 229 35.02 35.07 -3.88
CA ILE F 229 33.84 35.54 -3.15
C ILE F 229 34.11 35.61 -1.65
N GLN F 230 34.82 34.60 -1.13
CA GLN F 230 35.17 34.60 0.29
C GLN F 230 36.12 35.75 0.61
N GLU F 231 37.10 36.00 -0.27
CA GLU F 231 38.08 37.05 -0.02
C GLU F 231 37.44 38.43 -0.09
N PHE F 232 36.52 38.64 -1.03
CA PHE F 232 35.84 39.92 -1.14
C PHE F 232 34.96 40.17 0.09
N ALA F 233 34.34 39.12 0.62
CA ALA F 233 33.49 39.27 1.78
C ALA F 233 34.30 39.70 3.01
N GLU F 234 35.46 39.07 3.23
CA GLU F 234 36.26 39.42 4.39
C GLU F 234 37.01 40.74 4.20
N SER F 235 37.12 41.23 2.97
CA SER F 235 37.75 42.54 2.75
C SER F 235 36.87 43.68 3.22
N LEU F 236 35.57 43.45 3.38
CA LEU F 236 34.63 44.45 3.88
C LEU F 236 34.49 44.42 5.39
N ASP F 237 35.42 43.78 6.09
CA ASP F 237 35.35 43.56 7.54
C ASP F 237 34.07 42.78 7.84
N SER F 238 33.44 43.04 8.98
CA SER F 238 32.18 42.38 9.34
C SER F 238 30.98 42.98 8.63
N ASN F 239 31.20 43.85 7.65
CA ASN F 239 30.13 44.52 6.92
C ASN F 239 29.77 43.78 5.63
N CYS F 240 29.52 42.48 5.76
CA CYS F 240 29.09 41.68 4.60
C CYS F 240 28.49 40.38 5.13
N ASN F 241 27.17 40.27 5.06
CA ASN F 241 26.49 39.09 5.58
C ASN F 241 26.27 38.01 4.53
N ALA F 242 25.99 38.39 3.28
CA ALA F 242 25.66 37.40 2.27
C ALA F 242 25.90 37.97 0.88
N ILE F 243 26.22 37.08 -0.06
CA ILE F 243 26.46 37.43 -1.45
C ILE F 243 25.84 36.35 -2.33
N LEU F 244 25.17 36.77 -3.40
CA LEU F 244 24.69 35.85 -4.42
C LEU F 244 25.15 36.32 -5.80
N VAL F 245 25.65 35.40 -6.60
CA VAL F 245 25.98 35.66 -7.99
C VAL F 245 25.06 34.79 -8.84
N LEU F 246 24.15 35.42 -9.57
CA LEU F 246 23.15 34.71 -10.36
C LEU F 246 23.35 35.00 -11.84
N ASP F 247 22.78 34.12 -12.67
CA ASP F 247 22.75 34.32 -14.10
C ASP F 247 21.39 34.87 -14.50
N SER F 248 21.19 35.09 -15.81
CA SER F 248 19.95 35.65 -16.29
C SER F 248 18.75 34.74 -16.07
N ASN F 249 18.99 33.45 -15.85
CA ASN F 249 17.92 32.53 -15.45
C ASN F 249 17.63 32.58 -13.96
N SER F 250 18.28 33.47 -13.22
CA SER F 250 18.22 33.54 -11.76
C SER F 250 18.75 32.28 -11.09
N LEU F 251 19.61 31.53 -11.76
CA LEU F 251 20.26 30.37 -11.18
C LEU F 251 21.54 30.81 -10.47
N VAL F 252 21.93 30.04 -9.45
CA VAL F 252 22.98 30.45 -8.53
C VAL F 252 24.33 30.01 -9.07
N ILE F 253 25.14 30.99 -9.48
CA ILE F 253 26.50 30.71 -9.95
C ILE F 253 27.49 30.72 -8.79
N GLY F 254 27.30 31.62 -7.83
CA GLY F 254 28.14 31.67 -6.65
C GLY F 254 27.33 32.18 -5.48
N GLN F 255 27.76 31.82 -4.27
CA GLN F 255 27.02 32.20 -3.08
C GLN F 255 27.97 32.30 -1.90
N PHE F 256 27.59 33.13 -0.93
CA PHE F 256 28.30 33.26 0.33
C PHE F 256 27.29 33.63 1.41
N PHE F 257 27.42 33.00 2.57
CA PHE F 257 26.54 33.27 3.70
C PHE F 257 27.37 33.26 4.97
N GLU F 258 27.25 34.35 5.76
CA GLU F 258 27.98 34.43 7.02
C GLU F 258 27.38 33.48 8.05
N ASN F 259 26.05 33.35 8.08
CA ASN F 259 25.37 32.48 9.02
C ASN F 259 24.02 32.10 8.42
N GLU F 260 23.25 31.32 9.17
CA GLU F 260 21.98 30.80 8.64
C GLU F 260 20.94 31.92 8.52
N GLU F 261 20.95 32.88 9.45
CA GLU F 261 19.96 33.96 9.38
C GLU F 261 20.23 34.86 8.18
N SER F 262 21.51 35.13 7.88
CA SER F 262 21.84 35.92 6.69
C SER F 262 21.40 35.20 5.42
N LYS F 263 21.51 33.87 5.40
CA LYS F 263 21.08 33.11 4.23
C LYS F 263 19.57 33.22 4.03
N GLN F 264 18.79 33.03 5.09
CA GLN F 264 17.34 33.09 4.97
C GLN F 264 16.86 34.47 4.57
N ILE F 265 17.53 35.53 5.05
CA ILE F 265 17.11 36.88 4.70
C ILE F 265 17.34 37.16 3.23
N LEU F 266 18.55 36.88 2.74
CA LEU F 266 18.86 37.21 1.35
C LEU F 266 18.13 36.30 0.37
N THR F 267 18.12 34.99 0.65
CA THR F 267 17.47 34.06 -0.28
C THR F 267 15.96 34.29 -0.36
N LYS F 268 15.34 34.79 0.70
CA LYS F 268 13.93 35.09 0.66
C LYS F 268 13.64 36.48 0.11
N SER F 269 14.58 37.41 0.22
CA SER F 269 14.38 38.75 -0.30
C SER F 269 14.73 38.87 -1.77
N THR F 270 15.68 38.06 -2.25
CA THR F 270 16.17 38.20 -3.61
C THR F 270 15.10 38.05 -4.70
N PRO F 271 14.18 37.06 -4.64
CA PRO F 271 13.18 36.97 -5.72
C PRO F 271 12.40 38.25 -5.95
N TYR F 272 12.12 39.01 -4.89
CA TYR F 272 11.40 40.27 -5.05
C TYR F 272 12.32 41.38 -5.54
N PHE F 273 13.60 41.34 -5.17
CA PHE F 273 14.56 42.30 -5.72
C PHE F 273 14.73 42.08 -7.22
N LEU F 274 14.75 40.81 -7.66
CA LEU F 274 14.86 40.52 -9.08
C LEU F 274 13.64 41.01 -9.85
N THR F 275 12.45 40.76 -9.31
CA THR F 275 11.23 41.21 -9.98
C THR F 275 11.21 42.72 -10.13
N LEU F 276 11.65 43.45 -9.10
CA LEU F 276 11.74 44.90 -9.19
C LEU F 276 12.74 45.32 -10.26
N ASN F 277 13.92 44.70 -10.27
CA ASN F 277 14.95 45.07 -11.24
C ASN F 277 14.51 44.76 -12.66
N ASP F 278 13.89 43.62 -12.86
CA ASP F 278 13.40 43.25 -14.17
C ASP F 278 12.24 44.12 -14.61
N SER F 279 11.28 44.34 -13.74
CA SER F 279 10.08 45.11 -14.13
C SER F 279 10.45 46.53 -14.49
N LEU F 280 11.56 47.00 -13.96
CA LEU F 280 12.01 48.32 -14.28
C LEU F 280 12.98 48.20 -15.43
N SER F 289 22.11 49.10 -11.77
CA SER F 289 22.63 49.15 -10.40
C SER F 289 21.66 49.76 -9.40
N MET F 290 21.53 49.14 -8.25
CA MET F 290 20.59 49.62 -7.25
C MET F 290 21.04 49.49 -5.83
N ILE F 291 20.51 50.31 -4.94
CA ILE F 291 20.76 50.18 -3.50
C ILE F 291 19.44 50.26 -2.75
N ILE F 292 19.23 49.31 -1.86
CA ILE F 292 17.99 49.23 -1.10
C ILE F 292 18.33 49.15 0.39
N GLU F 293 17.74 50.05 1.18
CA GLU F 293 17.84 50.02 2.63
C GLU F 293 16.48 49.67 3.21
N ARG F 294 16.46 48.66 4.09
CA ARG F 294 15.22 48.24 4.72
C ARG F 294 15.57 47.53 6.03
N GLY F 295 14.90 47.92 7.10
CA GLY F 295 15.18 47.31 8.40
C GLY F 295 16.59 47.65 8.85
N ASN F 296 17.36 46.63 9.19
CA ASN F 296 18.74 46.79 9.63
C ASN F 296 19.74 46.28 8.60
N LYS F 297 19.36 46.23 7.33
CA LYS F 297 20.22 45.71 6.28
C LYS F 297 20.25 46.67 5.10
N ARG F 298 21.29 46.54 4.29
CA ARG F 298 21.46 47.29 3.05
C ARG F 298 21.85 46.34 1.94
N PHE F 299 21.20 46.48 0.78
CA PHE F 299 21.38 45.58 -0.35
C PHE F 299 21.92 46.34 -1.54
N PHE F 300 23.03 45.84 -2.10
CA PHE F 300 23.63 46.38 -3.31
C PHE F 300 23.45 45.39 -4.44
N THR F 301 22.87 45.84 -5.56
CA THR F 301 22.66 44.99 -6.72
C THR F 301 23.39 45.59 -7.93
N ASP F 302 23.93 44.72 -8.77
CA ASP F 302 24.67 45.14 -9.95
C ASP F 302 24.53 44.08 -11.04
N GLN F 303 24.67 44.52 -12.29
CA GLN F 303 24.67 43.64 -13.45
C GLN F 303 26.02 43.74 -14.15
N PHE F 304 26.51 42.60 -14.65
CA PHE F 304 27.75 42.57 -15.40
C PHE F 304 27.71 41.40 -16.37
N ARG F 305 28.58 41.47 -17.38
CA ARG F 305 28.62 40.47 -18.44
C ARG F 305 29.95 39.73 -18.41
N ILE F 306 29.91 38.47 -18.82
CA ILE F 306 31.10 37.71 -19.15
C ILE F 306 31.11 37.48 -20.66
N LYS F 307 32.30 37.20 -21.19
CA LYS F 307 32.48 37.22 -22.63
C LYS F 307 31.72 36.11 -23.33
N ARG F 308 31.56 34.95 -22.69
CA ARG F 308 30.97 33.80 -23.38
C ARG F 308 29.47 33.68 -23.21
N ALA F 309 28.84 34.49 -22.37
CA ALA F 309 27.42 34.39 -22.09
C ALA F 309 26.66 35.52 -22.77
N SER F 310 25.43 35.21 -23.18
CA SER F 310 24.65 36.18 -23.97
C SER F 310 24.12 37.31 -23.10
N GLU F 311 23.59 36.99 -21.93
CA GLU F 311 22.91 37.94 -21.08
C GLU F 311 23.71 38.24 -19.82
N PRO F 312 23.46 39.39 -19.19
CA PRO F 312 24.25 39.76 -18.01
C PRO F 312 24.00 38.83 -16.83
N LEU F 313 24.97 38.81 -15.92
CA LEU F 313 24.83 38.15 -14.63
C LEU F 313 24.40 39.18 -13.58
N PHE F 314 23.92 38.68 -12.45
CA PHE F 314 23.35 39.52 -11.40
C PHE F 314 24.11 39.31 -10.10
N LEU F 315 24.56 40.41 -9.50
CA LEU F 315 25.29 40.39 -8.24
C LEU F 315 24.48 41.13 -7.20
N ILE F 316 24.25 40.50 -6.06
CA ILE F 316 23.55 41.12 -4.94
C ILE F 316 24.35 40.89 -3.67
N ILE F 317 24.58 41.97 -2.93
CA ILE F 317 25.39 41.94 -1.71
C ILE F 317 24.55 42.51 -0.57
N MET F 318 24.54 41.81 0.55
CA MET F 318 23.81 42.28 1.71
C MET F 318 24.80 42.66 2.77
N THR F 319 24.64 43.86 3.28
CA THR F 319 25.55 44.35 4.27
C THR F 319 24.83 44.93 5.43
N PRO F 320 25.49 44.97 6.57
CA PRO F 320 24.89 45.66 7.69
C PRO F 320 24.67 47.11 7.31
N LYS F 321 23.59 47.69 7.77
CA LYS F 321 23.28 49.08 7.48
C LYS F 321 23.99 50.06 8.42
N LEU F 327 32.09 50.24 -1.17
CA LEU F 327 32.75 51.11 -2.12
C LEU F 327 32.58 50.66 -3.56
N ARG F 328 32.20 51.58 -4.40
CA ARG F 328 32.06 51.26 -5.80
C ARG F 328 33.35 50.65 -6.29
N GLU F 329 34.47 51.11 -5.77
CA GLU F 329 35.73 50.63 -6.26
C GLU F 329 35.96 49.18 -5.89
N LYS F 330 35.64 48.81 -4.66
CA LYS F 330 35.76 47.42 -4.28
C LYS F 330 34.86 46.55 -5.14
N ILE F 331 33.65 47.02 -5.41
CA ILE F 331 32.72 46.23 -6.17
C ILE F 331 33.24 46.10 -7.58
N ASP F 332 33.64 47.22 -8.17
CA ASP F 332 34.09 47.17 -9.55
C ASP F 332 35.25 46.19 -9.71
N SER F 333 36.19 46.18 -8.77
CA SER F 333 37.31 45.25 -8.85
C SER F 333 36.86 43.82 -8.60
N PHE F 334 35.86 43.63 -7.74
CA PHE F 334 35.31 42.29 -7.53
C PHE F 334 34.61 41.79 -8.78
N ILE F 335 33.87 42.66 -9.46
CA ILE F 335 33.25 42.29 -10.73
C ILE F 335 34.32 41.96 -11.77
N THR F 336 35.41 42.72 -11.77
CA THR F 336 36.49 42.47 -12.73
C THR F 336 37.08 41.08 -12.54
N LEU F 337 37.29 40.66 -11.29
CA LEU F 337 37.81 39.32 -11.03
C LEU F 337 36.81 38.25 -11.47
N LEU F 338 35.53 38.45 -11.19
CA LEU F 338 34.52 37.46 -11.55
C LEU F 338 34.44 37.29 -13.06
N GLN F 339 34.60 38.39 -13.81
CA GLN F 339 34.50 38.32 -15.26
C GLN F 339 35.54 37.38 -15.86
N GLY F 340 36.73 37.31 -15.27
CA GLY F 340 37.78 36.43 -15.74
C GLY F 340 37.83 35.08 -15.09
N ILE F 341 36.98 34.82 -14.10
CA ILE F 341 36.97 33.55 -13.39
C ILE F 341 35.77 32.69 -13.77
N ILE F 342 34.58 33.29 -13.84
CA ILE F 342 33.36 32.55 -14.16
C ILE F 342 33.44 32.01 -15.58
N SER G 42 16.59 18.44 -38.07
CA SER G 42 15.46 19.16 -37.52
C SER G 42 15.19 20.44 -38.32
N GLU G 43 13.92 20.83 -38.39
CA GLU G 43 13.53 22.08 -39.03
C GLU G 43 13.59 23.21 -38.02
N LYS G 44 14.02 24.39 -38.48
CA LYS G 44 14.16 25.56 -37.62
C LYS G 44 13.21 26.64 -38.11
N ILE G 45 12.29 27.05 -37.24
CA ILE G 45 11.36 28.14 -37.51
C ILE G 45 11.74 29.32 -36.62
N LEU G 46 11.87 30.49 -37.23
CA LEU G 46 12.33 31.69 -36.54
C LEU G 46 11.21 32.72 -36.56
N PHE G 47 10.73 33.10 -35.37
CA PHE G 47 9.83 34.23 -35.20
C PHE G 47 10.67 35.48 -34.94
N THR G 48 10.48 36.51 -35.76
CA THR G 48 11.16 37.77 -35.50
C THR G 48 10.25 38.92 -35.95
N GLY G 49 10.75 40.13 -35.80
CA GLY G 49 9.97 41.35 -35.92
C GLY G 49 10.22 42.28 -34.75
N LEU G 50 9.67 43.48 -34.88
CA LEU G 50 9.86 44.49 -33.85
C LEU G 50 9.24 44.05 -32.53
N ASP G 51 9.73 44.63 -31.43
CA ASP G 51 9.08 44.48 -30.15
C ASP G 51 7.64 44.98 -30.24
N ASN G 52 6.76 44.37 -29.45
CA ASN G 52 5.33 44.70 -29.35
C ASN G 52 4.55 44.25 -30.58
N SER G 53 5.18 43.56 -31.54
CA SER G 53 4.46 43.17 -32.74
C SER G 53 3.50 42.01 -32.51
N GLY G 54 3.72 41.22 -31.46
CA GLY G 54 2.81 40.15 -31.11
C GLY G 54 3.34 38.74 -31.32
N LYS G 55 4.66 38.57 -31.50
CA LYS G 55 5.21 37.25 -31.79
C LYS G 55 4.92 36.25 -30.68
N THR G 56 5.22 36.63 -29.44
CA THR G 56 5.04 35.70 -28.32
C THR G 56 3.57 35.38 -28.08
N SER G 57 2.67 36.35 -28.32
CA SER G 57 1.25 36.08 -28.20
C SER G 57 0.81 35.02 -29.21
N ILE G 58 1.30 35.12 -30.45
CA ILE G 58 0.97 34.10 -31.45
C ILE G 58 1.41 32.72 -30.98
N ILE G 59 2.63 32.63 -30.44
CA ILE G 59 3.13 31.35 -29.94
C ILE G 59 2.26 30.85 -28.80
N LYS G 60 1.83 31.74 -27.91
CA LYS G 60 0.96 31.33 -26.81
C LYS G 60 -0.34 30.72 -27.32
N VAL G 61 -0.92 31.32 -28.37
CA VAL G 61 -2.13 30.76 -28.97
C VAL G 61 -1.85 29.36 -29.52
N LEU G 62 -0.70 29.18 -30.17
CA LEU G 62 -0.35 27.87 -30.71
C LEU G 62 -0.12 26.83 -29.62
N GLN G 63 0.22 27.26 -28.40
CA GLN G 63 0.47 26.36 -27.30
C GLN G 63 -0.77 26.14 -26.43
N LYS G 64 -1.94 26.64 -26.84
CA LYS G 64 -3.18 26.53 -26.06
C LYS G 64 -3.01 27.16 -24.69
N GLU G 65 -2.28 28.27 -24.62
CA GLU G 65 -2.00 28.97 -23.37
C GLU G 65 -2.36 30.45 -23.50
N ILE G 66 -3.58 30.70 -24.01
CA ILE G 66 -4.04 32.07 -24.19
C ILE G 66 -4.19 32.78 -22.85
N SER G 67 -4.47 32.02 -21.79
CA SER G 67 -4.67 32.61 -20.47
C SER G 67 -3.42 33.34 -19.97
N GLN G 68 -2.26 33.06 -20.56
CA GLN G 68 -1.02 33.67 -20.08
C GLN G 68 -0.66 34.94 -20.84
N ILE G 69 -1.42 35.28 -21.87
CA ILE G 69 -1.09 36.44 -22.69
C ILE G 69 -1.14 37.72 -21.85
N ALA G 70 -2.06 37.79 -20.90
CA ALA G 70 -2.13 38.96 -20.03
C ALA G 70 -0.89 39.12 -19.16
N MET G 71 -0.16 38.03 -18.91
CA MET G 71 1.04 38.07 -18.08
C MET G 71 2.32 38.15 -18.91
N LEU G 72 2.22 38.53 -20.17
CA LEU G 72 3.38 38.57 -21.05
C LEU G 72 4.26 39.77 -20.75
N LYS G 73 5.57 39.54 -20.79
CA LYS G 73 6.57 40.57 -20.65
C LYS G 73 7.44 40.59 -21.91
N PRO G 74 8.18 41.68 -22.15
CA PRO G 74 9.09 41.70 -23.30
C PRO G 74 10.05 40.51 -23.27
N THR G 75 10.08 39.77 -24.36
CA THR G 75 10.92 38.58 -24.44
C THR G 75 12.39 38.99 -24.42
N ARG G 76 13.17 38.31 -23.59
CA ARG G 76 14.59 38.63 -23.43
C ARG G 76 15.40 37.74 -24.38
N GLN G 77 15.90 38.33 -25.46
CA GLN G 77 16.75 37.66 -26.45
C GLN G 77 15.94 36.49 -27.04
N ALA G 78 16.56 35.34 -27.29
CA ALA G 78 15.91 34.23 -27.98
C ALA G 78 15.40 33.22 -26.97
N GLN G 79 14.09 32.95 -27.03
CA GLN G 79 13.48 31.83 -26.33
C GLN G 79 13.24 30.70 -27.31
N ARG G 80 13.60 29.48 -26.91
CA ARG G 80 13.62 28.36 -27.83
C ARG G 80 12.88 27.16 -27.25
N LYS G 81 12.10 26.49 -28.09
CA LYS G 81 11.43 25.26 -27.71
C LYS G 81 11.47 24.29 -28.90
N ILE G 82 11.11 23.04 -28.62
CA ILE G 82 11.09 21.98 -29.63
C ILE G 82 9.73 21.30 -29.57
N PHE G 83 9.12 21.08 -30.73
CA PHE G 83 7.85 20.37 -30.79
C PHE G 83 7.88 19.41 -31.99
N GLU G 84 6.93 18.49 -31.99
CA GLU G 84 6.84 17.48 -33.04
C GLU G 84 5.64 17.75 -33.94
N PHE G 85 5.84 17.57 -35.25
CA PHE G 85 4.77 17.66 -36.23
C PHE G 85 4.84 16.42 -37.12
N LEU G 86 3.87 15.52 -36.93
CA LEU G 86 3.76 14.29 -37.72
C LEU G 86 5.10 13.53 -37.75
N GLY G 87 5.71 13.39 -36.57
CA GLY G 87 6.93 12.64 -36.44
C GLY G 87 8.20 13.40 -36.74
N ASN G 88 8.12 14.68 -37.07
CA ASN G 88 9.30 15.51 -37.34
C ASN G 88 9.50 16.50 -36.22
N ASP G 89 10.72 16.57 -35.70
CA ASP G 89 11.06 17.55 -34.66
C ASP G 89 11.33 18.90 -35.29
N ILE G 90 10.79 19.96 -34.67
CA ILE G 90 10.91 21.31 -35.17
C ILE G 90 11.32 22.21 -34.02
N SER G 91 12.43 22.94 -34.21
CA SER G 91 12.87 23.92 -33.23
C SER G 91 12.28 25.28 -33.54
N GLU G 92 11.78 25.95 -32.52
CA GLU G 92 11.09 27.22 -32.66
C GLU G 92 11.84 28.29 -31.88
N TRP G 93 12.26 29.35 -32.58
CA TRP G 93 13.01 30.45 -31.98
C TRP G 93 12.11 31.67 -31.90
N ASP G 94 11.97 32.23 -30.70
CA ASP G 94 11.24 33.47 -30.47
C ASP G 94 12.27 34.54 -30.14
N LEU G 95 12.55 35.43 -31.10
CA LEU G 95 13.54 36.48 -30.92
C LEU G 95 12.86 37.71 -30.34
N GLY G 96 13.21 38.07 -29.10
CA GLY G 96 12.75 39.31 -28.52
C GLY G 96 13.11 40.48 -29.40
N GLY G 97 12.15 41.39 -29.62
CA GLY G 97 12.27 42.42 -30.63
C GLY G 97 12.73 43.79 -30.19
N GLN G 98 13.04 43.99 -28.91
CA GLN G 98 13.58 45.27 -28.47
C GLN G 98 14.90 45.56 -29.17
N GLU G 99 15.20 46.85 -29.31
CA GLU G 99 16.32 47.26 -30.16
C GLU G 99 17.64 46.68 -29.66
N LYS G 100 17.86 46.66 -28.35
CA LYS G 100 19.11 46.10 -27.82
C LYS G 100 19.28 44.64 -28.20
N TYR G 101 18.18 43.90 -28.36
CA TYR G 101 18.28 42.52 -28.79
C TYR G 101 18.48 42.43 -30.31
N ARG G 102 17.82 43.30 -31.07
CA ARG G 102 18.01 43.30 -32.52
C ARG G 102 19.44 43.66 -32.88
N ILE G 103 20.07 44.56 -32.11
CA ILE G 103 21.47 44.90 -32.34
C ILE G 103 22.36 43.69 -32.08
N ALA G 104 22.03 42.91 -31.05
CA ALA G 104 22.80 41.69 -30.78
C ALA G 104 22.63 40.66 -31.88
N TYR G 105 21.41 40.54 -32.41
CA TYR G 105 21.18 39.58 -33.49
C TYR G 105 22.02 39.90 -34.72
N LEU G 106 22.09 41.18 -35.09
CA LEU G 106 22.85 41.59 -36.27
C LEU G 106 24.35 41.55 -36.03
N LYS G 107 24.79 41.59 -34.78
CA LYS G 107 26.22 41.50 -34.48
C LYS G 107 26.75 40.08 -34.60
N GLU G 108 25.94 39.08 -34.25
CA GLU G 108 26.32 37.67 -34.34
C GLU G 108 25.25 36.94 -35.15
N PRO G 109 25.22 37.14 -36.47
CA PRO G 109 24.14 36.53 -37.27
C PRO G 109 24.18 35.01 -37.30
N THR G 110 25.38 34.41 -37.26
CA THR G 110 25.47 32.96 -37.29
C THR G 110 24.88 32.31 -36.05
N LYS G 111 24.78 33.03 -34.94
CA LYS G 111 24.22 32.49 -33.72
C LYS G 111 22.69 32.55 -33.68
N TYR G 112 22.05 33.28 -34.59
CA TYR G 112 20.60 33.47 -34.50
C TYR G 112 19.89 33.09 -35.80
N PHE G 113 20.38 33.58 -36.93
CA PHE G 113 19.67 33.44 -38.21
C PHE G 113 20.11 32.23 -39.03
N ASP G 114 21.29 31.66 -38.76
CA ASP G 114 21.79 30.58 -39.58
C ASP G 114 20.91 29.34 -39.46
N ARG G 115 20.88 28.55 -40.55
CA ARG G 115 20.18 27.26 -40.58
C ARG G 115 18.68 27.41 -40.32
N SER G 116 18.10 28.57 -40.66
CA SER G 116 16.68 28.77 -40.51
C SER G 116 15.95 28.24 -41.74
N ASN G 117 14.93 27.41 -41.51
CA ASN G 117 14.11 26.88 -42.60
C ASN G 117 12.95 27.80 -42.95
N VAL G 118 12.35 28.44 -41.95
CA VAL G 118 11.27 29.39 -42.15
C VAL G 118 11.52 30.57 -41.22
N CYS G 119 11.35 31.78 -41.76
CA CYS G 119 11.37 33.00 -40.97
C CYS G 119 9.97 33.59 -40.97
N ILE G 120 9.35 33.63 -39.80
CA ILE G 120 8.04 34.27 -39.62
C ILE G 120 8.31 35.69 -39.17
N TYR G 121 7.98 36.66 -40.02
CA TYR G 121 8.16 38.06 -39.70
C TYR G 121 6.80 38.66 -39.35
N VAL G 122 6.68 39.18 -38.13
CA VAL G 122 5.40 39.62 -37.58
C VAL G 122 5.36 41.15 -37.61
N ILE G 123 4.31 41.70 -38.22
CA ILE G 123 4.10 43.13 -38.33
C ILE G 123 2.80 43.49 -37.61
N ASP G 124 2.87 44.44 -36.70
CA ASP G 124 1.68 45.04 -36.11
C ASP G 124 1.08 45.99 -37.14
N ILE G 125 0.04 45.56 -37.84
CA ILE G 125 -0.56 46.40 -38.89
C ILE G 125 -1.42 47.51 -38.32
N GLN G 126 -1.59 47.57 -36.99
CA GLN G 126 -2.24 48.71 -36.37
C GLN G 126 -1.28 49.85 -36.09
N ASP G 127 0.02 49.58 -36.05
CA ASP G 127 1.03 50.58 -35.67
C ASP G 127 1.69 51.11 -36.94
N ARG G 128 0.99 52.02 -37.61
CA ARG G 128 1.53 52.63 -38.82
C ARG G 128 2.82 53.39 -38.54
N GLY G 129 2.90 54.06 -37.39
CA GLY G 129 4.06 54.87 -37.05
C GLY G 129 5.37 54.10 -36.92
N ARG G 130 5.32 52.76 -36.85
CA ARG G 130 6.52 51.95 -36.77
C ARG G 130 6.71 51.04 -37.97
N MET G 131 5.93 51.22 -39.03
CA MET G 131 6.04 50.34 -40.19
C MET G 131 7.31 50.57 -40.98
N GLU G 132 7.77 51.83 -41.06
CA GLU G 132 9.04 52.08 -41.72
C GLU G 132 10.19 51.45 -40.94
N GLU G 133 10.17 51.58 -39.62
CA GLU G 133 11.14 50.90 -38.78
C GLU G 133 11.06 49.38 -38.95
N SER G 134 9.85 48.85 -39.11
CA SER G 134 9.68 47.41 -39.24
C SER G 134 10.20 46.90 -40.59
N ILE G 135 9.94 47.65 -41.67
CA ILE G 135 10.47 47.28 -42.97
C ILE G 135 11.99 47.41 -42.99
N SER G 136 12.53 48.40 -42.27
CA SER G 136 13.98 48.57 -42.22
C SER G 136 14.64 47.39 -41.55
N TYR G 137 14.08 46.91 -40.43
CA TYR G 137 14.65 45.74 -39.76
C TYR G 137 14.47 44.48 -40.59
N PHE G 138 13.33 44.35 -41.27
CA PHE G 138 13.14 43.24 -42.20
C PHE G 138 14.23 43.23 -43.26
N SER G 139 14.58 44.41 -43.79
CA SER G 139 15.66 44.51 -44.76
C SER G 139 16.97 44.01 -44.17
N ASP G 140 17.25 44.35 -42.91
CA ASP G 140 18.45 43.83 -42.25
C ASP G 140 18.41 42.32 -42.13
N VAL G 141 17.27 41.76 -41.74
CA VAL G 141 17.16 40.31 -41.59
C VAL G 141 17.42 39.60 -42.91
N ILE G 142 16.80 40.10 -43.98
CA ILE G 142 17.00 39.49 -45.30
C ILE G 142 18.47 39.57 -45.70
N LYS G 143 19.11 40.71 -45.42
CA LYS G 143 20.52 40.86 -45.76
C LYS G 143 21.39 39.86 -45.01
N GLU G 144 21.03 39.53 -43.78
CA GLU G 144 21.78 38.51 -43.04
C GLU G 144 21.58 37.13 -43.64
N PHE G 145 20.36 36.83 -44.10
CA PHE G 145 20.12 35.58 -44.81
C PHE G 145 20.99 35.50 -46.07
N ARG G 146 21.10 36.62 -46.80
CA ARG G 146 21.90 36.64 -48.02
C ARG G 146 23.38 36.38 -47.70
N LYS G 147 23.89 36.98 -46.63
CA LYS G 147 25.30 36.78 -46.28
C LYS G 147 25.57 35.36 -45.82
N LEU G 148 24.58 34.69 -45.23
CA LEU G 148 24.71 33.29 -44.88
C LEU G 148 24.42 32.36 -46.06
N GLU G 149 23.95 32.91 -47.19
CA GLU G 149 23.65 32.14 -48.40
C GLU G 149 22.59 31.07 -48.12
N ILE G 150 21.56 31.42 -47.36
CA ILE G 150 20.40 30.56 -47.15
C ILE G 150 19.16 31.31 -47.61
N SER G 151 18.15 30.54 -48.02
CA SER G 151 16.89 31.08 -48.52
C SER G 151 15.73 30.40 -47.80
N PRO G 152 15.47 30.77 -46.55
CA PRO G 152 14.32 30.22 -45.85
C PRO G 152 13.02 30.74 -46.46
N LEU G 153 11.96 29.95 -46.28
CA LEU G 153 10.63 30.45 -46.61
C LEU G 153 10.31 31.65 -45.73
N ILE G 154 9.88 32.75 -46.35
CA ILE G 154 9.54 33.97 -45.65
C ILE G 154 8.01 34.03 -45.54
N TYR G 155 7.51 34.02 -44.31
CA TYR G 155 6.07 34.07 -44.06
C TYR G 155 5.77 35.31 -43.24
N ILE G 156 5.11 36.27 -43.87
CA ILE G 156 4.79 37.55 -43.23
C ILE G 156 3.41 37.44 -42.59
N PHE G 157 3.34 37.72 -41.29
CA PHE G 157 2.07 37.80 -40.56
C PHE G 157 1.72 39.27 -40.37
N PHE G 158 0.67 39.72 -41.03
CA PHE G 158 0.07 41.02 -40.71
C PHE G 158 -0.77 40.80 -39.46
N HIS G 159 -0.16 41.05 -38.30
CA HIS G 159 -0.75 40.62 -37.04
C HIS G 159 -1.54 41.75 -36.39
N LYS G 160 -2.38 41.36 -35.42
CA LYS G 160 -3.36 42.25 -34.78
C LYS G 160 -4.40 42.72 -35.79
N PHE G 161 -4.65 41.90 -36.82
CA PHE G 161 -5.71 42.13 -37.78
C PHE G 161 -7.07 41.81 -37.14
N ASP G 162 -7.38 42.56 -36.09
CA ASP G 162 -8.54 42.28 -35.25
C ASP G 162 -9.84 42.49 -36.03
N PRO G 163 -10.87 41.70 -35.73
CA PRO G 163 -12.18 41.90 -36.39
C PRO G 163 -12.72 43.31 -36.24
N THR G 164 -12.59 43.91 -35.05
CA THR G 164 -13.08 45.28 -34.85
C THR G 164 -12.23 46.28 -35.63
N TYR G 165 -10.90 46.12 -35.55
CA TYR G 165 -10.00 47.03 -36.27
C TYR G 165 -10.21 46.94 -37.78
N ALA G 166 -10.36 45.71 -38.29
CA ALA G 166 -10.54 45.54 -39.73
C ALA G 166 -11.86 46.14 -40.20
N LYS G 167 -12.90 46.05 -39.38
CA LYS G 167 -14.20 46.61 -39.79
C LYS G 167 -14.19 48.13 -39.81
N ASN G 168 -13.41 48.76 -38.93
CA ASN G 168 -13.37 50.22 -38.90
C ASN G 168 -12.39 50.80 -39.91
N GLU G 169 -11.31 50.09 -40.22
CA GLU G 169 -10.33 50.61 -41.17
C GLU G 169 -10.65 50.23 -42.61
N GLY G 170 -11.05 48.98 -42.84
CA GLY G 170 -11.61 48.63 -44.14
C GLY G 170 -10.59 48.69 -45.27
N ILE G 171 -10.99 49.32 -46.38
CA ILE G 171 -10.16 49.33 -47.57
C ILE G 171 -8.89 50.16 -47.36
N HIS G 172 -8.94 51.13 -46.44
CA HIS G 172 -7.74 51.89 -46.12
C HIS G 172 -6.63 50.97 -45.62
N LEU G 173 -6.99 49.99 -44.80
CA LEU G 173 -6.00 49.03 -44.31
C LEU G 173 -5.50 48.12 -45.43
N GLU G 174 -6.38 47.80 -46.40
CA GLU G 174 -5.96 47.00 -47.54
C GLU G 174 -4.99 47.76 -48.44
N GLY G 175 -5.15 49.08 -48.56
CA GLY G 175 -4.19 49.85 -49.33
C GLY G 175 -2.84 49.92 -48.65
N LEU G 176 -2.83 49.99 -47.32
CA LEU G 176 -1.57 50.03 -46.58
C LEU G 176 -0.82 48.71 -46.72
N ILE G 177 -1.55 47.59 -46.76
CA ILE G 177 -0.90 46.29 -46.94
C ILE G 177 -0.25 46.18 -48.31
N SER G 178 -0.90 46.75 -49.33
CA SER G 178 -0.31 46.73 -50.67
C SER G 178 1.03 47.45 -50.69
N GLN G 179 1.12 48.60 -50.01
CA GLN G 179 2.39 49.32 -49.95
C GLN G 179 3.46 48.52 -49.23
N LEU G 180 3.07 47.83 -48.15
CA LEU G 180 4.01 46.95 -47.47
C LEU G 180 4.50 45.84 -48.41
N LYS G 181 3.59 45.25 -49.18
CA LYS G 181 3.97 44.17 -50.08
C LYS G 181 4.87 44.67 -51.20
N ASP G 182 4.61 45.87 -51.73
CA ASP G 182 5.49 46.43 -52.74
C ASP G 182 6.90 46.64 -52.18
N GLU G 183 7.00 47.18 -50.96
CA GLU G 183 8.31 47.36 -50.33
C GLU G 183 8.99 46.02 -50.09
N ILE G 184 8.24 45.03 -49.60
CA ILE G 184 8.83 43.73 -49.31
C ILE G 184 9.39 43.10 -50.58
N ARG G 185 8.66 43.21 -51.70
CA ARG G 185 9.14 42.63 -52.95
C ARG G 185 10.41 43.31 -53.43
N ASN G 186 10.51 44.63 -53.26
CA ASN G 186 11.74 45.33 -53.63
C ASN G 186 12.93 44.84 -52.80
N ILE G 187 12.68 44.38 -51.58
CA ILE G 187 13.75 43.87 -50.73
C ILE G 187 14.10 42.44 -51.10
N ILE G 188 13.11 41.62 -51.44
CA ILE G 188 13.33 40.21 -51.69
C ILE G 188 13.97 39.98 -53.05
N GLU G 189 13.41 40.60 -54.10
CA GLU G 189 13.94 40.51 -55.46
C GLU G 189 13.93 39.08 -55.98
N GLU G 190 12.84 38.36 -55.73
CA GLU G 190 12.61 36.99 -56.22
C GLU G 190 13.73 36.02 -55.82
N GLU G 191 14.46 36.32 -54.76
CA GLU G 191 15.46 35.41 -54.21
C GLU G 191 14.93 34.59 -53.03
N PHE G 192 13.69 34.86 -52.60
CA PHE G 192 13.05 34.13 -51.52
C PHE G 192 11.60 33.88 -51.89
N ASN G 193 11.08 32.74 -51.43
N ASN G 193 11.06 32.76 -51.40
CA ASN G 193 9.64 32.50 -51.48
CA ASN G 193 9.64 32.50 -51.48
C ASN G 193 8.99 33.28 -50.34
C ASN G 193 8.93 33.21 -50.33
N VAL G 194 7.92 34.00 -50.64
CA VAL G 194 7.23 34.84 -49.66
C VAL G 194 5.76 34.47 -49.63
N SER G 195 5.21 34.33 -48.42
CA SER G 195 3.80 34.09 -48.20
C SER G 195 3.26 35.12 -47.23
N TYR G 196 1.95 35.33 -47.26
CA TYR G 196 1.29 36.35 -46.45
C TYR G 196 0.07 35.76 -45.76
N SER G 197 -0.24 36.29 -44.59
CA SER G 197 -1.43 35.90 -43.84
C SER G 197 -1.81 37.03 -42.88
N ASN G 198 -3.11 37.15 -42.63
CA ASN G 198 -3.63 38.04 -41.60
C ASN G 198 -3.88 37.21 -40.35
N THR G 199 -3.35 37.68 -39.21
CA THR G 199 -3.51 36.96 -37.95
C THR G 199 -3.99 37.91 -36.86
N THR G 200 -4.67 37.32 -35.87
CA THR G 200 -5.13 38.04 -34.70
C THR G 200 -5.48 37.04 -33.62
N ILE G 201 -5.15 37.37 -32.37
CA ILE G 201 -5.48 36.49 -31.26
C ILE G 201 -6.98 36.43 -30.99
N TYR G 202 -7.76 37.32 -31.60
CA TYR G 202 -9.21 37.30 -31.47
C TYR G 202 -9.88 36.43 -32.53
N ASP G 203 -9.08 35.68 -33.30
CA ASP G 203 -9.61 34.70 -34.26
C ASP G 203 -8.59 33.56 -34.28
N LEU G 204 -8.84 32.55 -33.45
CA LEU G 204 -7.88 31.46 -33.27
C LEU G 204 -7.61 30.75 -34.60
N TRP G 205 -8.63 30.64 -35.45
CA TRP G 205 -8.45 29.96 -36.73
C TRP G 205 -7.46 30.69 -37.62
N SER G 206 -7.40 32.02 -37.52
CA SER G 206 -6.44 32.78 -38.33
C SER G 206 -5.02 32.38 -38.01
N ILE G 207 -4.73 32.13 -36.73
CA ILE G 207 -3.37 31.73 -36.33
C ILE G 207 -3.14 30.26 -36.64
N ILE G 208 -4.09 29.40 -36.28
CA ILE G 208 -3.92 27.96 -36.45
C ILE G 208 -3.75 27.62 -37.93
N SER G 209 -4.60 28.17 -38.79
CA SER G 209 -4.57 27.82 -40.20
C SER G 209 -3.33 28.38 -40.90
N SER G 210 -2.84 29.54 -40.47
CA SER G 210 -1.62 30.08 -41.06
C SER G 210 -0.40 29.23 -40.69
N PHE G 211 -0.28 28.88 -39.41
CA PHE G 211 0.84 28.04 -38.98
C PHE G 211 0.73 26.64 -39.60
N SER G 212 -0.48 26.12 -39.77
CA SER G 212 -0.65 24.83 -40.43
C SER G 212 -0.25 24.91 -41.89
N ASP G 213 -0.69 25.96 -42.59
CA ASP G 213 -0.31 26.15 -43.98
C ASP G 213 1.20 26.27 -44.13
N LEU G 214 1.86 26.90 -43.16
CA LEU G 214 3.32 27.00 -43.16
C LEU G 214 3.96 25.62 -43.07
N LEU G 215 3.48 24.80 -42.13
CA LEU G 215 4.09 23.49 -41.91
C LEU G 215 3.83 22.54 -43.08
N LEU G 216 2.67 22.65 -43.73
CA LEU G 216 2.40 21.80 -44.88
C LEU G 216 3.19 22.23 -46.10
N LYS G 217 3.74 23.44 -46.11
CA LYS G 217 4.70 23.80 -47.15
C LYS G 217 6.02 23.10 -46.94
N ILE G 218 6.42 22.92 -45.68
CA ILE G 218 7.65 22.18 -45.38
C ILE G 218 7.44 20.69 -45.62
N PHE G 219 6.29 20.15 -45.18
CA PHE G 219 5.97 18.74 -45.28
C PHE G 219 4.73 18.57 -46.15
N PRO G 220 4.88 18.59 -47.47
CA PRO G 220 3.71 18.50 -48.35
C PRO G 220 2.98 17.18 -48.18
N GLN G 221 1.66 17.25 -48.34
CA GLN G 221 0.80 16.08 -48.22
C GLN G 221 0.47 15.53 -49.60
N SER G 222 0.10 14.25 -49.63
CA SER G 222 -0.32 13.62 -50.86
C SER G 222 -1.67 14.17 -51.32
N GLU G 223 -1.86 14.19 -52.64
CA GLU G 223 -3.16 14.57 -53.18
C GLU G 223 -4.24 13.55 -52.84
N LEU G 224 -3.86 12.33 -52.46
CA LEU G 224 -4.84 11.34 -52.04
C LEU G 224 -5.63 11.80 -50.82
N LEU G 225 -5.01 12.62 -49.96
CA LEU G 225 -5.68 13.06 -48.74
C LEU G 225 -6.92 13.89 -49.05
N ASP G 226 -6.74 14.96 -49.84
CA ASP G 226 -7.89 15.80 -50.21
C ASP G 226 -8.92 15.01 -51.00
N LYS G 227 -8.47 14.13 -51.89
CA LYS G 227 -9.41 13.33 -52.67
C LYS G 227 -10.18 12.35 -51.77
N THR G 228 -9.50 11.76 -50.80
CA THR G 228 -10.19 10.86 -49.88
C THR G 228 -11.22 11.61 -49.03
N ILE G 229 -10.84 12.78 -48.51
CA ILE G 229 -11.76 13.58 -47.72
C ILE G 229 -12.93 14.05 -48.58
N GLN G 230 -12.65 14.51 -49.79
CA GLN G 230 -13.71 14.95 -50.68
C GLN G 230 -14.67 13.81 -51.01
N GLU G 231 -14.14 12.62 -51.25
CA GLU G 231 -15.01 11.49 -51.59
C GLU G 231 -15.82 11.03 -50.40
N PHE G 232 -15.22 11.03 -49.20
CA PHE G 232 -15.98 10.68 -48.01
C PHE G 232 -17.11 11.66 -47.77
N ALA G 233 -16.86 12.96 -47.98
CA ALA G 233 -17.91 13.96 -47.82
C ALA G 233 -19.02 13.76 -48.84
N GLU G 234 -18.67 13.40 -50.08
CA GLU G 234 -19.67 13.15 -51.09
C GLU G 234 -20.39 11.82 -50.84
N SER G 235 -19.71 10.85 -50.23
CA SER G 235 -20.34 9.56 -49.95
C SER G 235 -21.50 9.69 -48.97
N LEU G 236 -21.56 10.80 -48.23
CA LEU G 236 -22.67 11.07 -47.33
C LEU G 236 -23.83 11.77 -48.02
N ASP G 237 -23.88 11.73 -49.35
CA ASP G 237 -24.90 12.42 -50.16
C ASP G 237 -24.81 13.90 -49.82
N SER G 238 -25.90 14.56 -49.46
CA SER G 238 -25.89 15.96 -49.01
C SER G 238 -25.93 16.05 -47.48
N ASN G 239 -25.23 15.14 -46.80
CA ASN G 239 -25.29 15.08 -45.34
C ASN G 239 -23.89 15.23 -44.75
N CYS G 240 -23.14 16.23 -45.21
CA CYS G 240 -21.81 16.49 -44.69
C CYS G 240 -21.47 17.96 -44.93
N ASN G 241 -21.47 18.75 -43.86
CA ASN G 241 -21.20 20.18 -43.98
C ASN G 241 -19.72 20.50 -43.90
N ALA G 242 -18.98 19.89 -42.99
CA ALA G 242 -17.59 20.26 -42.79
C ALA G 242 -16.84 19.14 -42.09
N ILE G 243 -15.53 19.09 -42.32
CA ILE G 243 -14.65 18.08 -41.73
C ILE G 243 -13.33 18.76 -41.36
N LEU G 244 -12.78 18.38 -40.21
CA LEU G 244 -11.44 18.77 -39.81
C LEU G 244 -10.68 17.57 -39.31
N VAL G 245 -9.42 17.46 -39.71
CA VAL G 245 -8.48 16.50 -39.16
C VAL G 245 -7.35 17.29 -38.52
N LEU G 246 -7.17 17.14 -37.21
CA LEU G 246 -6.17 17.88 -36.46
C LEU G 246 -5.20 16.91 -35.81
N ASP G 247 -3.97 17.38 -35.60
CA ASP G 247 -2.99 16.60 -34.85
C ASP G 247 -3.08 16.96 -33.37
N SER G 248 -2.18 16.40 -32.56
CA SER G 248 -2.20 16.64 -31.12
C SER G 248 -1.85 18.08 -30.76
N ASN G 249 -1.27 18.84 -31.68
CA ASN G 249 -1.05 20.28 -31.49
C ASN G 249 -2.27 21.11 -31.90
N SER G 250 -3.37 20.47 -32.29
CA SER G 250 -4.57 21.12 -32.82
C SER G 250 -4.29 21.86 -34.12
N LEU G 251 -3.27 21.45 -34.86
CA LEU G 251 -2.97 22.01 -36.18
C LEU G 251 -3.74 21.24 -37.24
N VAL G 252 -4.05 21.93 -38.34
CA VAL G 252 -4.97 21.40 -39.35
C VAL G 252 -4.18 20.53 -40.33
N ILE G 253 -4.48 19.23 -40.33
CA ILE G 253 -3.86 18.30 -41.26
C ILE G 253 -4.71 18.16 -42.53
N GLY G 254 -6.03 18.21 -42.40
CA GLY G 254 -6.92 18.16 -43.54
C GLY G 254 -8.23 18.84 -43.18
N GLN G 255 -8.93 19.30 -44.21
CA GLN G 255 -10.14 20.08 -43.97
C GLN G 255 -11.06 19.99 -45.17
N PHE G 256 -12.35 20.09 -44.90
CA PHE G 256 -13.37 20.20 -45.94
C PHE G 256 -14.49 21.10 -45.44
N PHE G 257 -14.95 22.00 -46.30
CA PHE G 257 -16.05 22.89 -45.97
C PHE G 257 -17.01 22.96 -47.15
N GLU G 258 -18.28 22.69 -46.89
CA GLU G 258 -19.29 22.74 -47.95
C GLU G 258 -19.50 24.18 -48.43
N ASN G 259 -19.51 25.13 -47.50
CA ASN G 259 -19.70 26.53 -47.83
C ASN G 259 -19.10 27.37 -46.71
N GLU G 260 -19.15 28.69 -46.88
CA GLU G 260 -18.56 29.59 -45.90
C GLU G 260 -19.28 29.51 -44.56
N GLU G 261 -20.61 29.31 -44.58
CA GLU G 261 -21.36 29.23 -43.34
C GLU G 261 -21.01 27.98 -42.55
N SER G 262 -20.88 26.84 -43.24
CA SER G 262 -20.47 25.62 -42.56
C SER G 262 -19.07 25.75 -41.98
N LYS G 263 -18.18 26.45 -42.70
CA LYS G 263 -16.81 26.64 -42.22
C LYS G 263 -16.80 27.43 -40.92
N GLN G 264 -17.57 28.52 -40.86
CA GLN G 264 -17.56 29.36 -39.67
C GLN G 264 -18.12 28.63 -38.45
N ILE G 265 -19.10 27.75 -38.66
CA ILE G 265 -19.67 27.02 -37.53
C ILE G 265 -18.65 26.04 -36.97
N LEU G 266 -18.03 25.23 -37.83
CA LEU G 266 -17.13 24.19 -37.33
C LEU G 266 -15.84 24.79 -36.77
N THR G 267 -15.28 25.79 -37.44
CA THR G 267 -14.01 26.34 -37.00
C THR G 267 -14.15 27.11 -35.69
N LYS G 268 -15.31 27.70 -35.44
CA LYS G 268 -15.53 28.38 -34.17
C LYS G 268 -15.90 27.41 -33.04
N SER G 269 -16.54 26.29 -33.38
CA SER G 269 -16.99 25.33 -32.37
C SER G 269 -15.92 24.33 -31.97
N THR G 270 -15.04 23.95 -32.90
CA THR G 270 -14.07 22.89 -32.63
C THR G 270 -13.17 23.17 -31.43
N PRO G 271 -12.64 24.39 -31.22
CA PRO G 271 -11.85 24.64 -30.00
C PRO G 271 -12.55 24.18 -28.73
N TYR G 272 -13.84 24.46 -28.59
CA TYR G 272 -14.59 24.06 -27.41
C TYR G 272 -14.88 22.56 -27.39
N PHE G 273 -14.95 21.92 -28.57
CA PHE G 273 -15.08 20.47 -28.61
C PHE G 273 -13.76 19.78 -28.27
N LEU G 274 -12.64 20.37 -28.70
CA LEU G 274 -11.33 19.86 -28.33
C LEU G 274 -11.11 19.94 -26.83
N THR G 275 -11.44 21.10 -26.25
CA THR G 275 -11.29 21.26 -24.80
C THR G 275 -12.10 20.22 -24.04
N LEU G 276 -13.33 19.96 -24.47
CA LEU G 276 -14.16 18.96 -23.83
C LEU G 276 -13.52 17.58 -23.93
N ASN G 277 -13.11 17.19 -25.14
CA ASN G 277 -12.54 15.86 -25.34
C ASN G 277 -11.27 15.66 -24.53
N ASP G 278 -10.40 16.68 -24.51
CA ASP G 278 -9.14 16.55 -23.77
C ASP G 278 -9.40 16.48 -22.26
N SER G 279 -10.38 17.22 -21.80
CA SER G 279 -10.64 17.25 -20.39
C SER G 279 -11.31 15.95 -19.94
N LEU G 280 -12.25 15.44 -20.73
CA LEU G 280 -12.85 14.17 -20.37
C LEU G 280 -11.83 13.06 -20.54
N SER G 289 -14.60 8.22 -28.72
CA SER G 289 -15.57 8.75 -29.65
C SER G 289 -16.71 9.50 -28.98
N MET G 290 -17.26 10.50 -29.66
CA MET G 290 -18.36 11.24 -29.15
C MET G 290 -19.31 11.73 -30.22
N ILE G 291 -20.59 11.90 -29.87
CA ILE G 291 -21.55 12.49 -30.78
C ILE G 291 -22.26 13.63 -30.03
N ILE G 292 -22.36 14.80 -30.64
CA ILE G 292 -22.94 15.98 -30.00
C ILE G 292 -23.95 16.60 -30.94
N GLU G 293 -25.18 16.78 -30.46
CA GLU G 293 -26.24 17.45 -31.20
C GLU G 293 -26.55 18.79 -30.54
N ARG G 294 -26.51 19.86 -31.34
CA ARG G 294 -26.84 21.19 -30.85
C ARG G 294 -27.39 22.02 -32.00
N GLY G 295 -28.54 22.63 -31.78
CA GLY G 295 -29.12 23.46 -32.81
C GLY G 295 -29.61 22.61 -33.97
N ASN G 296 -29.08 22.87 -35.16
CA ASN G 296 -29.46 22.14 -36.36
C ASN G 296 -28.35 21.23 -36.87
N LYS G 297 -27.33 20.98 -36.07
CA LYS G 297 -26.16 20.23 -36.51
C LYS G 297 -25.89 19.06 -35.57
N ARG G 298 -25.17 18.08 -36.08
CA ARG G 298 -24.70 16.94 -35.30
C ARG G 298 -23.22 16.76 -35.57
N PHE G 299 -22.44 16.60 -34.49
CA PHE G 299 -20.99 16.53 -34.59
C PHE G 299 -20.52 15.13 -34.20
N PHE G 300 -19.63 14.56 -35.00
CA PHE G 300 -18.99 13.29 -34.72
C PHE G 300 -17.51 13.53 -34.48
N THR G 301 -17.03 13.17 -33.30
CA THR G 301 -15.61 13.33 -32.95
C THR G 301 -14.98 11.96 -32.74
N ASP G 302 -13.72 11.84 -33.14
CA ASP G 302 -12.99 10.59 -33.02
C ASP G 302 -11.50 10.89 -32.88
N GLN G 303 -10.79 9.94 -32.29
CA GLN G 303 -9.34 9.99 -32.17
C GLN G 303 -8.74 8.74 -32.83
N PHE G 304 -7.61 8.94 -33.51
CA PHE G 304 -6.93 7.81 -34.15
C PHE G 304 -5.44 8.11 -34.22
N ARG G 305 -4.66 7.04 -34.31
CA ARG G 305 -3.20 7.13 -34.36
C ARG G 305 -2.70 6.77 -35.75
N ILE G 306 -1.54 7.33 -36.10
CA ILE G 306 -0.78 6.92 -37.27
C ILE G 306 0.56 6.40 -36.79
N LYS G 307 1.24 5.66 -37.67
CA LYS G 307 2.39 4.87 -37.24
C LYS G 307 3.58 5.74 -36.85
N ARG G 308 3.85 6.80 -37.62
CA ARG G 308 5.07 7.57 -37.40
C ARG G 308 4.93 8.65 -36.33
N ALA G 309 3.71 9.05 -35.99
CA ALA G 309 3.51 10.12 -35.03
C ALA G 309 3.38 9.56 -33.61
N SER G 310 3.66 10.41 -32.64
CA SER G 310 3.67 9.98 -31.25
C SER G 310 2.27 9.97 -30.65
N GLU G 311 1.51 11.04 -30.85
CA GLU G 311 0.23 11.25 -30.20
C GLU G 311 -0.92 11.15 -31.19
N PRO G 312 -2.14 10.87 -30.71
CA PRO G 312 -3.27 10.66 -31.63
C PRO G 312 -3.65 11.92 -32.39
N LEU G 313 -4.37 11.71 -33.47
CA LEU G 313 -4.97 12.77 -34.25
C LEU G 313 -6.47 12.87 -33.91
N PHE G 314 -7.08 13.98 -34.31
CA PHE G 314 -8.45 14.28 -33.97
C PHE G 314 -9.26 14.50 -35.24
N LEU G 315 -10.38 13.81 -35.35
CA LEU G 315 -11.30 13.94 -36.47
C LEU G 315 -12.64 14.44 -35.95
N ILE G 316 -13.18 15.48 -36.60
CA ILE G 316 -14.51 16.00 -36.28
C ILE G 316 -15.27 16.20 -37.58
N ILE G 317 -16.52 15.73 -37.59
CA ILE G 317 -17.40 15.80 -38.76
C ILE G 317 -18.70 16.47 -38.35
N MET G 318 -19.09 17.46 -39.12
CA MET G 318 -20.34 18.12 -38.88
C MET G 318 -21.35 17.78 -39.96
N THR G 319 -22.50 17.31 -39.54
CA THR G 319 -23.55 16.96 -40.45
C THR G 319 -24.83 17.58 -40.03
N PRO G 320 -25.78 17.63 -40.95
CA PRO G 320 -27.09 18.09 -40.55
C PRO G 320 -27.72 17.09 -39.58
N LYS G 321 -28.51 17.59 -38.65
CA LYS G 321 -29.17 16.75 -37.68
C LYS G 321 -30.32 15.97 -38.29
N LEU G 327 -22.80 6.43 -39.68
CA LEU G 327 -22.43 5.03 -39.76
C LEU G 327 -21.04 4.79 -39.23
N ARG G 328 -20.96 3.99 -38.18
CA ARG G 328 -19.69 3.75 -37.55
C ARG G 328 -18.72 3.12 -38.50
N GLU G 329 -19.22 2.22 -39.33
CA GLU G 329 -18.36 1.52 -40.27
C GLU G 329 -17.81 2.47 -41.33
N LYS G 330 -18.62 3.40 -41.78
CA LYS G 330 -18.14 4.41 -42.73
C LYS G 330 -17.04 5.27 -42.12
N ILE G 331 -17.20 5.70 -40.87
CA ILE G 331 -16.18 6.49 -40.21
C ILE G 331 -14.96 5.63 -40.08
N ASP G 332 -15.16 4.37 -39.70
CA ASP G 332 -13.98 3.52 -39.50
C ASP G 332 -13.20 3.35 -40.81
N SER G 333 -13.89 3.12 -41.92
CA SER G 333 -13.19 2.95 -43.19
C SER G 333 -12.52 4.25 -43.60
N PHE G 334 -13.16 5.39 -43.33
CA PHE G 334 -12.54 6.69 -43.59
C PHE G 334 -11.29 6.87 -42.75
N ILE G 335 -11.35 6.51 -41.47
CA ILE G 335 -10.19 6.62 -40.60
C ILE G 335 -9.07 5.68 -41.07
N THR G 336 -9.44 4.49 -41.52
CA THR G 336 -8.45 3.53 -42.01
C THR G 336 -7.66 4.09 -43.17
N LEU G 337 -8.32 4.79 -44.10
CA LEU G 337 -7.61 5.41 -45.22
C LEU G 337 -6.73 6.56 -44.74
N LEU G 338 -7.24 7.38 -43.80
CA LEU G 338 -6.43 8.46 -43.26
C LEU G 338 -5.15 7.92 -42.63
N GLN G 339 -5.24 6.81 -41.92
CA GLN G 339 -4.07 6.22 -41.27
C GLN G 339 -3.02 5.75 -42.28
N GLY G 340 -3.43 5.48 -43.51
CA GLY G 340 -2.51 5.07 -44.56
C GLY G 340 -2.06 6.16 -45.51
N ILE G 341 -2.60 7.37 -45.40
CA ILE G 341 -2.28 8.47 -46.31
C ILE G 341 -1.48 9.56 -45.61
N ILE G 342 -1.91 9.97 -44.41
CA ILE G 342 -1.26 11.06 -43.69
C ILE G 342 0.19 10.73 -43.38
N SER H 42 -30.71 41.25 3.57
CA SER H 42 -29.84 40.31 2.86
C SER H 42 -29.31 39.24 3.80
N GLU H 43 -28.78 38.17 3.21
CA GLU H 43 -28.15 37.10 3.97
C GLU H 43 -26.64 37.30 3.98
N LYS H 44 -25.99 36.75 5.01
CA LYS H 44 -24.56 36.91 5.19
C LYS H 44 -23.92 35.57 5.47
N ILE H 45 -22.89 35.23 4.70
CA ILE H 45 -22.12 34.00 4.86
C ILE H 45 -20.69 34.38 5.23
N LEU H 46 -20.18 33.78 6.30
CA LEU H 46 -18.88 34.14 6.87
C LEU H 46 -17.90 33.00 6.67
N PHE H 47 -16.80 33.27 5.98
CA PHE H 47 -15.67 32.36 5.89
C PHE H 47 -14.62 32.77 6.92
N THR H 48 -14.34 31.89 7.87
CA THR H 48 -13.33 32.16 8.88
C THR H 48 -12.50 30.90 9.12
N GLY H 49 -11.46 31.06 9.94
CA GLY H 49 -10.52 29.99 10.19
C GLY H 49 -9.09 30.48 10.17
N LEU H 50 -8.15 29.60 10.51
CA LEU H 50 -6.75 30.00 10.55
C LEU H 50 -6.25 30.38 9.16
N ASP H 51 -5.19 31.18 9.13
CA ASP H 51 -4.46 31.39 7.89
C ASP H 51 -3.93 30.05 7.38
N ASN H 52 -3.80 29.96 6.06
CA ASN H 52 -3.34 28.78 5.33
C ASN H 52 -4.35 27.63 5.33
N SER H 53 -5.53 27.82 5.93
CA SER H 53 -6.50 26.73 5.97
C SER H 53 -7.14 26.49 4.61
N GLY H 54 -7.15 27.48 3.73
CA GLY H 54 -7.66 27.33 2.38
C GLY H 54 -8.98 28.03 2.08
N LYS H 55 -9.37 29.04 2.86
CA LYS H 55 -10.67 29.67 2.69
C LYS H 55 -10.80 30.31 1.31
N THR H 56 -9.85 31.16 0.94
CA THR H 56 -9.91 31.84 -0.35
C THR H 56 -9.84 30.85 -1.51
N SER H 57 -9.05 29.78 -1.35
CA SER H 57 -8.99 28.75 -2.37
C SER H 57 -10.36 28.12 -2.62
N ILE H 58 -11.11 27.88 -1.54
CA ILE H 58 -12.47 27.37 -1.68
C ILE H 58 -13.33 28.36 -2.45
N ILE H 59 -13.20 29.65 -2.15
CA ILE H 59 -13.98 30.68 -2.83
C ILE H 59 -13.61 30.73 -4.31
N LYS H 60 -12.32 30.59 -4.62
CA LYS H 60 -11.87 30.58 -6.02
C LYS H 60 -12.47 29.40 -6.77
N VAL H 61 -12.64 28.26 -6.10
CA VAL H 61 -13.33 27.13 -6.72
C VAL H 61 -14.78 27.50 -7.01
N LEU H 62 -15.44 28.12 -6.03
CA LEU H 62 -16.84 28.50 -6.20
C LEU H 62 -17.02 29.54 -7.31
N GLN H 63 -16.02 30.41 -7.51
CA GLN H 63 -16.09 31.45 -8.52
C GLN H 63 -15.62 30.98 -9.89
N LYS H 64 -15.39 29.68 -10.06
CA LYS H 64 -14.87 29.12 -11.32
C LYS H 64 -13.53 29.73 -11.69
N GLU H 65 -12.75 30.14 -10.70
CA GLU H 65 -11.46 30.79 -10.95
C GLU H 65 -10.32 29.99 -10.32
N ILE H 66 -10.25 28.69 -10.64
CA ILE H 66 -9.23 27.82 -10.06
C ILE H 66 -7.84 28.26 -10.50
N SER H 67 -7.72 28.88 -11.68
CA SER H 67 -6.42 29.29 -12.19
C SER H 67 -5.75 30.33 -11.31
N GLN H 68 -6.52 31.05 -10.49
CA GLN H 68 -5.96 32.07 -9.61
C GLN H 68 -5.43 31.51 -8.30
N ILE H 69 -5.61 30.21 -8.05
CA ILE H 69 -5.22 29.64 -6.76
C ILE H 69 -3.71 29.72 -6.57
N ALA H 70 -2.94 29.49 -7.64
CA ALA H 70 -1.48 29.56 -7.52
C ALA H 70 -1.00 30.97 -7.21
N MET H 71 -1.78 31.99 -7.55
CA MET H 71 -1.40 33.38 -7.34
C MET H 71 -1.90 33.95 -6.02
N LEU H 72 -2.50 33.12 -5.16
CA LEU H 72 -3.11 33.61 -3.94
C LEU H 72 -2.05 34.08 -2.95
N LYS H 73 -2.38 35.13 -2.22
CA LYS H 73 -1.57 35.68 -1.14
C LYS H 73 -2.40 35.68 0.14
N PRO H 74 -1.77 35.83 1.30
CA PRO H 74 -2.54 35.97 2.54
C PRO H 74 -3.56 37.11 2.44
N THR H 75 -4.81 36.78 2.74
CA THR H 75 -5.89 37.75 2.61
C THR H 75 -5.79 38.81 3.70
N ARG H 76 -5.90 40.07 3.30
CA ARG H 76 -5.78 41.19 4.22
C ARG H 76 -7.17 41.60 4.71
N GLN H 77 -7.39 41.47 6.01
CA GLN H 77 -8.64 41.87 6.67
C GLN H 77 -9.78 41.06 6.04
N ALA H 78 -10.92 41.68 5.73
CA ALA H 78 -12.08 40.98 5.19
C ALA H 78 -12.32 41.41 3.76
N GLN H 79 -12.45 40.44 2.87
CA GLN H 79 -12.84 40.67 1.48
C GLN H 79 -14.30 40.26 1.30
N ARG H 80 -15.08 41.13 0.67
CA ARG H 80 -16.53 40.97 0.61
C ARG H 80 -17.00 41.01 -0.83
N LYS H 81 -17.87 40.08 -1.20
CA LYS H 81 -18.50 40.04 -2.51
C LYS H 81 -19.99 39.80 -2.33
N ILE H 82 -20.74 39.99 -3.42
CA ILE H 82 -22.18 39.80 -3.43
C ILE H 82 -22.53 38.92 -4.61
N PHE H 83 -23.34 37.89 -4.37
CA PHE H 83 -23.85 37.04 -5.44
C PHE H 83 -25.32 36.76 -5.18
N GLU H 84 -25.99 36.24 -6.21
CA GLU H 84 -27.41 35.92 -6.16
C GLU H 84 -27.60 34.41 -6.08
N PHE H 85 -28.57 33.99 -5.28
CA PHE H 85 -28.98 32.59 -5.21
C PHE H 85 -30.50 32.53 -5.25
N LEU H 86 -31.05 32.15 -6.40
CA LEU H 86 -32.50 32.02 -6.59
C LEU H 86 -33.23 33.31 -6.26
N GLY H 87 -32.70 34.42 -6.77
CA GLY H 87 -33.31 35.72 -6.57
C GLY H 87 -33.00 36.40 -5.25
N ASN H 88 -32.20 35.78 -4.39
CA ASN H 88 -31.83 36.35 -3.10
C ASN H 88 -30.36 36.77 -3.13
N ASP H 89 -30.11 38.02 -2.77
CA ASP H 89 -28.74 38.51 -2.69
C ASP H 89 -28.07 38.04 -1.41
N ILE H 90 -26.80 37.68 -1.51
CA ILE H 90 -26.03 37.14 -0.38
C ILE H 90 -24.69 37.85 -0.33
N SER H 91 -24.32 38.32 0.87
CA SER H 91 -23.00 38.90 1.09
C SER H 91 -22.08 37.82 1.63
N GLU H 92 -20.88 37.72 1.05
CA GLU H 92 -19.91 36.70 1.41
C GLU H 92 -18.68 37.38 1.97
N TRP H 93 -18.29 37.01 3.19
CA TRP H 93 -17.14 37.58 3.87
C TRP H 93 -16.00 36.58 3.92
N ASP H 94 -14.83 36.98 3.46
CA ASP H 94 -13.61 36.17 3.54
C ASP H 94 -12.70 36.85 4.56
N LEU H 95 -12.65 36.29 5.76
CA LEU H 95 -11.85 36.85 6.85
C LEU H 95 -10.42 36.31 6.77
N GLY H 96 -9.46 37.20 6.57
CA GLY H 96 -8.07 36.80 6.61
C GLY H 96 -7.74 36.15 7.94
N GLY H 97 -6.93 35.08 7.88
CA GLY H 97 -6.73 34.26 9.05
C GLY H 97 -5.48 34.53 9.87
N GLN H 98 -4.62 35.42 9.39
CA GLN H 98 -3.42 35.76 10.14
C GLN H 98 -3.79 36.32 11.50
N GLU H 99 -2.91 36.10 12.48
CA GLU H 99 -3.25 36.37 13.88
C GLU H 99 -3.58 37.85 14.09
N LYS H 100 -2.89 38.74 13.37
CA LYS H 100 -3.16 40.17 13.55
C LYS H 100 -4.56 40.54 13.10
N TYR H 101 -5.14 39.77 12.17
CA TYR H 101 -6.51 40.02 11.75
C TYR H 101 -7.51 39.38 12.71
N ARG H 102 -7.21 38.18 13.22
CA ARG H 102 -8.12 37.52 14.14
C ARG H 102 -8.30 38.32 15.43
N ILE H 103 -7.22 38.91 15.93
CA ILE H 103 -7.32 39.79 17.09
C ILE H 103 -8.17 41.00 16.76
N ALA H 104 -8.01 41.54 15.55
CA ALA H 104 -8.80 42.71 15.14
C ALA H 104 -10.29 42.35 15.04
N TYR H 105 -10.60 41.14 14.58
CA TYR H 105 -12.00 40.72 14.53
C TYR H 105 -12.58 40.61 15.93
N LEU H 106 -11.83 40.00 16.86
CA LEU H 106 -12.31 39.85 18.22
C LEU H 106 -12.34 41.17 18.98
N LYS H 107 -11.53 42.16 18.56
CA LYS H 107 -11.56 43.46 19.22
C LYS H 107 -12.86 44.20 18.91
N GLU H 108 -13.33 44.14 17.66
CA GLU H 108 -14.56 44.80 17.23
C GLU H 108 -15.50 43.75 16.65
N PRO H 109 -16.11 42.92 17.50
CA PRO H 109 -16.91 41.79 16.99
C PRO H 109 -18.16 42.23 16.24
N THR H 110 -18.69 43.42 16.50
CA THR H 110 -19.91 43.85 15.83
C THR H 110 -19.68 44.10 14.35
N LYS H 111 -18.49 44.55 13.96
CA LYS H 111 -18.25 44.89 12.56
C LYS H 111 -18.18 43.65 11.67
N TYR H 112 -17.66 42.54 12.19
CA TYR H 112 -17.36 41.37 11.38
C TYR H 112 -18.34 40.22 11.58
N PHE H 113 -18.64 39.86 12.82
CA PHE H 113 -19.41 38.65 13.10
C PHE H 113 -20.90 38.88 13.19
N ASP H 114 -21.36 40.12 13.29
CA ASP H 114 -22.77 40.37 13.52
C ASP H 114 -23.59 40.09 12.26
N ARG H 115 -24.85 39.71 12.46
CA ARG H 115 -25.83 39.50 11.40
C ARG H 115 -25.44 38.36 10.46
N SER H 116 -24.55 37.47 10.90
CA SER H 116 -24.13 36.35 10.06
C SER H 116 -25.19 35.24 10.09
N ASN H 117 -25.56 34.75 8.91
CA ASN H 117 -26.51 33.65 8.82
C ASN H 117 -25.83 32.29 8.86
N VAL H 118 -24.65 32.18 8.27
CA VAL H 118 -23.88 30.94 8.28
C VAL H 118 -22.41 31.28 8.53
N CYS H 119 -21.78 30.49 9.39
CA CYS H 119 -20.34 30.58 9.62
C CYS H 119 -19.70 29.31 9.08
N ILE H 120 -18.88 29.45 8.03
CA ILE H 120 -18.10 28.35 7.49
C ILE H 120 -16.72 28.40 8.15
N TYR H 121 -16.43 27.42 9.01
CA TYR H 121 -15.13 27.33 9.66
C TYR H 121 -14.27 26.30 8.94
N VAL H 122 -13.17 26.75 8.35
CA VAL H 122 -12.32 25.91 7.53
C VAL H 122 -11.16 25.41 8.37
N ILE H 123 -10.95 24.10 8.37
CA ILE H 123 -9.88 23.46 9.12
C ILE H 123 -8.98 22.72 8.14
N ASP H 124 -7.67 22.98 8.22
CA ASP H 124 -6.68 22.22 7.45
C ASP H 124 -6.42 20.93 8.19
N ILE H 125 -7.04 19.83 7.72
CA ILE H 125 -6.88 18.55 8.41
C ILE H 125 -5.57 17.86 8.06
N GLN H 126 -4.74 18.46 7.21
CA GLN H 126 -3.39 17.98 7.00
C GLN H 126 -2.39 18.54 8.00
N ASP H 127 -2.79 19.54 8.79
CA ASP H 127 -1.89 20.27 9.66
C ASP H 127 -2.28 19.96 11.11
N ARG H 128 -1.85 18.78 11.58
CA ARG H 128 -2.12 18.38 12.95
C ARG H 128 -1.49 19.35 13.94
N GLY H 129 -0.30 19.87 13.61
CA GLY H 129 0.44 20.72 14.53
C GLY H 129 -0.24 22.04 14.87
N ARG H 130 -1.26 22.42 14.09
CA ARG H 130 -1.99 23.66 14.34
C ARG H 130 -3.46 23.42 14.68
N MET H 131 -3.86 22.17 14.92
CA MET H 131 -5.26 21.90 15.19
C MET H 131 -5.71 22.44 16.53
N GLU H 132 -4.83 22.45 17.53
CA GLU H 132 -5.18 23.05 18.81
C GLU H 132 -5.38 24.56 18.66
N GLU H 133 -4.51 25.21 17.90
CA GLU H 133 -4.68 26.64 17.62
C GLU H 133 -5.99 26.90 16.88
N SER H 134 -6.37 25.99 15.97
CA SER H 134 -7.59 26.17 15.19
C SER H 134 -8.83 26.03 16.06
N ILE H 135 -8.89 24.97 16.86
CA ILE H 135 -10.05 24.75 17.72
C ILE H 135 -10.18 25.89 18.73
N SER H 136 -9.05 26.41 19.22
CA SER H 136 -9.08 27.51 20.16
C SER H 136 -9.68 28.77 19.54
N TYR H 137 -9.30 29.09 18.31
CA TYR H 137 -9.90 30.23 17.63
C TYR H 137 -11.38 30.00 17.34
N PHE H 138 -11.74 28.75 17.01
CA PHE H 138 -13.15 28.43 16.80
C PHE H 138 -13.97 28.69 18.07
N SER H 139 -13.40 28.35 19.24
CA SER H 139 -14.08 28.63 20.49
C SER H 139 -14.30 30.12 20.68
N ASP H 140 -13.32 30.93 20.30
CA ASP H 140 -13.46 32.37 20.43
C ASP H 140 -14.55 32.90 19.49
N VAL H 141 -14.68 32.30 18.31
CA VAL H 141 -15.73 32.72 17.37
C VAL H 141 -17.10 32.37 17.94
N ILE H 142 -17.26 31.15 18.44
CA ILE H 142 -18.53 30.74 19.03
C ILE H 142 -18.85 31.61 20.24
N LYS H 143 -17.84 32.01 21.00
CA LYS H 143 -18.05 32.88 22.15
C LYS H 143 -18.55 34.25 21.72
N GLU H 144 -18.08 34.74 20.56
CA GLU H 144 -18.57 36.02 20.06
C GLU H 144 -20.00 35.89 19.53
N PHE H 145 -20.34 34.74 18.95
CA PHE H 145 -21.73 34.51 18.55
C PHE H 145 -22.66 34.49 19.75
N ARG H 146 -22.16 34.08 20.92
CA ARG H 146 -23.00 34.05 22.11
C ARG H 146 -23.25 35.44 22.67
N LYS H 147 -22.21 36.28 22.69
CA LYS H 147 -22.38 37.64 23.21
C LYS H 147 -23.32 38.45 22.32
N LEU H 148 -23.23 38.25 21.00
CA LEU H 148 -24.17 38.89 20.08
C LEU H 148 -25.57 38.30 20.17
N GLU H 149 -25.73 37.17 20.87
CA GLU H 149 -27.02 36.50 21.03
C GLU H 149 -27.62 36.11 19.68
N ILE H 150 -26.76 35.66 18.76
CA ILE H 150 -27.18 35.16 17.47
C ILE H 150 -26.76 33.71 17.33
N SER H 151 -27.47 32.95 16.51
CA SER H 151 -27.22 31.53 16.31
C SER H 151 -27.08 31.26 14.81
N PRO H 152 -25.94 31.61 14.22
CA PRO H 152 -25.73 31.28 12.80
C PRO H 152 -25.54 29.79 12.61
N LEU H 153 -25.89 29.33 11.42
CA LEU H 153 -25.61 27.95 11.04
C LEU H 153 -24.11 27.74 10.96
N ILE H 154 -23.61 26.71 11.64
CA ILE H 154 -22.20 26.38 11.67
C ILE H 154 -21.95 25.25 10.68
N TYR H 155 -21.06 25.49 9.71
CA TYR H 155 -20.70 24.48 8.73
C TYR H 155 -19.20 24.29 8.77
N ILE H 156 -18.76 23.14 9.28
CA ILE H 156 -17.35 22.84 9.44
C ILE H 156 -16.83 22.20 8.16
N PHE H 157 -15.78 22.79 7.58
CA PHE H 157 -15.12 22.24 6.40
C PHE H 157 -13.80 21.62 6.85
N PHE H 158 -13.74 20.28 6.84
CA PHE H 158 -12.48 19.58 6.99
C PHE H 158 -11.81 19.60 5.62
N HIS H 159 -10.97 20.60 5.40
CA HIS H 159 -10.45 20.95 4.08
C HIS H 159 -9.08 20.36 3.84
N LYS H 160 -8.68 20.34 2.56
CA LYS H 160 -7.46 19.68 2.09
C LYS H 160 -7.52 18.16 2.28
N PHE H 161 -8.75 17.63 2.32
CA PHE H 161 -9.00 16.20 2.34
C PHE H 161 -8.70 15.61 0.95
N ASP H 162 -7.48 15.77 0.48
CA ASP H 162 -7.13 15.41 -0.89
C ASP H 162 -7.27 13.90 -1.08
N PRO H 163 -7.56 13.46 -2.31
CA PRO H 163 -7.62 12.01 -2.57
C PRO H 163 -6.36 11.27 -2.17
N THR H 164 -5.19 11.74 -2.63
CA THR H 164 -3.94 11.07 -2.29
C THR H 164 -3.69 11.08 -0.80
N TYR H 165 -3.90 12.23 -0.15
CA TYR H 165 -3.65 12.33 1.28
C TYR H 165 -4.58 11.41 2.07
N ALA H 166 -5.87 11.39 1.71
CA ALA H 166 -6.82 10.54 2.41
C ALA H 166 -6.52 9.06 2.18
N LYS H 167 -6.04 8.70 1.00
CA LYS H 167 -5.74 7.31 0.72
C LYS H 167 -4.53 6.83 1.53
N ASN H 168 -3.55 7.71 1.73
CA ASN H 168 -2.35 7.32 2.47
C ASN H 168 -2.53 7.40 3.98
N GLU H 169 -3.42 8.27 4.46
CA GLU H 169 -3.65 8.39 5.89
C GLU H 169 -4.66 7.37 6.40
N GLY H 170 -5.73 7.12 5.64
CA GLY H 170 -6.64 6.04 5.98
C GLY H 170 -7.38 6.29 7.28
N ILE H 171 -7.43 5.25 8.12
CA ILE H 171 -8.15 5.33 9.38
C ILE H 171 -7.51 6.32 10.35
N HIS H 172 -6.21 6.58 10.20
CA HIS H 172 -5.55 7.53 11.10
C HIS H 172 -6.10 8.94 10.90
N LEU H 173 -6.59 9.24 9.70
CA LEU H 173 -7.23 10.54 9.46
C LEU H 173 -8.69 10.54 9.89
N GLU H 174 -9.38 9.41 9.75
CA GLU H 174 -10.78 9.33 10.19
C GLU H 174 -10.88 9.51 11.70
N GLY H 175 -9.97 8.90 12.46
CA GLY H 175 -9.99 9.07 13.89
C GLY H 175 -9.67 10.48 14.34
N LEU H 176 -8.81 11.17 13.59
CA LEU H 176 -8.49 12.56 13.92
C LEU H 176 -9.69 13.46 13.68
N ILE H 177 -10.49 13.18 12.65
CA ILE H 177 -11.70 13.96 12.41
C ILE H 177 -12.74 13.68 13.50
N SER H 178 -12.76 12.45 14.02
CA SER H 178 -13.66 12.14 15.14
C SER H 178 -13.29 12.96 16.38
N GLN H 179 -11.99 13.12 16.64
CA GLN H 179 -11.57 13.93 17.78
C GLN H 179 -11.95 15.38 17.60
N LEU H 180 -11.87 15.89 16.37
CA LEU H 180 -12.25 17.27 16.12
C LEU H 180 -13.76 17.47 16.29
N LYS H 181 -14.56 16.50 15.82
CA LYS H 181 -16.00 16.61 15.98
C LYS H 181 -16.40 16.61 17.46
N ASP H 182 -15.70 15.83 18.28
CA ASP H 182 -16.00 15.82 19.71
C ASP H 182 -15.65 17.15 20.36
N GLU H 183 -14.52 17.75 19.98
CA GLU H 183 -14.15 19.05 20.53
C GLU H 183 -15.11 20.14 20.07
N ILE H 184 -15.57 20.05 18.83
CA ILE H 184 -16.51 21.05 18.32
C ILE H 184 -17.85 20.96 19.05
N ARG H 185 -18.29 19.73 19.35
CA ARG H 185 -19.56 19.56 20.06
C ARG H 185 -19.48 20.13 21.46
N ASN H 186 -18.36 19.92 22.15
CA ASN H 186 -18.21 20.45 23.51
C ASN H 186 -18.21 21.97 23.52
N ILE H 187 -17.81 22.60 22.42
CA ILE H 187 -17.82 24.05 22.34
C ILE H 187 -19.22 24.56 21.99
N ILE H 188 -19.92 23.85 21.10
CA ILE H 188 -21.24 24.28 20.66
C ILE H 188 -22.26 24.11 21.78
N GLU H 189 -22.21 22.98 22.49
CA GLU H 189 -23.12 22.69 23.60
C GLU H 189 -24.57 22.70 23.13
N GLU H 190 -24.81 22.24 21.91
CA GLU H 190 -26.14 22.13 21.33
C GLU H 190 -26.87 23.47 21.29
N GLU H 191 -26.12 24.57 21.22
CA GLU H 191 -26.68 25.89 21.05
C GLU H 191 -26.66 26.37 19.60
N PHE H 192 -26.03 25.62 18.71
CA PHE H 192 -25.98 25.93 17.29
C PHE H 192 -26.18 24.65 16.50
N ASN H 193 -26.68 24.82 15.27
N ASN H 193 -26.66 24.82 15.27
CA ASN H 193 -26.77 23.72 14.33
CA ASN H 193 -26.77 23.70 14.33
C ASN H 193 -25.44 23.58 13.59
C ASN H 193 -25.45 23.58 13.57
N VAL H 194 -24.87 22.38 13.60
CA VAL H 194 -23.56 22.13 13.00
C VAL H 194 -23.70 21.10 11.90
N SER H 195 -23.06 21.37 10.77
CA SER H 195 -22.91 20.42 9.68
C SER H 195 -21.43 20.23 9.38
N TYR H 196 -21.07 19.02 8.94
CA TYR H 196 -19.68 18.68 8.67
C TYR H 196 -19.54 18.22 7.22
N SER H 197 -18.41 18.57 6.61
CA SER H 197 -18.11 18.15 5.24
C SER H 197 -16.61 18.02 5.07
N ASN H 198 -16.21 17.01 4.30
CA ASN H 198 -14.82 16.86 3.88
C ASN H 198 -14.67 17.51 2.51
N THR H 199 -13.75 18.47 2.40
CA THR H 199 -13.58 19.26 1.19
C THR H 199 -12.14 19.24 0.73
N THR H 200 -11.95 19.41 -0.57
CA THR H 200 -10.63 19.52 -1.17
C THR H 200 -10.77 20.16 -2.55
N ILE H 201 -9.79 20.96 -2.94
CA ILE H 201 -9.81 21.59 -4.25
C ILE H 201 -9.54 20.60 -5.37
N TYR H 202 -9.09 19.39 -5.05
CA TYR H 202 -8.91 18.33 -6.04
C TYR H 202 -10.18 17.51 -6.26
N ASP H 203 -11.30 17.94 -5.69
CA ASP H 203 -12.60 17.29 -5.89
C ASP H 203 -13.64 18.41 -5.85
N LEU H 204 -13.98 18.92 -7.04
CA LEU H 204 -14.88 20.07 -7.13
C LEU H 204 -16.23 19.78 -6.50
N TRP H 205 -16.72 18.55 -6.65
CA TRP H 205 -18.03 18.20 -6.11
C TRP H 205 -18.08 18.33 -4.59
N SER H 206 -16.96 18.05 -3.91
CA SER H 206 -16.95 18.15 -2.45
C SER H 206 -17.19 19.59 -2.01
N ILE H 207 -16.70 20.57 -2.78
CA ILE H 207 -16.90 21.97 -2.44
C ILE H 207 -18.26 22.46 -2.91
N ILE H 208 -18.64 22.10 -4.14
CA ILE H 208 -19.89 22.60 -4.71
C ILE H 208 -21.09 22.09 -3.92
N SER H 209 -21.12 20.79 -3.64
CA SER H 209 -22.28 20.20 -2.95
C SER H 209 -22.38 20.70 -1.52
N SER H 210 -21.25 20.88 -0.84
CA SER H 210 -21.27 21.40 0.52
C SER H 210 -21.80 22.82 0.55
N PHE H 211 -21.30 23.68 -0.35
CA PHE H 211 -21.80 25.05 -0.43
C PHE H 211 -23.25 25.07 -0.91
N SER H 212 -23.62 24.14 -1.79
CA SER H 212 -25.02 24.05 -2.22
C SER H 212 -25.92 23.67 -1.05
N ASP H 213 -25.56 22.59 -0.35
CA ASP H 213 -26.35 22.15 0.81
C ASP H 213 -26.45 23.25 1.85
N LEU H 214 -25.39 24.03 2.01
CA LEU H 214 -25.38 25.16 2.94
C LEU H 214 -26.43 26.19 2.55
N LEU H 215 -26.49 26.54 1.27
CA LEU H 215 -27.47 27.53 0.81
C LEU H 215 -28.89 27.01 0.92
N LEU H 216 -29.09 25.70 0.76
CA LEU H 216 -30.44 25.13 0.87
C LEU H 216 -30.94 25.11 2.31
N LYS H 217 -30.04 25.18 3.30
CA LYS H 217 -30.49 25.31 4.68
C LYS H 217 -30.94 26.72 5.00
N ILE H 218 -30.31 27.73 4.40
CA ILE H 218 -30.79 29.09 4.54
C ILE H 218 -32.14 29.25 3.87
N PHE H 219 -32.29 28.70 2.67
CA PHE H 219 -33.54 28.76 1.89
C PHE H 219 -34.04 27.33 1.71
N PRO H 220 -34.86 26.82 2.61
CA PRO H 220 -35.35 25.45 2.50
C PRO H 220 -36.22 25.28 1.26
N GLN H 221 -36.03 24.14 0.57
CA GLN H 221 -36.85 23.79 -0.57
C GLN H 221 -38.11 23.07 -0.14
N SER H 222 -39.03 22.92 -1.08
CA SER H 222 -40.21 22.09 -0.85
C SER H 222 -39.85 20.62 -1.03
N GLU H 223 -40.51 19.75 -0.27
CA GLU H 223 -40.29 18.32 -0.42
C GLU H 223 -40.71 17.82 -1.79
N LEU H 224 -41.59 18.55 -2.48
CA LEU H 224 -42.05 18.14 -3.80
C LEU H 224 -40.93 18.14 -4.84
N LEU H 225 -39.85 18.91 -4.60
CA LEU H 225 -38.77 18.94 -5.56
C LEU H 225 -38.08 17.58 -5.66
N ASP H 226 -37.79 16.96 -4.52
CA ASP H 226 -37.18 15.63 -4.55
C ASP H 226 -38.13 14.59 -5.10
N LYS H 227 -39.41 14.66 -4.73
CA LYS H 227 -40.39 13.70 -5.24
C LYS H 227 -40.58 13.88 -6.74
N THR H 228 -40.49 15.12 -7.24
CA THR H 228 -40.63 15.36 -8.67
C THR H 228 -39.46 14.78 -9.44
N ILE H 229 -38.23 15.02 -8.95
CA ILE H 229 -37.05 14.48 -9.61
C ILE H 229 -37.02 12.97 -9.49
N GLN H 230 -37.48 12.43 -8.37
CA GLN H 230 -37.50 10.98 -8.18
C GLN H 230 -38.54 10.33 -9.10
N GLU H 231 -39.74 10.89 -9.16
CA GLU H 231 -40.80 10.30 -9.98
C GLU H 231 -40.47 10.37 -11.46
N PHE H 232 -39.88 11.48 -11.90
CA PHE H 232 -39.45 11.59 -13.29
C PHE H 232 -38.38 10.55 -13.61
N ALA H 233 -37.47 10.29 -12.66
CA ALA H 233 -36.45 9.27 -12.86
C ALA H 233 -37.07 7.87 -12.91
N GLU H 234 -38.16 7.65 -12.19
CA GLU H 234 -38.82 6.35 -12.20
C GLU H 234 -39.75 6.17 -13.40
N SER H 235 -40.25 7.27 -13.98
CA SER H 235 -41.04 7.18 -15.19
C SER H 235 -40.20 6.84 -16.42
N LEU H 236 -38.87 6.86 -16.30
CA LEU H 236 -37.97 6.48 -17.37
C LEU H 236 -37.47 5.05 -17.23
N ASP H 237 -37.98 4.31 -16.25
CA ASP H 237 -37.59 2.92 -15.97
C ASP H 237 -36.09 2.90 -15.68
N SER H 238 -35.35 1.91 -16.17
CA SER H 238 -33.91 1.85 -15.95
C SER H 238 -33.14 2.88 -16.78
N ASN H 239 -33.82 3.59 -17.68
CA ASN H 239 -33.16 4.53 -18.59
C ASN H 239 -33.04 5.92 -17.95
N CYS H 240 -32.51 5.97 -16.74
CA CYS H 240 -32.24 7.25 -16.07
C CYS H 240 -31.25 6.98 -14.94
N ASN H 241 -29.98 7.28 -15.18
CA ASN H 241 -28.94 7.01 -14.19
C ASN H 241 -28.79 8.14 -13.17
N ALA H 242 -28.84 9.39 -13.62
CA ALA H 242 -28.61 10.51 -12.71
C ALA H 242 -29.19 11.78 -13.31
N ILE H 243 -29.51 12.73 -12.43
CA ILE H 243 -30.07 14.02 -12.81
C ILE H 243 -29.45 15.09 -11.92
N LEU H 244 -29.11 16.23 -12.52
CA LEU H 244 -28.64 17.40 -11.79
C LEU H 244 -29.38 18.64 -12.28
N VAL H 245 -29.79 19.49 -11.35
CA VAL H 245 -30.40 20.78 -11.65
C VAL H 245 -29.51 21.85 -11.03
N LEU H 246 -28.88 22.67 -11.87
CA LEU H 246 -27.92 23.66 -11.43
C LEU H 246 -28.42 25.07 -11.72
N ASP H 247 -27.90 26.04 -10.98
CA ASP H 247 -28.20 27.44 -11.23
C ASP H 247 -27.04 28.07 -12.00
N SER H 248 -27.10 29.40 -12.16
CA SER H 248 -26.05 30.10 -12.91
C SER H 248 -24.70 30.06 -12.21
N ASN H 249 -24.67 29.86 -10.89
CA ASN H 249 -23.42 29.71 -10.16
C ASN H 249 -22.87 28.29 -10.21
N SER H 250 -23.49 27.41 -11.00
CA SER H 250 -23.16 25.98 -11.05
C SER H 250 -23.40 25.28 -9.73
N LEU H 251 -24.25 25.84 -8.88
CA LEU H 251 -24.60 25.22 -7.60
C LEU H 251 -25.77 24.28 -7.79
N VAL H 252 -25.84 23.26 -6.93
CA VAL H 252 -26.82 22.19 -7.08
C VAL H 252 -28.12 22.60 -6.41
N ILE H 253 -29.21 22.59 -7.18
CA ILE H 253 -30.54 22.84 -6.64
C ILE H 253 -31.30 21.54 -6.41
N GLY H 254 -31.18 20.59 -7.34
CA GLY H 254 -31.74 19.27 -7.15
C GLY H 254 -30.81 18.22 -7.71
N GLN H 255 -31.01 16.98 -7.28
CA GLN H 255 -30.14 15.91 -7.71
C GLN H 255 -30.82 14.56 -7.51
N PHE H 256 -30.41 13.59 -8.33
CA PHE H 256 -30.84 12.21 -8.21
C PHE H 256 -29.72 11.33 -8.75
N PHE H 257 -29.47 10.21 -8.06
CA PHE H 257 -28.46 9.25 -8.50
C PHE H 257 -28.99 7.85 -8.29
N GLU H 258 -28.91 7.03 -9.35
CA GLU H 258 -29.37 5.65 -9.25
C GLU H 258 -28.46 4.83 -8.34
N ASN H 259 -27.15 5.01 -8.45
CA ASN H 259 -26.19 4.31 -7.61
C ASN H 259 -24.93 5.18 -7.51
N GLU H 260 -23.93 4.65 -6.80
CA GLU H 260 -22.70 5.41 -6.58
C GLU H 260 -21.94 5.63 -7.89
N GLU H 261 -21.97 4.65 -8.79
CA GLU H 261 -21.24 4.80 -10.04
C GLU H 261 -21.87 5.84 -10.94
N SER H 262 -23.22 5.89 -10.99
CA SER H 262 -23.89 6.92 -11.77
C SER H 262 -23.59 8.31 -11.22
N LYS H 263 -23.49 8.42 -9.89
CA LYS H 263 -23.16 9.70 -9.28
C LYS H 263 -21.78 10.18 -9.67
N GLN H 264 -20.80 9.27 -9.71
CA GLN H 264 -19.43 9.66 -10.04
C GLN H 264 -19.32 10.10 -11.50
N ILE H 265 -20.03 9.44 -12.40
CA ILE H 265 -19.91 9.76 -13.83
C ILE H 265 -20.47 11.14 -14.12
N LEU H 266 -21.68 11.42 -13.62
CA LEU H 266 -22.32 12.69 -13.94
C LEU H 266 -21.63 13.87 -13.25
N THR H 267 -21.31 13.73 -11.97
CA THR H 267 -20.71 14.85 -11.23
C THR H 267 -19.35 15.21 -11.79
N LYS H 268 -18.58 14.23 -12.27
CA LYS H 268 -17.27 14.55 -12.83
C LYS H 268 -17.36 15.07 -14.25
N SER H 269 -18.37 14.65 -15.01
CA SER H 269 -18.50 15.08 -16.40
C SER H 269 -19.23 16.41 -16.55
N THR H 270 -20.09 16.75 -15.59
CA THR H 270 -20.90 17.97 -15.72
C THR H 270 -20.08 19.25 -15.85
N PRO H 271 -19.02 19.48 -15.05
CA PRO H 271 -18.28 20.76 -15.21
C PRO H 271 -17.79 21.00 -16.63
N TYR H 272 -17.36 19.96 -17.32
CA TYR H 272 -16.86 20.13 -18.68
C TYR H 272 -18.00 20.33 -19.67
N PHE H 273 -19.15 19.68 -19.45
CA PHE H 273 -20.32 19.97 -20.25
C PHE H 273 -20.83 21.38 -19.98
N LEU H 274 -20.71 21.85 -18.73
CA LEU H 274 -21.05 23.24 -18.44
C LEU H 274 -20.13 24.19 -19.18
N THR H 275 -18.82 23.93 -19.13
CA THR H 275 -17.87 24.79 -19.83
C THR H 275 -18.15 24.84 -21.32
N LEU H 276 -18.44 23.68 -21.92
CA LEU H 276 -18.79 23.64 -23.34
C LEU H 276 -20.06 24.44 -23.61
N ASN H 277 -21.12 24.17 -22.85
CA ASN H 277 -22.38 24.86 -23.05
C ASN H 277 -22.23 26.37 -22.89
N ASP H 278 -21.51 26.81 -21.86
CA ASP H 278 -21.34 28.24 -21.64
C ASP H 278 -20.45 28.86 -22.70
N SER H 279 -19.44 28.14 -23.14
CA SER H 279 -18.53 28.66 -24.14
C SER H 279 -19.16 28.72 -25.52
N LEU H 280 -20.23 27.96 -25.76
CA LEU H 280 -20.92 28.08 -27.03
C LEU H 280 -22.10 29.02 -26.86
N SER H 289 -30.34 23.69 -26.15
CA SER H 289 -30.37 22.31 -25.73
C SER H 289 -29.36 21.46 -26.46
N MET H 290 -28.86 20.42 -25.80
CA MET H 290 -27.88 19.55 -26.39
C MET H 290 -27.99 18.10 -25.97
N ILE H 291 -27.53 17.21 -26.84
CA ILE H 291 -27.49 15.79 -26.53
C ILE H 291 -26.08 15.33 -26.81
N ILE H 292 -25.47 14.68 -25.84
CA ILE H 292 -24.11 14.21 -25.98
C ILE H 292 -23.99 12.75 -25.65
N GLU H 293 -23.40 12.00 -26.55
CA GLU H 293 -23.17 10.58 -26.37
C GLU H 293 -21.67 10.33 -26.25
N ARG H 294 -21.28 9.54 -25.25
CA ARG H 294 -19.88 9.20 -25.04
C ARG H 294 -19.81 7.95 -24.18
N GLY H 295 -19.00 6.99 -24.60
CA GLY H 295 -18.92 5.74 -23.87
C GLY H 295 -20.25 5.00 -23.95
N ASN H 296 -20.76 4.62 -22.79
CA ASN H 296 -22.02 3.89 -22.69
C ASN H 296 -23.14 4.74 -22.09
N LYS H 297 -23.04 6.06 -22.22
CA LYS H 297 -24.00 6.97 -21.63
C LYS H 297 -24.46 7.99 -22.66
N ARG H 298 -25.65 8.54 -22.43
CA ARG H 298 -26.23 9.60 -23.24
C ARG H 298 -26.66 10.73 -22.33
N PHE H 299 -26.22 11.95 -22.63
CA PHE H 299 -26.43 13.11 -21.78
C PHE H 299 -27.36 14.10 -22.46
N PHE H 300 -28.40 14.52 -21.73
CA PHE H 300 -29.34 15.54 -22.20
C PHE H 300 -29.15 16.80 -21.35
N THR H 301 -28.92 17.93 -22.00
CA THR H 301 -28.77 19.19 -21.31
C THR H 301 -29.83 20.17 -21.78
N ASP H 302 -30.26 21.03 -20.87
CA ASP H 302 -31.33 21.99 -21.14
C ASP H 302 -31.16 23.19 -20.23
N GLN H 303 -31.61 24.35 -20.72
CA GLN H 303 -31.64 25.58 -19.95
C GLN H 303 -33.08 26.05 -19.80
N PHE H 304 -33.46 26.40 -18.58
CA PHE H 304 -34.80 26.89 -18.30
C PHE H 304 -34.72 27.99 -17.24
N ARG H 305 -35.65 28.93 -17.33
CA ARG H 305 -35.72 30.04 -16.40
C ARG H 305 -36.86 29.83 -15.40
N ILE H 306 -36.73 30.49 -14.25
CA ILE H 306 -37.80 30.57 -13.28
C ILE H 306 -38.08 32.05 -13.02
N LYS H 307 -39.25 32.33 -12.44
CA LYS H 307 -39.74 33.70 -12.40
C LYS H 307 -38.86 34.59 -11.52
N ARG H 308 -38.46 34.11 -10.34
CA ARG H 308 -37.79 34.95 -9.36
C ARG H 308 -36.28 35.03 -9.55
N ALA H 309 -35.71 34.26 -10.48
CA ALA H 309 -34.27 34.24 -10.69
C ALA H 309 -33.89 35.03 -11.94
N SER H 310 -32.70 35.65 -11.89
CA SER H 310 -32.25 36.48 -12.99
C SER H 310 -31.79 35.63 -14.17
N GLU H 311 -30.90 34.68 -13.92
CA GLU H 311 -30.26 33.89 -14.95
C GLU H 311 -30.89 32.51 -15.05
N PRO H 312 -30.76 31.85 -16.20
CA PRO H 312 -31.38 30.53 -16.36
C PRO H 312 -30.74 29.48 -15.48
N LEU H 313 -31.45 28.38 -15.31
CA LEU H 313 -30.95 27.20 -14.63
C LEU H 313 -30.51 26.15 -15.66
N PHE H 314 -29.79 25.14 -15.19
CA PHE H 314 -29.19 24.13 -16.04
C PHE H 314 -29.66 22.75 -15.60
N LEU H 315 -30.23 22.00 -16.53
CA LEU H 315 -30.71 20.64 -16.29
C LEU H 315 -29.90 19.67 -17.14
N ILE H 316 -29.34 18.64 -16.51
CA ILE H 316 -28.62 17.60 -17.22
C ILE H 316 -29.13 16.24 -16.75
N ILE H 317 -29.49 15.38 -17.70
CA ILE H 317 -30.00 14.05 -17.44
C ILE H 317 -29.06 13.05 -18.11
N MET H 318 -28.69 12.00 -17.39
CA MET H 318 -27.82 10.96 -17.91
C MET H 318 -28.59 9.65 -17.99
N THR H 319 -28.59 9.04 -19.17
CA THR H 319 -29.23 7.75 -19.43
C THR H 319 -28.21 6.82 -20.08
N PRO H 320 -28.42 5.52 -19.99
CA PRO H 320 -27.55 4.58 -20.72
C PRO H 320 -27.65 4.82 -22.22
N LYS H 321 -26.53 4.62 -22.92
CA LYS H 321 -26.53 4.76 -24.36
C LYS H 321 -27.43 3.71 -25.02
N ARG H 322 -27.44 2.50 -24.47
CA ARG H 322 -28.29 1.44 -25.02
C ARG H 322 -29.78 1.75 -24.86
N GLY H 323 -30.13 2.62 -23.92
CA GLY H 323 -31.52 2.99 -23.73
C GLY H 323 -32.05 3.86 -24.85
N GLU H 324 -33.37 4.04 -24.83
CA GLU H 324 -34.04 4.82 -25.85
C GLU H 324 -33.80 6.32 -25.62
N HIS H 325 -33.93 7.10 -26.69
CA HIS H 325 -33.83 8.54 -26.59
C HIS H 325 -35.01 9.10 -25.81
N LEU H 326 -34.73 9.94 -24.83
CA LEU H 326 -35.79 10.57 -24.05
C LEU H 326 -36.63 11.47 -24.93
N LEU H 327 -37.94 11.29 -24.88
CA LEU H 327 -38.84 12.11 -25.69
C LEU H 327 -38.74 13.57 -25.27
N ARG H 328 -38.76 14.46 -26.26
CA ARG H 328 -38.66 15.90 -25.98
C ARG H 328 -39.84 16.39 -25.16
N GLU H 329 -41.02 15.78 -25.35
CA GLU H 329 -42.19 16.19 -24.59
C GLU H 329 -42.06 15.83 -23.12
N LYS H 330 -41.38 14.73 -22.80
CA LYS H 330 -41.19 14.36 -21.40
C LYS H 330 -40.28 15.34 -20.69
N ILE H 331 -39.20 15.76 -21.35
CA ILE H 331 -38.28 16.73 -20.75
C ILE H 331 -38.99 18.06 -20.56
N ASP H 332 -39.81 18.47 -21.54
CA ASP H 332 -40.50 19.74 -21.43
C ASP H 332 -41.54 19.72 -20.30
N SER H 333 -42.23 18.59 -20.12
CA SER H 333 -43.19 18.49 -19.03
C SER H 333 -42.50 18.47 -17.67
N PHE H 334 -41.32 17.86 -17.59
CA PHE H 334 -40.58 17.88 -16.34
C PHE H 334 -40.08 19.27 -16.01
N ILE H 335 -39.71 20.05 -17.04
CA ILE H 335 -39.27 21.42 -16.83
C ILE H 335 -40.42 22.28 -16.30
N THR H 336 -41.61 22.13 -16.89
CA THR H 336 -42.76 22.90 -16.42
C THR H 336 -43.04 22.63 -14.95
N LEU H 337 -42.87 21.39 -14.50
CA LEU H 337 -43.03 21.08 -13.09
C LEU H 337 -41.98 21.80 -12.24
N LEU H 338 -40.71 21.75 -12.66
CA LEU H 338 -39.66 22.41 -11.90
C LEU H 338 -39.86 23.92 -11.85
N GLN H 339 -40.41 24.50 -12.92
CA GLN H 339 -40.63 25.94 -12.95
C GLN H 339 -41.69 26.39 -11.95
N GLY H 340 -42.55 25.49 -11.49
CA GLY H 340 -43.56 25.85 -10.52
C GLY H 340 -43.21 25.43 -9.11
N ILE H 341 -42.17 24.63 -8.97
CA ILE H 341 -41.76 24.10 -7.67
C ILE H 341 -40.53 24.81 -7.14
N ILE H 342 -39.53 25.06 -7.99
CA ILE H 342 -38.31 25.71 -7.57
C ILE H 342 -38.59 27.16 -7.17
#